data_3MGW
# 
_entry.id   3MGW 
# 
_audit_conform.dict_name       mmcif_pdbx.dic 
_audit_conform.dict_version    5.380 
_audit_conform.dict_location   http://mmcif.pdb.org/dictionaries/ascii/mmcif_pdbx.dic 
# 
loop_
_database_2.database_id 
_database_2.database_code 
_database_2.pdbx_database_accession 
_database_2.pdbx_DOI 
PDB   3MGW         pdb_00003mgw 10.2210/pdb3mgw/pdb 
RCSB  RCSB058530   ?            ?                   
WWPDB D_1000058530 ?            ?                   
# 
_pdbx_database_status.status_code                     REL 
_pdbx_database_status.entry_id                        3MGW 
_pdbx_database_status.recvd_initial_deposition_date   2010-04-07 
_pdbx_database_status.deposit_site                    RCSB 
_pdbx_database_status.process_site                    PDBJ 
_pdbx_database_status.status_code_sf                  REL 
_pdbx_database_status.status_code_mr                  ? 
_pdbx_database_status.SG_entry                        ? 
_pdbx_database_status.status_code_cs                  ? 
_pdbx_database_status.pdb_format_compatible           Y 
_pdbx_database_status.methods_development_category    ? 
_pdbx_database_status.status_code_nmr_data            ? 
# 
loop_
_audit_author.name 
_audit_author.pdbx_ordinal 
'Kyomuhendo, P.'  1 
'Myrnes, B.'      2 
'Brandsdal, B.O.' 3 
'Smalas, A.O.'    4 
'Nilsen, I.W.'    5 
'Helland, R.'     6 
# 
_citation.id                        primary 
_citation.title                     'Thermodynamics and structure of a salmon cold active goose-type lysozyme' 
_citation.journal_abbrev            'Comp.Biochem.Physiol. B: Biochem.Mol.Biol.' 
_citation.journal_volume            156 
_citation.page_first                254 
_citation.page_last                 263 
_citation.year                      2010 
_citation.journal_id_ASTM           CBPBB8 
_citation.country                   UK 
_citation.journal_id_ISSN           0305-0491 
_citation.journal_id_CSD            2026 
_citation.book_publisher            ? 
_citation.pdbx_database_id_PubMed   20398783 
_citation.pdbx_database_id_DOI      10.1016/j.cbpb.2010.04.002 
# 
loop_
_citation_author.citation_id 
_citation_author.name 
_citation_author.ordinal 
_citation_author.identifier_ORCID 
primary 'Kyomuhendo, P.'  1 ? 
primary 'Myrnes, B.'      2 ? 
primary 'Brandsdal, B.O.' 3 ? 
primary 'Smalas, A.O.'    4 ? 
primary 'Nilsen, I.W.'    5 ? 
primary 'Helland, R.'     6 ? 
# 
_cell.entry_id           3MGW 
_cell.length_a           103.15 
_cell.length_b           103.15 
_cell.length_c           48.67 
_cell.angle_alpha        90.00 
_cell.angle_beta         90.00 
_cell.angle_gamma        120.00 
_cell.Z_PDB              9 
_cell.pdbx_unique_axis   ? 
_cell.length_a_esd       ? 
_cell.length_b_esd       ? 
_cell.length_c_esd       ? 
_cell.angle_alpha_esd    ? 
_cell.angle_beta_esd     ? 
_cell.angle_gamma_esd    ? 
# 
_symmetry.entry_id                         3MGW 
_symmetry.space_group_name_H-M             'H 3' 
_symmetry.pdbx_full_space_group_name_H-M   ? 
_symmetry.cell_setting                     ? 
_symmetry.Int_Tables_number                146 
_symmetry.space_group_name_Hall            ? 
# 
loop_
_entity.id 
_entity.type 
_entity.src_method 
_entity.pdbx_description 
_entity.formula_weight 
_entity.pdbx_number_of_molecules 
_entity.pdbx_ec 
_entity.pdbx_mutation 
_entity.pdbx_fragment 
_entity.details 
1 polymer     man 'Lysozyme g'      20272.795 1   3.2.1.17 ? 'g-type lysozyme, UNP residues 22-200' ? 
2 non-polymer syn 'COBALT (II) ION' 58.933    1   ?        ? ?                                      ? 
3 non-polymer syn 'SULFATE ION'     96.063    1   ?        ? ?                                      ? 
4 water       nat water             18.015    148 ?        ? ?                                      ? 
# 
_entity_name_com.entity_id   1 
_entity_name_com.name        'Goose-type lysozyme' 
# 
_entity_poly.entity_id                      1 
_entity_poly.type                           'polypeptide(L)' 
_entity_poly.nstd_linkage                   no 
_entity_poly.nstd_monomer                   no 
_entity_poly.pdbx_seq_one_letter_code       
;HHDITKVDTSGASEITARQDKLTLQGVDASHKLAEHDLVRMNKYKELITRVGQKHGLDPAIIAGIISRESRAGSALDHGW
GDHGKGFGLMQVDKRYHKIVGAWDSEKHISQGTEILIEFIRRIQAKFPVWPKEHQLKGGISAYNAGDKNVRTYERMDVGT
TGGDYSNDVVARSQWFKSQGY
;
_entity_poly.pdbx_seq_one_letter_code_can   
;HHDITKVDTSGASEITARQDKLTLQGVDASHKLAEHDLVRMNKYKELITRVGQKHGLDPAIIAGIISRESRAGSALDHGW
GDHGKGFGLMQVDKRYHKIVGAWDSEKHISQGTEILIEFIRRIQAKFPVWPKEHQLKGGISAYNAGDKNVRTYERMDVGT
TGGDYSNDVVARSQWFKSQGY
;
_entity_poly.pdbx_strand_id                 A 
_entity_poly.pdbx_target_identifier         ? 
# 
loop_
_entity_poly_seq.entity_id 
_entity_poly_seq.num 
_entity_poly_seq.mon_id 
_entity_poly_seq.hetero 
1 1   HIS n 
1 2   HIS n 
1 3   ASP n 
1 4   ILE n 
1 5   THR n 
1 6   LYS n 
1 7   VAL n 
1 8   ASP n 
1 9   THR n 
1 10  SER n 
1 11  GLY n 
1 12  ALA n 
1 13  SER n 
1 14  GLU n 
1 15  ILE n 
1 16  THR n 
1 17  ALA n 
1 18  ARG n 
1 19  GLN n 
1 20  ASP n 
1 21  LYS n 
1 22  LEU n 
1 23  THR n 
1 24  LEU n 
1 25  GLN n 
1 26  GLY n 
1 27  VAL n 
1 28  ASP n 
1 29  ALA n 
1 30  SER n 
1 31  HIS n 
1 32  LYS n 
1 33  LEU n 
1 34  ALA n 
1 35  GLU n 
1 36  HIS n 
1 37  ASP n 
1 38  LEU n 
1 39  VAL n 
1 40  ARG n 
1 41  MET n 
1 42  ASN n 
1 43  LYS n 
1 44  TYR n 
1 45  LYS n 
1 46  GLU n 
1 47  LEU n 
1 48  ILE n 
1 49  THR n 
1 50  ARG n 
1 51  VAL n 
1 52  GLY n 
1 53  GLN n 
1 54  LYS n 
1 55  HIS n 
1 56  GLY n 
1 57  LEU n 
1 58  ASP n 
1 59  PRO n 
1 60  ALA n 
1 61  ILE n 
1 62  ILE n 
1 63  ALA n 
1 64  GLY n 
1 65  ILE n 
1 66  ILE n 
1 67  SER n 
1 68  ARG n 
1 69  GLU n 
1 70  SER n 
1 71  ARG n 
1 72  ALA n 
1 73  GLY n 
1 74  SER n 
1 75  ALA n 
1 76  LEU n 
1 77  ASP n 
1 78  HIS n 
1 79  GLY n 
1 80  TRP n 
1 81  GLY n 
1 82  ASP n 
1 83  HIS n 
1 84  GLY n 
1 85  LYS n 
1 86  GLY n 
1 87  PHE n 
1 88  GLY n 
1 89  LEU n 
1 90  MET n 
1 91  GLN n 
1 92  VAL n 
1 93  ASP n 
1 94  LYS n 
1 95  ARG n 
1 96  TYR n 
1 97  HIS n 
1 98  LYS n 
1 99  ILE n 
1 100 VAL n 
1 101 GLY n 
1 102 ALA n 
1 103 TRP n 
1 104 ASP n 
1 105 SER n 
1 106 GLU n 
1 107 LYS n 
1 108 HIS n 
1 109 ILE n 
1 110 SER n 
1 111 GLN n 
1 112 GLY n 
1 113 THR n 
1 114 GLU n 
1 115 ILE n 
1 116 LEU n 
1 117 ILE n 
1 118 GLU n 
1 119 PHE n 
1 120 ILE n 
1 121 ARG n 
1 122 ARG n 
1 123 ILE n 
1 124 GLN n 
1 125 ALA n 
1 126 LYS n 
1 127 PHE n 
1 128 PRO n 
1 129 VAL n 
1 130 TRP n 
1 131 PRO n 
1 132 LYS n 
1 133 GLU n 
1 134 HIS n 
1 135 GLN n 
1 136 LEU n 
1 137 LYS n 
1 138 GLY n 
1 139 GLY n 
1 140 ILE n 
1 141 SER n 
1 142 ALA n 
1 143 TYR n 
1 144 ASN n 
1 145 ALA n 
1 146 GLY n 
1 147 ASP n 
1 148 LYS n 
1 149 ASN n 
1 150 VAL n 
1 151 ARG n 
1 152 THR n 
1 153 TYR n 
1 154 GLU n 
1 155 ARG n 
1 156 MET n 
1 157 ASP n 
1 158 VAL n 
1 159 GLY n 
1 160 THR n 
1 161 THR n 
1 162 GLY n 
1 163 GLY n 
1 164 ASP n 
1 165 TYR n 
1 166 SER n 
1 167 ASN n 
1 168 ASP n 
1 169 VAL n 
1 170 VAL n 
1 171 ALA n 
1 172 ARG n 
1 173 SER n 
1 174 GLN n 
1 175 TRP n 
1 176 PHE n 
1 177 LYS n 
1 178 SER n 
1 179 GLN n 
1 180 GLY n 
1 181 TYR n 
# 
_entity_src_gen.entity_id                          1 
_entity_src_gen.pdbx_src_id                        1 
_entity_src_gen.pdbx_alt_source_flag               sample 
_entity_src_gen.pdbx_seq_type                      ? 
_entity_src_gen.pdbx_beg_seq_num                   ? 
_entity_src_gen.pdbx_end_seq_num                   ? 
_entity_src_gen.gene_src_common_name               'Atlantic salmon' 
_entity_src_gen.gene_src_genus                     ? 
_entity_src_gen.pdbx_gene_src_gene                 'lysG, LYG' 
_entity_src_gen.gene_src_species                   ? 
_entity_src_gen.gene_src_strain                    ? 
_entity_src_gen.gene_src_tissue                    ? 
_entity_src_gen.gene_src_tissue_fraction           ? 
_entity_src_gen.gene_src_details                   ? 
_entity_src_gen.pdbx_gene_src_fragment             ? 
_entity_src_gen.pdbx_gene_src_scientific_name      'Salmo salar' 
_entity_src_gen.pdbx_gene_src_ncbi_taxonomy_id     8030 
_entity_src_gen.pdbx_gene_src_variant              ? 
_entity_src_gen.pdbx_gene_src_cell_line            ? 
_entity_src_gen.pdbx_gene_src_atcc                 ? 
_entity_src_gen.pdbx_gene_src_organ                ? 
_entity_src_gen.pdbx_gene_src_organelle            ? 
_entity_src_gen.pdbx_gene_src_cell                 ? 
_entity_src_gen.pdbx_gene_src_cellular_location    ? 
_entity_src_gen.host_org_common_name               ? 
_entity_src_gen.pdbx_host_org_scientific_name      'Escherichia coli' 
_entity_src_gen.pdbx_host_org_ncbi_taxonomy_id     562 
_entity_src_gen.host_org_genus                     ? 
_entity_src_gen.pdbx_host_org_gene                 ? 
_entity_src_gen.pdbx_host_org_organ                ? 
_entity_src_gen.host_org_species                   ? 
_entity_src_gen.pdbx_host_org_tissue               ? 
_entity_src_gen.pdbx_host_org_tissue_fraction      ? 
_entity_src_gen.pdbx_host_org_strain               'M15 (pREP4)' 
_entity_src_gen.pdbx_host_org_variant              ? 
_entity_src_gen.pdbx_host_org_cell_line            ? 
_entity_src_gen.pdbx_host_org_atcc                 ? 
_entity_src_gen.pdbx_host_org_culture_collection   ? 
_entity_src_gen.pdbx_host_org_cell                 ? 
_entity_src_gen.pdbx_host_org_organelle            ? 
_entity_src_gen.pdbx_host_org_cellular_location    ? 
_entity_src_gen.pdbx_host_org_vector_type          plasmid 
_entity_src_gen.pdbx_host_org_vector               ? 
_entity_src_gen.host_org_details                   ? 
_entity_src_gen.expression_system_id               ? 
_entity_src_gen.plasmid_name                       pQE-2 
_entity_src_gen.plasmid_details                    ? 
_entity_src_gen.pdbx_description                   ? 
# 
_struct_ref.id                         1 
_struct_ref.db_name                    UNP 
_struct_ref.db_code                    A6PZ97_SALSA 
_struct_ref.pdbx_db_accession          A6PZ97 
_struct_ref.entity_id                  1 
_struct_ref.pdbx_seq_one_letter_code   
;DITKVDTSGASEITARQDKLTLQGVDASHKLAEHDLVRMNKYKELITRVGQKHGLDPAIIAGIISRESRAGSALDHGWGD
HGKGFGLMQVDKRYHKIVGAWDSEKHISQGTEILIEFIRRIQAKFPAWPKEHQLKGGISAYNAGDKNVRTYERMDVGTTG
GDYSNDVVARSQWFKSQGY
;
_struct_ref.pdbx_align_begin           22 
_struct_ref.pdbx_db_isoform            ? 
# 
_struct_ref_seq.align_id                      1 
_struct_ref_seq.ref_id                        1 
_struct_ref_seq.pdbx_PDB_id_code              3MGW 
_struct_ref_seq.pdbx_strand_id                A 
_struct_ref_seq.seq_align_beg                 3 
_struct_ref_seq.pdbx_seq_align_beg_ins_code   ? 
_struct_ref_seq.seq_align_end                 181 
_struct_ref_seq.pdbx_seq_align_end_ins_code   ? 
_struct_ref_seq.pdbx_db_accession             A6PZ97 
_struct_ref_seq.db_align_beg                  22 
_struct_ref_seq.pdbx_db_align_beg_ins_code    ? 
_struct_ref_seq.db_align_end                  200 
_struct_ref_seq.pdbx_db_align_end_ins_code    ? 
_struct_ref_seq.pdbx_auth_seq_align_beg       7 
_struct_ref_seq.pdbx_auth_seq_align_end       185 
# 
loop_
_struct_ref_seq_dif.align_id 
_struct_ref_seq_dif.pdbx_pdb_id_code 
_struct_ref_seq_dif.mon_id 
_struct_ref_seq_dif.pdbx_pdb_strand_id 
_struct_ref_seq_dif.seq_num 
_struct_ref_seq_dif.pdbx_pdb_ins_code 
_struct_ref_seq_dif.pdbx_seq_db_name 
_struct_ref_seq_dif.pdbx_seq_db_accession_code 
_struct_ref_seq_dif.db_mon_id 
_struct_ref_seq_dif.pdbx_seq_db_seq_num 
_struct_ref_seq_dif.details 
_struct_ref_seq_dif.pdbx_auth_seq_num 
_struct_ref_seq_dif.pdbx_ordinal 
1 3MGW HIS A 1   ? UNP A6PZ97 ?   ?   'expression tag' 5   1 
1 3MGW HIS A 2   ? UNP A6PZ97 ?   ?   'expression tag' 6   2 
1 3MGW VAL A 129 ? UNP A6PZ97 ALA 148 'SEE REMARK 999' 133 3 
# 
loop_
_chem_comp.id 
_chem_comp.type 
_chem_comp.mon_nstd_flag 
_chem_comp.name 
_chem_comp.pdbx_synonyms 
_chem_comp.formula 
_chem_comp.formula_weight 
ALA 'L-peptide linking' y ALANINE           ? 'C3 H7 N O2'     89.093  
ARG 'L-peptide linking' y ARGININE          ? 'C6 H15 N4 O2 1' 175.209 
ASN 'L-peptide linking' y ASPARAGINE        ? 'C4 H8 N2 O3'    132.118 
ASP 'L-peptide linking' y 'ASPARTIC ACID'   ? 'C4 H7 N O4'     133.103 
CO  non-polymer         . 'COBALT (II) ION' ? 'Co 2'           58.933  
GLN 'L-peptide linking' y GLUTAMINE         ? 'C5 H10 N2 O3'   146.144 
GLU 'L-peptide linking' y 'GLUTAMIC ACID'   ? 'C5 H9 N O4'     147.129 
GLY 'peptide linking'   y GLYCINE           ? 'C2 H5 N O2'     75.067  
HIS 'L-peptide linking' y HISTIDINE         ? 'C6 H10 N3 O2 1' 156.162 
HOH non-polymer         . WATER             ? 'H2 O'           18.015  
ILE 'L-peptide linking' y ISOLEUCINE        ? 'C6 H13 N O2'    131.173 
LEU 'L-peptide linking' y LEUCINE           ? 'C6 H13 N O2'    131.173 
LYS 'L-peptide linking' y LYSINE            ? 'C6 H15 N2 O2 1' 147.195 
MET 'L-peptide linking' y METHIONINE        ? 'C5 H11 N O2 S'  149.211 
PHE 'L-peptide linking' y PHENYLALANINE     ? 'C9 H11 N O2'    165.189 
PRO 'L-peptide linking' y PROLINE           ? 'C5 H9 N O2'     115.130 
SER 'L-peptide linking' y SERINE            ? 'C3 H7 N O3'     105.093 
SO4 non-polymer         . 'SULFATE ION'     ? 'O4 S -2'        96.063  
THR 'L-peptide linking' y THREONINE         ? 'C4 H9 N O3'     119.119 
TRP 'L-peptide linking' y TRYPTOPHAN        ? 'C11 H12 N2 O2'  204.225 
TYR 'L-peptide linking' y TYROSINE          ? 'C9 H11 N O3'    181.189 
VAL 'L-peptide linking' y VALINE            ? 'C5 H11 N O2'    117.146 
# 
_exptl.entry_id          3MGW 
_exptl.method            'X-RAY DIFFRACTION' 
_exptl.crystals_number   1 
# 
_exptl_crystal.id                    1 
_exptl_crystal.density_meas          ? 
_exptl_crystal.density_Matthews      2.46 
_exptl_crystal.density_percent_sol   49.96 
_exptl_crystal.description           ? 
_exptl_crystal.F_000                 ? 
_exptl_crystal.preparation           ? 
# 
_exptl_crystal_grow.crystal_id      1 
_exptl_crystal_grow.method          'VAPOR DIFFUSION, HANGING DROP' 
_exptl_crystal_grow.temp            295 
_exptl_crystal_grow.temp_details    ? 
_exptl_crystal_grow.pH              ? 
_exptl_crystal_grow.pdbx_details    
'43-45 % ammonium sulphate, 0.01M cobalt chloride, 0.1M MES , pH 6.25-6.5, VAPOR DIFFUSION, HANGING DROP, temperature 295K' 
_exptl_crystal_grow.pdbx_pH_range   6.25-6.5 
# 
_diffrn.id                     1 
_diffrn.ambient_temp           100 
_diffrn.ambient_temp_details   ? 
_diffrn.crystal_id             1 
# 
_diffrn_detector.diffrn_id              1 
_diffrn_detector.detector               CCD 
_diffrn_detector.type                   'MARMOSAIC 225 mm CCD' 
_diffrn_detector.pdbx_collection_date   2007-12-04 
_diffrn_detector.details                ? 
# 
_diffrn_radiation.diffrn_id                        1 
_diffrn_radiation.wavelength_id                    1 
_diffrn_radiation.pdbx_monochromatic_or_laue_m_l   M 
_diffrn_radiation.monochromator                    crystal 
_diffrn_radiation.pdbx_diffrn_protocol             'SINGLE WAVELENGTH' 
_diffrn_radiation.pdbx_scattering_type             x-ray 
# 
_diffrn_radiation_wavelength.id           1 
_diffrn_radiation_wavelength.wavelength   0.91841 
_diffrn_radiation_wavelength.wt           1.0 
# 
_diffrn_source.diffrn_id                   1 
_diffrn_source.source                      SYNCHROTRON 
_diffrn_source.type                        'BESSY BEAMLINE 14.1' 
_diffrn_source.pdbx_synchrotron_site       BESSY 
_diffrn_source.pdbx_synchrotron_beamline   14.1 
_diffrn_source.pdbx_wavelength             ? 
_diffrn_source.pdbx_wavelength_list        0.91841 
# 
_reflns.entry_id                     3MGW 
_reflns.observed_criterion_sigma_I   2 
_reflns.observed_criterion_sigma_F   ? 
_reflns.d_resolution_low             42.76 
_reflns.d_resolution_high            1.75 
_reflns.number_obs                   19410 
_reflns.number_all                   19410 
_reflns.percent_possible_obs         99.6 
_reflns.pdbx_Rmerge_I_obs            0.088 
_reflns.pdbx_Rsym_value              0.088 
_reflns.pdbx_netI_over_sigmaI        11.3 
_reflns.B_iso_Wilson_estimate        20.38 
_reflns.pdbx_redundancy              3.6 
_reflns.R_free_details               ? 
_reflns.limit_h_max                  ? 
_reflns.limit_h_min                  ? 
_reflns.limit_k_max                  ? 
_reflns.limit_k_min                  ? 
_reflns.limit_l_max                  ? 
_reflns.limit_l_min                  ? 
_reflns.observed_criterion_F_max     ? 
_reflns.observed_criterion_F_min     ? 
_reflns.pdbx_chi_squared             ? 
_reflns.pdbx_scaling_rejects         ? 
_reflns.pdbx_ordinal                 1 
_reflns.pdbx_diffrn_id               1 
# 
_reflns_shell.d_res_high             1.75 
_reflns_shell.d_res_low              1.84 
_reflns_shell.percent_possible_all   99.9 
_reflns_shell.Rmerge_I_obs           0.49 
_reflns_shell.pdbx_Rsym_value        0.49 
_reflns_shell.meanI_over_sigI_obs    1.5 
_reflns_shell.pdbx_redundancy        3.6 
_reflns_shell.percent_possible_obs   ? 
_reflns_shell.number_unique_all      2840 
_reflns_shell.number_measured_all    ? 
_reflns_shell.number_measured_obs    ? 
_reflns_shell.number_unique_obs      ? 
_reflns_shell.pdbx_chi_squared       ? 
_reflns_shell.pdbx_ordinal           1 
_reflns_shell.pdbx_diffrn_id         1 
# 
_refine.entry_id                                 3MGW 
_refine.ls_number_reflns_obs                     18417 
_refine.ls_number_reflns_all                     ? 
_refine.pdbx_ls_sigma_I                          ? 
_refine.pdbx_ls_sigma_F                          ? 
_refine.pdbx_data_cutoff_high_absF               ? 
_refine.pdbx_data_cutoff_low_absF                ? 
_refine.pdbx_data_cutoff_high_rms_absF           ? 
_refine.ls_d_res_low                             42.76 
_refine.ls_d_res_high                            1.75 
_refine.ls_percent_reflns_obs                    99.64 
_refine.ls_R_factor_obs                          0.178 
_refine.ls_R_factor_all                          ? 
_refine.ls_R_factor_R_work                       0.176 
_refine.ls_R_factor_R_free                       0.215 
_refine.ls_R_factor_R_free_error                 ? 
_refine.ls_R_factor_R_free_error_details         ? 
_refine.ls_percent_reflns_R_free                 5.1 
_refine.ls_number_reflns_R_free                  989 
_refine.ls_number_parameters                     ? 
_refine.ls_number_restraints                     ? 
_refine.occupancy_min                            ? 
_refine.occupancy_max                            ? 
_refine.correlation_coeff_Fo_to_Fc               0.961 
_refine.correlation_coeff_Fo_to_Fc_free          0.941 
_refine.B_iso_mean                               24.55 
_refine.aniso_B[1][1]                            -0.23 
_refine.aniso_B[2][2]                            -0.23 
_refine.aniso_B[3][3]                            0.35 
_refine.aniso_B[1][2]                            -0.12 
_refine.aniso_B[1][3]                            0.00 
_refine.aniso_B[2][3]                            0.00 
_refine.solvent_model_details                    MASK 
_refine.solvent_model_param_ksol                 ? 
_refine.solvent_model_param_bsol                 ? 
_refine.pdbx_solvent_vdw_probe_radii             1.40 
_refine.pdbx_solvent_ion_probe_radii             0.80 
_refine.pdbx_solvent_shrinkage_radii             0.80 
_refine.pdbx_ls_cross_valid_method               THROUGHOUT 
_refine.details                                  
;1. HYDROGENS HAVE BEEN ADDED IN THE RIDING POSITIONS;   
2. The polypeptide is traced where electron density is observed, but density for residues 22-24 indicates disorder. There appears to be proteolytic cleavage after residue 21.
;
_refine.pdbx_starting_model                      'PDB ENTRY 153L' 
_refine.pdbx_method_to_determine_struct          'MOLECULAR REPLACEMENT' 
_refine.pdbx_isotropic_thermal_model             ? 
_refine.pdbx_stereochemistry_target_values       'MAXIMUM LIKELIHOOD' 
_refine.pdbx_stereochem_target_val_spec_case     ? 
_refine.pdbx_R_Free_selection_details            RANDOM 
_refine.pdbx_overall_ESU_R                       0.115 
_refine.pdbx_overall_ESU_R_Free                  0.113 
_refine.overall_SU_ML                            0.077 
_refine.overall_SU_B                             2.379 
_refine.ls_redundancy_reflns_obs                 ? 
_refine.B_iso_min                                ? 
_refine.B_iso_max                                ? 
_refine.overall_SU_R_Cruickshank_DPI             ? 
_refine.overall_SU_R_free                        ? 
_refine.ls_wR_factor_R_free                      ? 
_refine.ls_wR_factor_R_work                      ? 
_refine.overall_FOM_free_R_set                   ? 
_refine.overall_FOM_work_R_set                   ? 
_refine.pdbx_refine_id                           'X-RAY DIFFRACTION' 
_refine.pdbx_overall_phase_error                 ? 
_refine.pdbx_diffrn_id                           1 
_refine.pdbx_TLS_residual_ADP_flag               ? 
_refine.pdbx_overall_SU_R_free_Cruickshank_DPI   ? 
_refine.pdbx_overall_SU_R_Blow_DPI               ? 
_refine.pdbx_overall_SU_R_free_Blow_DPI          ? 
# 
_refine_hist.pdbx_refine_id                   'X-RAY DIFFRACTION' 
_refine_hist.cycle_id                         LAST 
_refine_hist.pdbx_number_atoms_protein        1429 
_refine_hist.pdbx_number_atoms_nucleic_acid   0 
_refine_hist.pdbx_number_atoms_ligand         6 
_refine_hist.number_atoms_solvent             148 
_refine_hist.number_atoms_total               1583 
_refine_hist.d_res_high                       1.75 
_refine_hist.d_res_low                        42.76 
# 
loop_
_refine_ls_restr.type 
_refine_ls_restr.dev_ideal 
_refine_ls_restr.dev_ideal_target 
_refine_ls_restr.weight 
_refine_ls_restr.number 
_refine_ls_restr.pdbx_refine_id 
_refine_ls_restr.pdbx_restraint_function 
r_bond_refined_d         0.014  0.021  ? 1479 'X-RAY DIFFRACTION' ? 
r_angle_refined_deg      1.298  1.929  ? 1993 'X-RAY DIFFRACTION' ? 
r_dihedral_angle_1_deg   5.353  5.000  ? 183  'X-RAY DIFFRACTION' ? 
r_dihedral_angle_2_deg   34.821 23.521 ? 71   'X-RAY DIFFRACTION' ? 
r_dihedral_angle_3_deg   13.596 15.000 ? 263  'X-RAY DIFFRACTION' ? 
r_dihedral_angle_4_deg   24.174 15.000 ? 11   'X-RAY DIFFRACTION' ? 
r_chiral_restr           0.091  0.200  ? 208  'X-RAY DIFFRACTION' ? 
r_gen_planes_refined     0.006  0.020  ? 1127 'X-RAY DIFFRACTION' ? 
r_nbd_refined            0.207  0.200  ? 738  'X-RAY DIFFRACTION' ? 
r_nbtor_refined          0.307  0.200  ? 1007 'X-RAY DIFFRACTION' ? 
r_xyhbond_nbd_refined    0.135  0.200  ? 110  'X-RAY DIFFRACTION' ? 
r_symmetry_vdw_refined   0.123  0.200  ? 34   'X-RAY DIFFRACTION' ? 
r_symmetry_hbond_refined 0.216  0.200  ? 15   'X-RAY DIFFRACTION' ? 
r_mcbond_it              0.987  1.500  ? 928  'X-RAY DIFFRACTION' ? 
r_mcangle_it             1.581  2.000  ? 1439 'X-RAY DIFFRACTION' ? 
r_scbond_it              2.368  3.000  ? 633  'X-RAY DIFFRACTION' ? 
r_scangle_it             3.584  4.500  ? 554  'X-RAY DIFFRACTION' ? 
# 
_refine_ls_shell.pdbx_total_number_of_bins_used   20 
_refine_ls_shell.d_res_high                       1.750 
_refine_ls_shell.d_res_low                        1.796 
_refine_ls_shell.number_reflns_R_work             1351 
_refine_ls_shell.R_factor_R_work                  0.249 
_refine_ls_shell.percent_reflns_obs               100.00 
_refine_ls_shell.R_factor_R_free                  0.344 
_refine_ls_shell.R_factor_R_free_error            ? 
_refine_ls_shell.percent_reflns_R_free            ? 
_refine_ls_shell.number_reflns_R_free             87 
_refine_ls_shell.number_reflns_all                ? 
_refine_ls_shell.R_factor_all                     ? 
_refine_ls_shell.number_reflns_obs                ? 
_refine_ls_shell.redundancy_reflns_obs            ? 
_refine_ls_shell.pdbx_refine_id                   'X-RAY DIFFRACTION' 
# 
_struct.entry_id                  3MGW 
_struct.title                     'Thermodynamics and structure of a salmon cold-active goose-type lysozyme' 
_struct.pdbx_model_details        ? 
_struct.pdbx_CASP_flag            ? 
_struct.pdbx_model_type_details   ? 
# 
_struct_keywords.entry_id        3MGW 
_struct_keywords.pdbx_keywords   HYDROLASE 
_struct_keywords.text            
'Salmon, goose-type, lysozyme, differential scanning calorimetry, refolding, thermal tolerance, innate immunity, HYDROLASE' 
# 
loop_
_struct_asym.id 
_struct_asym.pdbx_blank_PDB_chainid_flag 
_struct_asym.pdbx_modified 
_struct_asym.entity_id 
_struct_asym.details 
A N N 1 ? 
B N N 2 ? 
C N N 3 ? 
D N N 4 ? 
# 
_struct_biol.id        1 
_struct_biol.details   ? 
# 
loop_
_struct_conf.conf_type_id 
_struct_conf.id 
_struct_conf.pdbx_PDB_helix_id 
_struct_conf.beg_label_comp_id 
_struct_conf.beg_label_asym_id 
_struct_conf.beg_label_seq_id 
_struct_conf.pdbx_beg_PDB_ins_code 
_struct_conf.end_label_comp_id 
_struct_conf.end_label_asym_id 
_struct_conf.end_label_seq_id 
_struct_conf.pdbx_end_PDB_ins_code 
_struct_conf.beg_auth_comp_id 
_struct_conf.beg_auth_asym_id 
_struct_conf.beg_auth_seq_id 
_struct_conf.end_auth_comp_id 
_struct_conf.end_auth_asym_id 
_struct_conf.end_auth_seq_id 
_struct_conf.pdbx_PDB_helix_class 
_struct_conf.details 
_struct_conf.pdbx_PDB_helix_length 
HELX_P HELX_P1 1 ASP A 3   ? VAL A 7   ? ASP A 7   VAL A 11  5 ? 5  
HELX_P HELX_P2 2 GLN A 25  ? LYS A 43  ? GLN A 29  LYS A 47  1 ? 19 
HELX_P HELX_P3 3 TYR A 44  ? GLY A 56  ? TYR A 48  GLY A 60  1 ? 13 
HELX_P HELX_P4 4 ASP A 58  ? ARG A 71  ? ASP A 62  ARG A 75  1 ? 14 
HELX_P HELX_P5 5 SER A 105 ? PHE A 127 ? SER A 109 PHE A 131 1 ? 23 
HELX_P HELX_P6 6 PRO A 131 ? GLY A 146 ? PRO A 135 GLY A 150 1 ? 16 
HELX_P HELX_P7 7 THR A 152 ? MET A 156 ? THR A 156 MET A 160 5 ? 5  
HELX_P HELX_P8 8 THR A 160 ? GLY A 163 ? THR A 164 GLY A 167 5 ? 4  
HELX_P HELX_P9 9 ASP A 164 ? GLN A 179 ? ASP A 168 GLN A 183 1 ? 16 
# 
_struct_conf_type.id          HELX_P 
_struct_conf_type.criteria    ? 
_struct_conf_type.reference   ? 
# 
loop_
_struct_conn.id 
_struct_conn.conn_type_id 
_struct_conn.pdbx_leaving_atom_flag 
_struct_conn.pdbx_PDB_id 
_struct_conn.ptnr1_label_asym_id 
_struct_conn.ptnr1_label_comp_id 
_struct_conn.ptnr1_label_seq_id 
_struct_conn.ptnr1_label_atom_id 
_struct_conn.pdbx_ptnr1_label_alt_id 
_struct_conn.pdbx_ptnr1_PDB_ins_code 
_struct_conn.pdbx_ptnr1_standard_comp_id 
_struct_conn.ptnr1_symmetry 
_struct_conn.ptnr2_label_asym_id 
_struct_conn.ptnr2_label_comp_id 
_struct_conn.ptnr2_label_seq_id 
_struct_conn.ptnr2_label_atom_id 
_struct_conn.pdbx_ptnr2_label_alt_id 
_struct_conn.pdbx_ptnr2_PDB_ins_code 
_struct_conn.ptnr1_auth_asym_id 
_struct_conn.ptnr1_auth_comp_id 
_struct_conn.ptnr1_auth_seq_id 
_struct_conn.ptnr2_auth_asym_id 
_struct_conn.ptnr2_auth_comp_id 
_struct_conn.ptnr2_auth_seq_id 
_struct_conn.ptnr2_symmetry 
_struct_conn.pdbx_ptnr3_label_atom_id 
_struct_conn.pdbx_ptnr3_label_seq_id 
_struct_conn.pdbx_ptnr3_label_comp_id 
_struct_conn.pdbx_ptnr3_label_asym_id 
_struct_conn.pdbx_ptnr3_label_alt_id 
_struct_conn.pdbx_ptnr3_PDB_ins_code 
_struct_conn.details 
_struct_conn.pdbx_dist_value 
_struct_conn.pdbx_value_order 
_struct_conn.pdbx_role 
metalc1 metalc ? ? A HIS 1 ND1 ? ? ? 1_555 B CO . CO ? ? A HIS 5 A CO 186 1_555 ? ? ? ? ? ? ? 2.117 ? ? 
metalc2 metalc ? ? A HIS 1 N   ? ? ? 1_555 B CO . CO ? ? A HIS 5 A CO 186 1_555 ? ? ? ? ? ? ? 2.211 ? ? 
# 
_struct_conn_type.id          metalc 
_struct_conn_type.criteria    ? 
_struct_conn_type.reference   ? 
# 
_struct_sheet.id               A 
_struct_sheet.type             ? 
_struct_sheet.number_strands   3 
_struct_sheet.details          ? 
# 
loop_
_struct_sheet_order.sheet_id 
_struct_sheet_order.range_id_1 
_struct_sheet_order.range_id_2 
_struct_sheet_order.offset 
_struct_sheet_order.sense 
A 1 2 ? anti-parallel 
A 2 3 ? anti-parallel 
# 
loop_
_struct_sheet_range.sheet_id 
_struct_sheet_range.id 
_struct_sheet_range.beg_label_comp_id 
_struct_sheet_range.beg_label_asym_id 
_struct_sheet_range.beg_label_seq_id 
_struct_sheet_range.pdbx_beg_PDB_ins_code 
_struct_sheet_range.end_label_comp_id 
_struct_sheet_range.end_label_asym_id 
_struct_sheet_range.end_label_seq_id 
_struct_sheet_range.pdbx_end_PDB_ins_code 
_struct_sheet_range.beg_auth_comp_id 
_struct_sheet_range.beg_auth_asym_id 
_struct_sheet_range.beg_auth_seq_id 
_struct_sheet_range.end_auth_comp_id 
_struct_sheet_range.end_auth_asym_id 
_struct_sheet_range.end_auth_seq_id 
A 1 TRP A 80 ? GLY A 81 ? TRP A 84 GLY A 85 
A 2 GLY A 86 ? PHE A 87 ? GLY A 90 PHE A 91 
A 3 VAL A 92 ? ASP A 93 ? VAL A 96 ASP A 97 
# 
loop_
_pdbx_struct_sheet_hbond.sheet_id 
_pdbx_struct_sheet_hbond.range_id_1 
_pdbx_struct_sheet_hbond.range_id_2 
_pdbx_struct_sheet_hbond.range_1_label_atom_id 
_pdbx_struct_sheet_hbond.range_1_label_comp_id 
_pdbx_struct_sheet_hbond.range_1_label_asym_id 
_pdbx_struct_sheet_hbond.range_1_label_seq_id 
_pdbx_struct_sheet_hbond.range_1_PDB_ins_code 
_pdbx_struct_sheet_hbond.range_1_auth_atom_id 
_pdbx_struct_sheet_hbond.range_1_auth_comp_id 
_pdbx_struct_sheet_hbond.range_1_auth_asym_id 
_pdbx_struct_sheet_hbond.range_1_auth_seq_id 
_pdbx_struct_sheet_hbond.range_2_label_atom_id 
_pdbx_struct_sheet_hbond.range_2_label_comp_id 
_pdbx_struct_sheet_hbond.range_2_label_asym_id 
_pdbx_struct_sheet_hbond.range_2_label_seq_id 
_pdbx_struct_sheet_hbond.range_2_PDB_ins_code 
_pdbx_struct_sheet_hbond.range_2_auth_atom_id 
_pdbx_struct_sheet_hbond.range_2_auth_comp_id 
_pdbx_struct_sheet_hbond.range_2_auth_asym_id 
_pdbx_struct_sheet_hbond.range_2_auth_seq_id 
A 1 2 N GLY A 81 ? N GLY A 85 O GLY A 86 ? O GLY A 90 
A 2 3 N PHE A 87 ? N PHE A 91 O VAL A 92 ? O VAL A 96 
# 
loop_
_struct_site.id 
_struct_site.pdbx_evidence_code 
_struct_site.pdbx_auth_asym_id 
_struct_site.pdbx_auth_comp_id 
_struct_site.pdbx_auth_seq_id 
_struct_site.pdbx_auth_ins_code 
_struct_site.pdbx_num_residues 
_struct_site.details 
AC1 Software A CO  186 ? 5 'BINDING SITE FOR RESIDUE CO A 186'  
AC2 Software A SO4 187 ? 5 'BINDING SITE FOR RESIDUE SO4 A 187' 
# 
loop_
_struct_site_gen.id 
_struct_site_gen.site_id 
_struct_site_gen.pdbx_num_res 
_struct_site_gen.label_comp_id 
_struct_site_gen.label_asym_id 
_struct_site_gen.label_seq_id 
_struct_site_gen.pdbx_auth_ins_code 
_struct_site_gen.auth_comp_id 
_struct_site_gen.auth_asym_id 
_struct_site_gen.auth_seq_id 
_struct_site_gen.label_atom_id 
_struct_site_gen.label_alt_id 
_struct_site_gen.symmetry 
_struct_site_gen.details 
1  AC1 5 HIS A 1   ? HIS A 5   . ? 1_555 ? 
2  AC1 5 ASP A 8   ? ASP A 12  . ? 2_555 ? 
3  AC1 5 HIS A 134 ? HIS A 138 . ? 2_555 ? 
4  AC1 5 HOH D .   ? HOH A 214 . ? 2_555 ? 
5  AC1 5 HOH D .   ? HOH A 302 . ? 2_555 ? 
6  AC2 5 ARG A 151 ? ARG A 155 . ? 1_555 ? 
7  AC2 5 THR A 152 ? THR A 156 . ? 1_555 ? 
8  AC2 5 ARG A 155 ? ARG A 159 . ? 1_555 ? 
9  AC2 5 HOH D .   ? HOH A 193 . ? 1_555 ? 
10 AC2 5 HOH D .   ? HOH A 335 . ? 1_555 ? 
# 
_atom_sites.entry_id                    3MGW 
_atom_sites.fract_transf_matrix[1][1]   0.00273441 
_atom_sites.fract_transf_matrix[1][2]   0.00763706 
_atom_sites.fract_transf_matrix[1][3]   -0.00771478 
_atom_sites.fract_transf_matrix[2][1]   0.00645852 
_atom_sites.fract_transf_matrix[2][2]   0.00870869 
_atom_sites.fract_transf_matrix[2][3]   0.00278824 
_atom_sites.fract_transf_matrix[3][1]   0.01674935 
_atom_sites.fract_transf_matrix[3][2]   -0.01087545 
_atom_sites.fract_transf_matrix[3][3]   -0.00482927 
_atom_sites.fract_transf_vector[1]      0.137262 
_atom_sites.fract_transf_vector[2]      0.240427 
_atom_sites.fract_transf_vector[3]      0.322496 
# 
loop_
_atom_type.symbol 
C  
CO 
N  
O  
S  
# 
loop_
_atom_site.group_PDB 
_atom_site.id 
_atom_site.type_symbol 
_atom_site.label_atom_id 
_atom_site.label_alt_id 
_atom_site.label_comp_id 
_atom_site.label_asym_id 
_atom_site.label_entity_id 
_atom_site.label_seq_id 
_atom_site.pdbx_PDB_ins_code 
_atom_site.Cartn_x 
_atom_site.Cartn_y 
_atom_site.Cartn_z 
_atom_site.occupancy 
_atom_site.B_iso_or_equiv 
_atom_site.pdbx_formal_charge 
_atom_site.auth_seq_id 
_atom_site.auth_comp_id 
_atom_site.auth_asym_id 
_atom_site.auth_atom_id 
_atom_site.pdbx_PDB_model_num 
ATOM   1    N  N   . HIS A 1 1   ? -2.462  -20.805 3.155   1.00 27.58 ? 5   HIS A N   1 
ATOM   2    C  CA  . HIS A 1 1   ? -1.870  -19.444 3.353   1.00 28.69 ? 5   HIS A CA  1 
ATOM   3    C  C   . HIS A 1 1   ? -1.836  -18.697 2.008   1.00 28.79 ? 5   HIS A C   1 
ATOM   4    O  O   . HIS A 1 1   ? -1.499  -19.275 0.967   1.00 29.12 ? 5   HIS A O   1 
ATOM   5    C  CB  . HIS A 1 1   ? -0.437  -19.539 3.933   1.00 28.38 ? 5   HIS A CB  1 
ATOM   6    C  CG  . HIS A 1 1   ? -0.374  -19.807 5.411   1.00 29.50 ? 5   HIS A CG  1 
ATOM   7    N  ND1 . HIS A 1 1   ? -1.114  -20.795 6.026   1.00 25.73 ? 5   HIS A ND1 1 
ATOM   8    C  CD2 . HIS A 1 1   ? 0.371   -19.236 6.389   1.00 30.18 ? 5   HIS A CD2 1 
ATOM   9    C  CE1 . HIS A 1 1   ? -0.848  -20.807 7.319   1.00 30.08 ? 5   HIS A CE1 1 
ATOM   10   N  NE2 . HIS A 1 1   ? 0.055   -19.872 7.567   1.00 31.89 ? 5   HIS A NE2 1 
ATOM   11   N  N   . HIS A 1 2   ? -2.179  -17.412 2.042   1.00 29.01 ? 6   HIS A N   1 
ATOM   12   C  CA  . HIS A 1 2   ? -2.131  -16.548 0.867   1.00 29.97 ? 6   HIS A CA  1 
ATOM   13   C  C   . HIS A 1 2   ? -0.654  -16.271 0.581   1.00 28.44 ? 6   HIS A C   1 
ATOM   14   O  O   . HIS A 1 2   ? 0.084   -15.910 1.478   1.00 28.41 ? 6   HIS A O   1 
ATOM   15   C  CB  . HIS A 1 2   ? -2.845  -15.235 1.194   1.00 30.93 ? 6   HIS A CB  1 
ATOM   16   C  CG  . HIS A 1 2   ? -3.442  -14.533 0.006   1.00 35.96 ? 6   HIS A CG  1 
ATOM   17   N  ND1 . HIS A 1 2   ? -4.796  -14.280 -0.102  1.00 39.97 ? 6   HIS A ND1 1 
ATOM   18   C  CD2 . HIS A 1 2   ? -2.872  -14.001 -1.099  1.00 37.29 ? 6   HIS A CD2 1 
ATOM   19   C  CE1 . HIS A 1 2   ? -5.030  -13.632 -1.228  1.00 39.86 ? 6   HIS A CE1 1 
ATOM   20   N  NE2 . HIS A 1 2   ? -3.879  -13.453 -1.850  1.00 38.43 ? 6   HIS A NE2 1 
ATOM   21   N  N   . ASP A 1 3   ? -0.226  -16.448 -0.662  1.00 27.63 ? 7   ASP A N   1 
ATOM   22   C  CA  . ASP A 1 3   ? 1.186   -16.268 -1.009  1.00 27.16 ? 7   ASP A CA  1 
ATOM   23   C  C   . ASP A 1 3   ? 1.313   -15.038 -1.904  1.00 25.64 ? 7   ASP A C   1 
ATOM   24   O  O   . ASP A 1 3   ? 0.988   -15.109 -3.087  1.00 25.17 ? 7   ASP A O   1 
ATOM   25   C  CB  . ASP A 1 3   ? 1.677   -17.528 -1.730  1.00 28.06 ? 7   ASP A CB  1 
ATOM   26   C  CG  . ASP A 1 3   ? 3.080   -17.395 -2.314  1.00 30.65 ? 7   ASP A CG  1 
ATOM   27   O  OD1 . ASP A 1 3   ? 3.795   -16.389 -2.066  1.00 31.71 ? 7   ASP A OD1 1 
ATOM   28   O  OD2 . ASP A 1 3   ? 3.456   -18.336 -3.053  1.00 34.50 ? 7   ASP A OD2 1 
ATOM   29   N  N   . ILE A 1 4   ? 1.765   -13.910 -1.348  1.00 24.89 ? 8   ILE A N   1 
ATOM   30   C  CA  . ILE A 1 4   ? 1.731   -12.659 -2.110  1.00 23.88 ? 8   ILE A CA  1 
ATOM   31   C  C   . ILE A 1 4   ? 2.750   -12.628 -3.250  1.00 23.83 ? 8   ILE A C   1 
ATOM   32   O  O   . ILE A 1 4   ? 2.690   -11.763 -4.122  1.00 23.10 ? 8   ILE A O   1 
ATOM   33   C  CB  . ILE A 1 4   ? 1.772   -11.371 -1.217  1.00 23.59 ? 8   ILE A CB  1 
ATOM   34   C  CG1 . ILE A 1 4   ? 3.116   -11.218 -0.520  1.00 24.72 ? 8   ILE A CG1 1 
ATOM   35   C  CG2 . ILE A 1 4   ? 0.617   -11.384 -0.211  1.00 25.39 ? 8   ILE A CG2 1 
ATOM   36   C  CD1 . ILE A 1 4   ? 3.370   -9.818  0.063   1.00 23.05 ? 8   ILE A CD1 1 
ATOM   37   N  N   . THR A 1 5   ? 3.668   -13.595 -3.249  1.00 23.75 ? 9   THR A N   1 
ATOM   38   C  CA  . THR A 1 5   ? 4.595   -13.727 -4.388  1.00 24.51 ? 9   THR A CA  1 
ATOM   39   C  C   . THR A 1 5   ? 3.845   -14.061 -5.694  1.00 23.27 ? 9   THR A C   1 
ATOM   40   O  O   . THR A 1 5   ? 4.353   -13.800 -6.786  1.00 23.51 ? 9   THR A O   1 
ATOM   41   C  CB  . THR A 1 5   ? 5.691   -14.769 -4.121  1.00 24.96 ? 9   THR A CB  1 
ATOM   42   O  OG1 . THR A 1 5   ? 5.161   -16.065 -4.384  1.00 27.89 ? 9   THR A OG1 1 
ATOM   43   C  CG2 . THR A 1 5   ? 6.202   -14.670 -2.666  1.00 27.84 ? 9   THR A CG2 1 
ATOM   44   N  N   . LYS A 1 6   ? 2.631   -14.611 -5.574  1.00 23.43 ? 10  LYS A N   1 
ATOM   45   C  CA  . LYS A 1 6   ? 1.774   -14.937 -6.722  1.00 23.31 ? 10  LYS A CA  1 
ATOM   46   C  C   . LYS A 1 6   ? 1.012   -13.723 -7.320  1.00 23.28 ? 10  LYS A C   1 
ATOM   47   O  O   . LYS A 1 6   ? 0.443   -13.829 -8.418  1.00 23.35 ? 10  LYS A O   1 
ATOM   48   C  CB  . LYS A 1 6   ? 0.781   -16.044 -6.355  1.00 24.03 ? 10  LYS A CB  1 
ATOM   49   C  CG  . LYS A 1 6   ? 1.453   -17.402 -6.108  1.00 27.88 ? 10  LYS A CG  1 
ATOM   50   C  CD  . LYS A 1 6   ? 0.526   -18.322 -5.323  1.00 33.91 ? 10  LYS A CD  1 
ATOM   51   C  CE  . LYS A 1 6   ? 0.678   -19.790 -5.744  1.00 37.69 ? 10  LYS A CE  1 
ATOM   52   N  NZ  . LYS A 1 6   ? -0.506  -20.620 -5.282  1.00 38.76 ? 10  LYS A NZ  1 
ATOM   53   N  N   . VAL A 1 7   ? 0.983   -12.593 -6.596  1.00 21.33 ? 11  VAL A N   1 
ATOM   54   C  CA  . VAL A 1 7   ? 0.455   -11.355 -7.163  1.00 20.14 ? 11  VAL A CA  1 
ATOM   55   C  C   . VAL A 1 7   ? 1.424   -10.805 -8.222  1.00 20.18 ? 11  VAL A C   1 
ATOM   56   O  O   . VAL A 1 7   ? 2.611   -10.667 -7.955  1.00 19.69 ? 11  VAL A O   1 
ATOM   57   C  CB  . VAL A 1 7   ? 0.197   -10.279 -6.076  1.00 18.85 ? 11  VAL A CB  1 
ATOM   58   C  CG1 . VAL A 1 7   ? -0.424  -9.045  -6.711  1.00 19.36 ? 11  VAL A CG1 1 
ATOM   59   C  CG2 . VAL A 1 7   ? -0.667  -10.846 -4.951  1.00 18.20 ? 11  VAL A CG2 1 
ATOM   60   N  N   . ASP A 1 8   ? 0.906   -10.517 -9.417  1.00 20.75 ? 12  ASP A N   1 
ATOM   61   C  CA  . ASP A 1 8   ? 1.727   -10.013 -10.537 1.00 21.24 ? 12  ASP A CA  1 
ATOM   62   C  C   . ASP A 1 8   ? 2.087   -8.565  -10.293 1.00 21.30 ? 12  ASP A C   1 
ATOM   63   O  O   . ASP A 1 8   ? 1.253   -7.768  -9.838  1.00 19.61 ? 12  ASP A O   1 
ATOM   64   C  CB  . ASP A 1 8   ? 0.945   -10.099 -11.862 1.00 21.80 ? 12  ASP A CB  1 
ATOM   65   C  CG  . ASP A 1 8   ? 0.196   -11.404 -11.989 1.00 25.66 ? 12  ASP A CG  1 
ATOM   66   O  OD1 . ASP A 1 8   ? 0.874   -12.454 -12.002 1.00 26.27 ? 12  ASP A OD1 1 
ATOM   67   O  OD2 . ASP A 1 8   ? -1.063  -11.387 -12.025 1.00 26.13 ? 12  ASP A OD2 1 
ATOM   68   N  N   . THR A 1 9   ? 3.321   -8.208  -10.622 1.00 19.61 ? 13  THR A N   1 
ATOM   69   C  CA  . THR A 1 9   ? 3.720   -6.795  -10.514 1.00 19.86 ? 13  THR A CA  1 
ATOM   70   C  C   . THR A 1 9   ? 4.816   -6.419  -11.491 1.00 20.46 ? 13  THR A C   1 
ATOM   71   O  O   . THR A 1 9   ? 5.739   -7.208  -11.724 1.00 21.50 ? 13  THR A O   1 
ATOM   72   C  CB  . THR A 1 9   ? 4.161   -6.409  -9.062  1.00 19.77 ? 13  THR A CB  1 
ATOM   73   O  OG1 . THR A 1 9   ? 4.678   -5.073  -9.040  1.00 19.58 ? 13  THR A OG1 1 
ATOM   74   C  CG2 . THR A 1 9   ? 5.204   -7.370  -8.466  1.00 16.92 ? 13  THR A CG2 1 
ATOM   75   N  N   . SER A 1 10  ? 4.704   -5.217  -12.044 1.00 20.36 ? 14  SER A N   1 
ATOM   76   C  CA  . SER A 1 10  ? 5.762   -4.626  -12.875 1.00 21.14 ? 14  SER A CA  1 
ATOM   77   C  C   . SER A 1 10  ? 6.461   -3.476  -12.129 1.00 20.75 ? 14  SER A C   1 
ATOM   78   O  O   . SER A 1 10  ? 7.204   -2.702  -12.734 1.00 22.81 ? 14  SER A O   1 
ATOM   79   C  CB  . SER A 1 10  ? 5.194   -4.176  -14.222 1.00 21.56 ? 14  SER A CB  1 
ATOM   80   O  OG  . SER A 1 10  ? 4.085   -3.287  -14.045 1.00 23.46 ? 14  SER A OG  1 
ATOM   81   N  N   . GLY A 1 11  ? 6.241   -3.387  -10.820 1.00 20.31 ? 15  GLY A N   1 
ATOM   82   C  CA  . GLY A 1 11  ? 6.935   -2.414  -9.949  1.00 20.72 ? 15  GLY A CA  1 
ATOM   83   C  C   . GLY A 1 11  ? 6.655   -0.956  -10.272 1.00 21.41 ? 15  GLY A C   1 
ATOM   84   O  O   . GLY A 1 11  ? 5.569   -0.610  -10.727 1.00 21.09 ? 15  GLY A O   1 
ATOM   85   N  N   . ALA A 1 12  ? 7.636   -0.086  -10.020 1.00 21.37 ? 16  ALA A N   1 
ATOM   86   C  CA  . ALA A 1 12  ? 7.437   1.369   -10.120 1.00 21.70 ? 16  ALA A CA  1 
ATOM   87   C  C   . ALA A 1 12  ? 7.582   1.909   -11.537 1.00 22.71 ? 16  ALA A C   1 
ATOM   88   O  O   . ALA A 1 12  ? 8.315   1.349   -12.342 1.00 23.73 ? 16  ALA A O   1 
ATOM   89   C  CB  . ALA A 1 12  ? 8.431   2.104   -9.208  1.00 20.90 ? 16  ALA A CB  1 
ATOM   90   N  N   . SER A 1 13  ? 6.884   3.008   -11.803 1.00 24.01 ? 17  SER A N   1 
ATOM   91   C  CA  . SER A 1 13  ? 6.977   3.744   -13.046 1.00 25.32 ? 17  SER A CA  1 
ATOM   92   C  C   . SER A 1 13  ? 8.235   4.608   -13.016 1.00 27.81 ? 17  SER A C   1 
ATOM   93   O  O   . SER A 1 13  ? 8.844   4.813   -11.952 1.00 27.71 ? 17  SER A O   1 
ATOM   94   C  CB  . SER A 1 13  ? 5.789   4.669   -13.188 1.00 24.69 ? 17  SER A CB  1 
ATOM   95   O  OG  . SER A 1 13  ? 5.795   5.623   -12.125 1.00 23.09 ? 17  SER A OG  1 
ATOM   96   N  N   . GLU A 1 14  ? 8.592   5.141   -14.183 1.00 30.40 ? 18  GLU A N   1 
ATOM   97   C  CA  . GLU A 1 14  ? 9.685   6.107   -14.276 1.00 33.37 ? 18  GLU A CA  1 
ATOM   98   C  C   . GLU A 1 14  ? 9.432   7.302   -13.343 1.00 34.47 ? 18  GLU A C   1 
ATOM   99   O  O   . GLU A 1 14  ? 10.295  7.658   -12.537 1.00 35.39 ? 18  GLU A O   1 
ATOM   100  C  CB  . GLU A 1 14  ? 9.860   6.563   -15.723 1.00 34.12 ? 18  GLU A CB  1 
ATOM   101  C  CG  . GLU A 1 14  ? 10.177  5.424   -16.694 1.00 36.71 ? 18  GLU A CG  1 
ATOM   102  C  CD  . GLU A 1 14  ? 10.748  5.925   -18.015 1.00 40.66 ? 18  GLU A CD  1 
ATOM   103  O  OE1 . GLU A 1 14  ? 11.648  6.802   -17.974 1.00 42.20 ? 18  GLU A OE1 1 
ATOM   104  O  OE2 . GLU A 1 14  ? 10.294  5.436   -19.083 1.00 39.34 ? 18  GLU A OE2 1 
ATOM   105  N  N   . ILE A 1 15  ? 8.240   7.889   -13.443 1.00 35.27 ? 19  ILE A N   1 
ATOM   106  C  CA  . ILE A 1 15  ? 7.819   8.985   -12.570 1.00 35.97 ? 19  ILE A CA  1 
ATOM   107  C  C   . ILE A 1 15  ? 8.152   8.691   -11.106 1.00 35.79 ? 19  ILE A C   1 
ATOM   108  O  O   . ILE A 1 15  ? 8.746   9.515   -10.406 1.00 36.69 ? 19  ILE A O   1 
ATOM   109  C  CB  . ILE A 1 15  ? 6.292   9.292   -12.738 1.00 36.13 ? 19  ILE A CB  1 
ATOM   110  C  CG1 . ILE A 1 15  ? 5.991   9.743   -14.179 1.00 36.60 ? 19  ILE A CG1 1 
ATOM   111  C  CG2 . ILE A 1 15  ? 5.858   10.369  -11.770 1.00 38.14 ? 19  ILE A CG2 1 
ATOM   112  C  CD1 . ILE A 1 15  ? 4.499   9.760   -14.584 1.00 36.58 ? 19  ILE A CD1 1 
ATOM   113  N  N   . THR A 1 16  ? 7.776   7.502   -10.636 1.00 35.00 ? 20  THR A N   1 
ATOM   114  C  CA  . THR A 1 16  ? 8.000   7.123   -9.251  1.00 33.79 ? 20  THR A CA  1 
ATOM   115  C  C   . THR A 1 16  ? 9.467   6.936   -8.877  1.00 34.13 ? 20  THR A C   1 
ATOM   116  O  O   . THR A 1 16  ? 9.866   7.381   -7.818  1.00 34.78 ? 20  THR A O   1 
ATOM   117  C  CB  . THR A 1 16  ? 7.182   5.869   -8.886  1.00 32.79 ? 20  THR A CB  1 
ATOM   118  O  OG1 . THR A 1 16  ? 5.798   6.207   -8.980  1.00 29.54 ? 20  THR A OG1 1 
ATOM   119  C  CG2 . THR A 1 16  ? 7.505   5.364   -7.465  1.00 32.37 ? 20  THR A CG2 1 
ATOM   120  N  N   . ALA A 1 17  ? 10.246  6.271   -9.728  1.00 35.21 ? 21  ALA A N   1 
ATOM   121  C  CA  . ALA A 1 17  ? 11.647  5.901   -9.424  1.00 36.08 ? 21  ALA A CA  1 
ATOM   122  C  C   . ALA A 1 17  ? 12.559  7.097   -9.113  1.00 36.75 ? 21  ALA A C   1 
ATOM   123  O  O   . ALA A 1 17  ? 13.479  7.077   -8.277  1.00 37.36 ? 21  ALA A O   1 
ATOM   124  C  CB  . ALA A 1 17  ? 12.227  5.103   -10.574 1.00 36.27 ? 21  ALA A CB  1 
ATOM   125  N  N   . ARG A 1 18  ? 13.474  10.199  -9.773  1.00 58.85 ? 22  ARG A N   1 
ATOM   126  C  CA  . ARG A 1 18  ? 12.374  11.190  -9.531  1.00 58.98 ? 22  ARG A CA  1 
ATOM   127  C  C   . ARG A 1 18  ? 11.764  11.115  -8.108  1.00 58.20 ? 22  ARG A C   1 
ATOM   128  O  O   . ARG A 1 18  ? 10.952  11.971  -7.725  1.00 58.31 ? 22  ARG A O   1 
ATOM   129  C  CB  . ARG A 1 18  ? 11.306  11.115  -10.647 1.00 58.90 ? 22  ARG A CB  1 
ATOM   130  C  CG  . ARG A 1 18  ? 11.884  11.290  -12.081 1.00 59.86 ? 22  ARG A CG  1 
ATOM   131  C  CD  . ARG A 1 18  ? 10.813  11.403  -13.185 1.00 60.06 ? 22  ARG A CD  1 
ATOM   132  N  NE  . ARG A 1 18  ? 11.342  10.976  -14.491 1.00 62.74 ? 22  ARG A NE  1 
ATOM   133  C  CZ  . ARG A 1 18  ? 10.615  10.548  -15.531 1.00 63.11 ? 22  ARG A CZ  1 
ATOM   134  N  NH1 . ARG A 1 18  ? 9.287   10.479  -15.474 1.00 63.05 ? 22  ARG A NH1 1 
ATOM   135  N  NH2 . ARG A 1 18  ? 11.230  10.181  -16.648 1.00 64.02 ? 22  ARG A NH2 1 
ATOM   136  N  N   . GLN A 1 19  ? 12.154  10.107  -7.326  1.00 57.17 ? 23  GLN A N   1 
ATOM   137  C  CA  . GLN A 1 19  ? 11.753  10.050  -5.905  1.00 56.42 ? 23  GLN A CA  1 
ATOM   138  C  C   . GLN A 1 19  ? 12.942  9.790   -4.985  1.00 55.09 ? 23  GLN A C   1 
ATOM   139  O  O   . GLN A 1 19  ? 13.163  10.539  -4.030  1.00 54.90 ? 23  GLN A O   1 
ATOM   140  C  CB  . GLN A 1 19  ? 10.644  9.027   -5.649  1.00 56.66 ? 23  GLN A CB  1 
ATOM   141  C  CG  . GLN A 1 19  ? 9.860   9.267   -4.364  1.00 57.14 ? 23  GLN A CG  1 
ATOM   142  C  CD  . GLN A 1 19  ? 8.677   8.312   -4.201  1.00 57.39 ? 23  GLN A CD  1 
ATOM   143  O  OE1 . GLN A 1 19  ? 8.854   7.085   -4.131  1.00 59.35 ? 23  GLN A OE1 1 
ATOM   144  N  NE2 . GLN A 1 19  ? 7.468   8.875   -4.141  1.00 57.65 ? 23  GLN A NE2 1 
ATOM   145  N  N   . ASP A 1 20  ? 13.680  8.719   -5.266  1.00 53.36 ? 24  ASP A N   1 
ATOM   146  C  CA  . ASP A 1 20  ? 14.986  8.499   -4.654  1.00 51.85 ? 24  ASP A CA  1 
ATOM   147  C  C   . ASP A 1 20  ? 16.064  8.629   -5.725  1.00 50.72 ? 24  ASP A C   1 
ATOM   148  O  O   . ASP A 1 20  ? 17.171  8.107   -5.581  1.00 50.47 ? 24  ASP A O   1 
ATOM   149  C  CB  . ASP A 1 20  ? 15.057  7.144   -3.940  1.00 51.92 ? 24  ASP A CB  1 
ATOM   150  C  CG  . ASP A 1 20  ? 14.360  7.162   -2.581  1.00 51.49 ? 24  ASP A CG  1 
ATOM   151  O  OD1 . ASP A 1 20  ? 13.633  8.139   -2.298  1.00 50.60 ? 24  ASP A OD1 1 
ATOM   152  O  OD2 . ASP A 1 20  ? 14.534  6.199   -1.805  1.00 50.39 ? 24  ASP A OD2 1 
ATOM   153  N  N   . LYS A 1 21  ? 15.708  9.333   -6.797  1.00 49.49 ? 25  LYS A N   1 
ATOM   154  C  CA  . LYS A 1 21  ? 16.622  9.647   -7.885  1.00 48.70 ? 25  LYS A CA  1 
ATOM   155  C  C   . LYS A 1 21  ? 17.268  8.362   -8.381  1.00 47.55 ? 25  LYS A C   1 
ATOM   156  O  O   . LYS A 1 21  ? 18.483  8.205   -8.307  1.00 47.58 ? 25  LYS A O   1 
ATOM   157  C  CB  . LYS A 1 21  ? 17.679  10.659  -7.412  1.00 49.07 ? 25  LYS A CB  1 
ATOM   158  C  CG  . LYS A 1 21  ? 17.112  12.022  -7.022  1.00 50.73 ? 25  LYS A CG  1 
ATOM   159  C  CD  . LYS A 1 21  ? 17.993  12.680  -5.971  1.00 54.64 ? 25  LYS A CD  1 
ATOM   160  C  CE  . LYS A 1 21  ? 17.318  13.906  -5.359  1.00 56.11 ? 25  LYS A CE  1 
ATOM   161  N  NZ  . LYS A 1 21  ? 17.985  14.317  -4.080  1.00 57.35 ? 25  LYS A NZ  1 
ATOM   162  N  N   . LEU A 1 22  ? 16.442  7.436   -8.867  1.00 45.88 ? 26  LEU A N   1 
ATOM   163  C  CA  . LEU A 1 22  ? 16.927  6.107   -9.246  1.00 44.44 ? 26  LEU A CA  1 
ATOM   164  C  C   . LEU A 1 22  ? 17.007  5.917   -10.759 1.00 43.68 ? 26  LEU A C   1 
ATOM   165  O  O   . LEU A 1 22  ? 16.175  6.427   -11.514 1.00 43.34 ? 26  LEU A O   1 
ATOM   166  C  CB  . LEU A 1 22  ? 16.070  5.008   -8.599  1.00 44.17 ? 26  LEU A CB  1 
ATOM   167  C  CG  . LEU A 1 22  ? 15.853  5.024   -7.077  1.00 43.75 ? 26  LEU A CG  1 
ATOM   168  C  CD1 . LEU A 1 22  ? 14.780  4.005   -6.687  1.00 43.47 ? 26  LEU A CD1 1 
ATOM   169  C  CD2 . LEU A 1 22  ? 17.138  4.752   -6.304  1.00 43.63 ? 26  LEU A CD2 1 
ATOM   170  N  N   . THR A 1 23  ? 18.027  5.187   -11.191 1.00 42.74 ? 27  THR A N   1 
ATOM   171  C  CA  . THR A 1 23  ? 18.199  4.839   -12.606 1.00 42.43 ? 27  THR A CA  1 
ATOM   172  C  C   . THR A 1 23  ? 17.491  3.522   -12.878 1.00 41.73 ? 27  THR A C   1 
ATOM   173  O  O   . THR A 1 23  ? 17.212  3.168   -14.037 1.00 42.22 ? 27  THR A O   1 
ATOM   174  C  CB  . THR A 1 23  ? 19.686  4.685   -12.968 1.00 42.13 ? 27  THR A CB  1 
ATOM   175  O  OG1 . THR A 1 23  ? 20.344  3.949   -11.931 1.00 42.94 ? 27  THR A OG1 1 
ATOM   176  C  CG2 . THR A 1 23  ? 20.335  6.037   -13.095 1.00 43.16 ? 27  THR A CG2 1 
ATOM   177  N  N   . LEU A 1 24  ? 17.204  2.803   -11.791 1.00 40.51 ? 28  LEU A N   1 
ATOM   178  C  CA  . LEU A 1 24  ? 16.501  1.526   -11.848 1.00 39.11 ? 28  LEU A CA  1 
ATOM   179  C  C   . LEU A 1 24  ? 15.051  1.692   -12.311 1.00 37.92 ? 28  LEU A C   1 
ATOM   180  O  O   . LEU A 1 24  ? 14.415  2.726   -12.076 1.00 38.05 ? 28  LEU A O   1 
ATOM   181  C  CB  . LEU A 1 24  ? 16.545  0.828   -10.490 1.00 38.88 ? 28  LEU A CB  1 
ATOM   182  C  CG  . LEU A 1 24  ? 17.922  0.728   -9.828  1.00 39.55 ? 28  LEU A CG  1 
ATOM   183  C  CD1 . LEU A 1 24  ? 17.787  0.253   -8.388  1.00 39.70 ? 28  LEU A CD1 1 
ATOM   184  C  CD2 . LEU A 1 24  ? 18.844  -0.192  -10.615 1.00 40.37 ? 28  LEU A CD2 1 
ATOM   185  N  N   . GLN A 1 25  ? 14.557  0.652   -12.976 1.00 36.48 ? 29  GLN A N   1 
ATOM   186  C  CA  . GLN A 1 25  ? 13.206  0.622   -13.505 1.00 34.82 ? 29  GLN A CA  1 
ATOM   187  C  C   . GLN A 1 25  ? 12.373  -0.408  -12.732 1.00 33.05 ? 29  GLN A C   1 
ATOM   188  O  O   . GLN A 1 25  ? 12.916  -1.311  -12.090 1.00 32.60 ? 29  GLN A O   1 
ATOM   189  C  CB  . GLN A 1 25  ? 13.231  0.247   -15.006 1.00 35.31 ? 29  GLN A CB  1 
ATOM   190  C  CG  . GLN A 1 25  ? 14.223  1.063   -15.879 1.00 35.99 ? 29  GLN A CG  1 
ATOM   191  C  CD  . GLN A 1 25  ? 14.437  0.494   -17.304 1.00 35.59 ? 29  GLN A CD  1 
ATOM   192  O  OE1 . GLN A 1 25  ? 14.367  -0.721  -17.531 1.00 37.15 ? 29  GLN A OE1 1 
ATOM   193  N  NE2 . GLN A 1 25  ? 14.724  1.386   -18.257 1.00 34.22 ? 29  GLN A NE2 1 
ATOM   194  N  N   . GLY A 1 26  ? 11.053  -0.267  -12.797 1.00 31.19 ? 30  GLY A N   1 
ATOM   195  C  CA  . GLY A 1 26  ? 10.147  -1.351  -12.403 1.00 28.85 ? 30  GLY A CA  1 
ATOM   196  C  C   . GLY A 1 26  ? 10.416  -1.951  -11.041 1.00 26.99 ? 30  GLY A C   1 
ATOM   197  O  O   . GLY A 1 26  ? 10.629  -1.235  -10.071 1.00 25.83 ? 30  GLY A O   1 
ATOM   198  N  N   . VAL A 1 27  ? 10.403  -3.275  -10.976 1.00 26.76 ? 31  VAL A N   1 
ATOM   199  C  CA  . VAL A 1 27  ? 10.484  -3.987  -9.702  1.00 26.66 ? 31  VAL A CA  1 
ATOM   200  C  C   . VAL A 1 27  ? 11.770  -3.669  -8.938  1.00 27.33 ? 31  VAL A C   1 
ATOM   201  O  O   . VAL A 1 27  ? 11.751  -3.574  -7.709  1.00 26.13 ? 31  VAL A O   1 
ATOM   202  C  CB  . VAL A 1 27  ? 10.254  -5.508  -9.867  1.00 27.34 ? 31  VAL A CB  1 
ATOM   203  C  CG1 . VAL A 1 27  ? 10.553  -6.246  -8.590  1.00 28.21 ? 31  VAL A CG1 1 
ATOM   204  C  CG2 . VAL A 1 27  ? 8.797   -5.808  -10.277 1.00 25.24 ? 31  VAL A CG2 1 
ATOM   205  N  N   . ASP A 1 28  ? 12.871  -3.462  -9.670  1.00 27.60 ? 32  ASP A N   1 
ATOM   206  C  CA  . ASP A 1 28  ? 14.151  -3.086  -9.058  1.00 28.16 ? 32  ASP A CA  1 
ATOM   207  C  C   . ASP A 1 28  ? 14.043  -1.775  -8.304  1.00 27.51 ? 32  ASP A C   1 
ATOM   208  O  O   . ASP A 1 28  ? 14.609  -1.632  -7.214  1.00 27.81 ? 32  ASP A O   1 
ATOM   209  C  CB  . ASP A 1 28  ? 15.236  -2.946  -10.134 1.00 29.08 ? 32  ASP A CB  1 
ATOM   210  C  CG  . ASP A 1 28  ? 15.707  -4.298  -10.702 1.00 32.71 ? 32  ASP A CG  1 
ATOM   211  O  OD1 . ASP A 1 28  ? 15.393  -5.373  -10.138 1.00 34.42 ? 32  ASP A OD1 1 
ATOM   212  O  OD2 . ASP A 1 28  ? 16.422  -4.268  -11.737 1.00 38.53 ? 32  ASP A OD2 1 
ATOM   213  N  N   . ALA A 1 29  ? 13.313  -0.824  -8.890  1.00 26.35 ? 33  ALA A N   1 
ATOM   214  C  CA  . ALA A 1 29  ? 13.071  0.465   -8.276  1.00 26.05 ? 33  ALA A CA  1 
ATOM   215  C  C   . ALA A 1 29  ? 12.194  0.321   -7.015  1.00 25.51 ? 33  ALA A C   1 
ATOM   216  O  O   . ALA A 1 29  ? 12.529  0.856   -5.965  1.00 25.74 ? 33  ALA A O   1 
ATOM   217  C  CB  . ALA A 1 29  ? 12.458  1.432   -9.288  1.00 26.02 ? 33  ALA A CB  1 
ATOM   218  N  N   . SER A 1 30  ? 11.094  -0.426  -7.104  1.00 23.93 ? 34  SER A N   1 
ATOM   219  C  CA  . SER A 1 30  ? 10.272  -0.689  -5.909  1.00 23.15 ? 34  SER A CA  1 
ATOM   220  C  C   . SER A 1 30  ? 11.066  -1.337  -4.772  1.00 23.26 ? 34  SER A C   1 
ATOM   221  O  O   . SER A 1 30  ? 10.914  -0.981  -3.600  1.00 22.94 ? 34  SER A O   1 
ATOM   222  C  CB  . SER A 1 30  ? 9.078   -1.574  -6.255  1.00 22.71 ? 34  SER A CB  1 
ATOM   223  O  OG  . SER A 1 30  ? 8.289   -0.993  -7.269  1.00 21.49 ? 34  SER A OG  1 
ATOM   224  N  N   . HIS A 1 31  ? 11.894  -2.306  -5.120  1.00 23.99 ? 35  HIS A N   1 
ATOM   225  C  CA  . HIS A 1 31  ? 12.736  -2.963  -4.125  1.00 25.63 ? 35  HIS A CA  1 
ATOM   226  C  C   . HIS A 1 31  ? 13.713  -1.990  -3.435  1.00 25.86 ? 35  HIS A C   1 
ATOM   227  O  O   . HIS A 1 31  ? 13.910  -2.076  -2.216  1.00 25.26 ? 35  HIS A O   1 
ATOM   228  C  CB  . HIS A 1 31  ? 13.474  -4.172  -4.734  1.00 25.96 ? 35  HIS A CB  1 
ATOM   229  C  CG  . HIS A 1 31  ? 12.573  -5.320  -5.084  1.00 27.56 ? 35  HIS A CG  1 
ATOM   230  N  ND1 . HIS A 1 31  ? 13.029  -6.457  -5.712  1.00 28.94 ? 35  HIS A ND1 1 
ATOM   231  C  CD2 . HIS A 1 31  ? 11.231  -5.484  -4.938  1.00 28.18 ? 35  HIS A CD2 1 
ATOM   232  C  CE1 . HIS A 1 31  ? 12.017  -7.285  -5.910  1.00 29.81 ? 35  HIS A CE1 1 
ATOM   233  N  NE2 . HIS A 1 31  ? 10.913  -6.714  -5.455  1.00 29.63 ? 35  HIS A NE2 1 
ATOM   234  N  N   . LYS A 1 32  ? 14.287  -1.053  -4.200  1.00 26.66 ? 36  LYS A N   1 
ATOM   235  C  CA  . LYS A 1 32  ? 15.207  -0.046  -3.628  1.00 26.88 ? 36  LYS A CA  1 
ATOM   236  C  C   . LYS A 1 32  ? 14.470  0.943   -2.738  1.00 26.41 ? 36  LYS A C   1 
ATOM   237  O  O   . LYS A 1 32  ? 14.913  1.228   -1.630  1.00 26.19 ? 36  LYS A O   1 
ATOM   238  C  CB  . LYS A 1 32  ? 15.992  0.720   -4.709  1.00 27.66 ? 36  LYS A CB  1 
ATOM   239  C  CG  . LYS A 1 32  ? 17.362  1.222   -4.217  1.00 30.91 ? 36  LYS A CG  1 
ATOM   240  C  CD  . LYS A 1 32  ? 18.297  0.022   -4.069  1.00 34.79 ? 36  LYS A CD  1 
ATOM   241  C  CE  . LYS A 1 32  ? 19.483  0.289   -3.180  1.00 38.95 ? 36  LYS A CE  1 
ATOM   242  N  NZ  . LYS A 1 32  ? 20.404  -0.896  -3.232  1.00 41.15 ? 36  LYS A NZ  1 
ATOM   243  N  N   . LEU A 1 33  ? 13.328  1.443   -3.215  1.00 25.63 ? 37  LEU A N   1 
ATOM   244  C  CA  . LEU A 1 33  ? 12.491  2.304   -2.397  1.00 25.04 ? 37  LEU A CA  1 
ATOM   245  C  C   . LEU A 1 33  ? 12.094  1.628   -1.071  1.00 25.47 ? 37  LEU A C   1 
ATOM   246  O  O   . LEU A 1 33  ? 12.192  2.239   -0.013  1.00 26.26 ? 37  LEU A O   1 
ATOM   247  C  CB  . LEU A 1 33  ? 11.284  2.787   -3.204  1.00 24.90 ? 37  LEU A CB  1 
ATOM   248  C  CG  . LEU A 1 33  ? 11.577  3.689   -4.422  1.00 24.17 ? 37  LEU A CG  1 
ATOM   249  C  CD1 . LEU A 1 33  ? 10.461  3.580   -5.459  1.00 22.58 ? 37  LEU A CD1 1 
ATOM   250  C  CD2 . LEU A 1 33  ? 11.801  5.157   -4.030  1.00 24.73 ? 37  LEU A CD2 1 
ATOM   251  N  N   . ALA A 1 34  ? 11.689  0.359   -1.126  1.00 25.07 ? 38  ALA A N   1 
ATOM   252  C  CA  . ALA A 1 34  ? 11.316  -0.421  0.063   1.00 25.06 ? 38  ALA A CA  1 
ATOM   253  C  C   . ALA A 1 34  ? 12.505  -0.543  1.025   1.00 26.13 ? 38  ALA A C   1 
ATOM   254  O  O   . ALA A 1 34  ? 12.385  -0.338  2.244   1.00 25.15 ? 38  ALA A O   1 
ATOM   255  C  CB  . ALA A 1 34  ? 10.863  -1.826  -0.360  1.00 24.32 ? 38  ALA A CB  1 
ATOM   256  N  N   . GLU A 1 35  ? 13.651  -0.903  0.449   1.00 27.07 ? 39  GLU A N   1 
ATOM   257  C  CA  . GLU A 1 35  ? 14.883  -1.097  1.224   1.00 28.97 ? 39  GLU A CA  1 
ATOM   258  C  C   . GLU A 1 35  ? 15.240  0.171   2.006   1.00 28.17 ? 39  GLU A C   1 
ATOM   259  O  O   . GLU A 1 35  ? 15.596  0.106   3.198   1.00 28.01 ? 39  GLU A O   1 
ATOM   260  C  CB  . GLU A 1 35  ? 16.027  -1.546  0.319   1.00 28.15 ? 39  GLU A CB  1 
ATOM   261  C  CG  . GLU A 1 35  ? 17.367  -1.679  1.087   1.00 31.31 ? 39  GLU A CG  1 
ATOM   262  C  CD  . GLU A 1 35  ? 18.493  -2.311  0.286   1.00 31.80 ? 39  GLU A CD  1 
ATOM   263  O  OE1 . GLU A 1 35  ? 18.357  -2.478  -0.947  1.00 34.50 ? 39  GLU A OE1 1 
ATOM   264  O  OE2 . GLU A 1 35  ? 19.529  -2.650  0.915   1.00 37.23 ? 39  GLU A OE2 1 
ATOM   265  N  N   . HIS A 1 36  ? 15.094  1.312   1.341   1.00 28.71 ? 40  HIS A N   1 
ATOM   266  C  CA  . HIS A 1 36  ? 15.340  2.613   1.950   1.00 29.61 ? 40  HIS A CA  1 
ATOM   267  C  C   . HIS A 1 36  ? 14.431  2.901   3.158   1.00 29.21 ? 40  HIS A C   1 
ATOM   268  O  O   . HIS A 1 36  ? 14.773  3.733   4.000   1.00 29.40 ? 40  HIS A O   1 
ATOM   269  C  CB  . HIS A 1 36  ? 15.264  3.739   0.896   1.00 29.89 ? 40  HIS A CB  1 
ATOM   270  C  CG  . HIS A 1 36  ? 16.440  3.767   -0.049  1.00 33.55 ? 40  HIS A CG  1 
ATOM   271  N  ND1 . HIS A 1 36  ? 16.476  4.554   -1.182  1.00 36.64 ? 40  HIS A ND1 1 
ATOM   272  C  CD2 . HIS A 1 36  ? 17.616  3.089   -0.033  1.00 35.66 ? 40  HIS A CD2 1 
ATOM   273  C  CE1 . HIS A 1 36  ? 17.625  4.375   -1.813  1.00 37.26 ? 40  HIS A CE1 1 
ATOM   274  N  NE2 . HIS A 1 36  ? 18.334  3.487   -1.138  1.00 37.82 ? 40  HIS A NE2 1 
ATOM   275  N  N   . ASP A 1 37  ? 13.290  2.206   3.236   1.00 27.75 ? 41  ASP A N   1 
ATOM   276  C  CA  . ASP A 1 37  ? 12.308  2.414   4.306   1.00 26.18 ? 41  ASP A CA  1 
ATOM   277  C  C   . ASP A 1 37  ? 12.362  1.331   5.397   1.00 25.89 ? 41  ASP A C   1 
ATOM   278  O  O   . ASP A 1 37  ? 11.638  1.411   6.386   1.00 24.85 ? 41  ASP A O   1 
ATOM   279  C  CB  . ASP A 1 37  ? 10.877  2.475   3.720   1.00 25.88 ? 41  ASP A CB  1 
ATOM   280  C  CG  . ASP A 1 37  ? 10.622  3.737   2.901   1.00 25.67 ? 41  ASP A CG  1 
ATOM   281  O  OD1 . ASP A 1 37  ? 11.315  4.768   3.114   1.00 24.80 ? 41  ASP A OD1 1 
ATOM   282  O  OD2 . ASP A 1 37  ? 9.724   3.713   2.022   1.00 20.54 ? 41  ASP A OD2 1 
ATOM   283  N  N   . LEU A 1 38  ? 13.210  0.325   5.209   1.00 25.42 ? 42  LEU A N   1 
ATOM   284  C  CA  . LEU A 1 38  ? 13.225  -0.842  6.091   1.00 25.72 ? 42  LEU A CA  1 
ATOM   285  C  C   . LEU A 1 38  ? 13.518  -0.518  7.564   1.00 25.49 ? 42  LEU A C   1 
ATOM   286  O  O   . LEU A 1 38  ? 12.900  -1.074  8.452   1.00 24.88 ? 42  LEU A O   1 
ATOM   287  C  CB  . LEU A 1 38  ? 14.207  -1.910  5.583   1.00 25.35 ? 42  LEU A CB  1 
ATOM   288  C  CG  . LEU A 1 38  ? 14.254  -3.160  6.470   1.00 25.86 ? 42  LEU A CG  1 
ATOM   289  C  CD1 . LEU A 1 38  ? 12.873  -3.857  6.604   1.00 25.12 ? 42  LEU A CD1 1 
ATOM   290  C  CD2 . LEU A 1 38  ? 15.299  -4.154  5.981   1.00 25.81 ? 42  LEU A CD2 1 
ATOM   291  N  N   . VAL A 1 39  ? 14.478  0.366   7.817   1.00 26.27 ? 43  VAL A N   1 
ATOM   292  C  CA  . VAL A 1 39  ? 14.809  0.727   9.203   1.00 26.08 ? 43  VAL A CA  1 
ATOM   293  C  C   . VAL A 1 39  ? 13.653  1.420   9.939   1.00 26.17 ? 43  VAL A C   1 
ATOM   294  O  O   . VAL A 1 39  ? 13.314  1.058   11.078  1.00 26.18 ? 43  VAL A O   1 
ATOM   295  C  CB  . VAL A 1 39  ? 16.130  1.549   9.264   1.00 26.90 ? 43  VAL A CB  1 
ATOM   296  C  CG1 . VAL A 1 39  ? 16.267  2.282   10.587  1.00 27.81 ? 43  VAL A CG1 1 
ATOM   297  C  CG2 . VAL A 1 39  ? 17.286  0.620   9.063   1.00 26.42 ? 43  VAL A CG2 1 
ATOM   298  N  N   . ARG A 1 40  ? 13.049  2.409   9.290   1.00 25.59 ? 44  ARG A N   1 
ATOM   299  C  CA  . ARG A 1 40  ? 11.887  3.074   9.874   1.00 25.14 ? 44  ARG A CA  1 
ATOM   300  C  C   . ARG A 1 40  ? 10.705  2.106   10.034  1.00 24.17 ? 44  ARG A C   1 
ATOM   301  O  O   . ARG A 1 40  ? 10.061  2.086   11.082  1.00 23.77 ? 44  ARG A O   1 
ATOM   302  C  CB  . ARG A 1 40  ? 11.506  4.323   9.087   1.00 26.22 ? 44  ARG A CB  1 
ATOM   303  C  CG  . ARG A 1 40  ? 12.542  5.447   9.180   1.00 29.09 ? 44  ARG A CG  1 
ATOM   304  C  CD  . ARG A 1 40  ? 11.922  6.812   8.980   1.00 33.11 ? 44  ARG A CD  1 
ATOM   305  N  NE  . ARG A 1 40  ? 10.643  6.898   9.686   1.00 36.47 ? 44  ARG A NE  1 
ATOM   306  C  CZ  . ARG A 1 40  ? 10.385  7.642   10.760  1.00 38.36 ? 44  ARG A CZ  1 
ATOM   307  N  NH1 . ARG A 1 40  ? 11.316  8.441   11.294  1.00 39.73 ? 44  ARG A NH1 1 
ATOM   308  N  NH2 . ARG A 1 40  ? 9.172   7.597   11.287  1.00 35.19 ? 44  ARG A NH2 1 
ATOM   309  N  N   . MET A 1 41  ? 10.452  1.286   9.015   1.00 23.18 ? 45  MET A N   1 
ATOM   310  C  CA  . MET A 1 41  ? 9.379   0.294   9.067   1.00 21.86 ? 45  MET A CA  1 
ATOM   311  C  C   . MET A 1 41  ? 9.489   -0.632  10.289  1.00 22.27 ? 45  MET A C   1 
ATOM   312  O  O   . MET A 1 41  ? 8.489   -0.903  10.952  1.00 21.79 ? 45  MET A O   1 
ATOM   313  C  CB  . MET A 1 41  ? 9.347   -0.537  7.779   1.00 21.30 ? 45  MET A CB  1 
ATOM   314  C  CG  . MET A 1 41  ? 8.020   -1.236  7.554   1.00 19.68 ? 45  MET A CG  1 
ATOM   315  S  SD  . MET A 1 41  ? 6.717   -0.072  7.106   1.00 18.50 ? 45  MET A SD  1 
ATOM   316  C  CE  . MET A 1 41  ? 7.270   0.404   5.469   1.00 16.82 ? 45  MET A CE  1 
ATOM   317  N  N   . ASN A 1 42  ? 10.704  -1.088  10.595  1.00 22.90 ? 46  ASN A N   1 
ATOM   318  C  CA  . ASN A 1 42  ? 10.945  -1.986  11.761  1.00 24.12 ? 46  ASN A CA  1 
ATOM   319  C  C   . ASN A 1 42  ? 10.451  -1.451  13.114  1.00 24.22 ? 46  ASN A C   1 
ATOM   320  O  O   . ASN A 1 42  ? 10.090  -2.223  14.004  1.00 24.67 ? 46  ASN A O   1 
ATOM   321  C  CB  . ASN A 1 42  ? 12.429  -2.357  11.855  1.00 25.15 ? 46  ASN A CB  1 
ATOM   322  C  CG  . ASN A 1 42  ? 12.852  -3.379  10.799  1.00 27.98 ? 46  ASN A CG  1 
ATOM   323  O  OD1 . ASN A 1 42  ? 12.023  -4.025  10.151  1.00 31.21 ? 46  ASN A OD1 1 
ATOM   324  N  ND2 . ASN A 1 42  ? 14.148  -3.534  10.633  1.00 31.40 ? 46  ASN A ND2 1 
ATOM   325  N  N   . LYS A 1 43  ? 10.421  -0.133  13.269  1.00 23.73 ? 47  LYS A N   1 
ATOM   326  C  CA  . LYS A 1 43  ? 9.858   0.481   14.476  1.00 25.53 ? 47  LYS A CA  1 
ATOM   327  C  C   . LYS A 1 43  ? 8.376   0.095   14.637  1.00 24.47 ? 47  LYS A C   1 
ATOM   328  O  O   . LYS A 1 43  ? 7.854   0.031   15.760  1.00 23.17 ? 47  LYS A O   1 
ATOM   329  C  CB  . LYS A 1 43  ? 10.001  2.009   14.393  1.00 25.79 ? 47  LYS A CB  1 
ATOM   330  C  CG  . LYS A 1 43  ? 9.577   2.809   15.653  1.00 29.78 ? 47  LYS A CG  1 
ATOM   331  C  CD  . LYS A 1 43  ? 9.745   4.342   15.428  1.00 29.33 ? 47  LYS A CD  1 
ATOM   332  C  CE  . LYS A 1 43  ? 9.595   5.182   16.723  1.00 32.61 ? 47  LYS A CE  1 
ATOM   333  N  NZ  . LYS A 1 43  ? 8.191   5.164   17.217  1.00 35.36 ? 47  LYS A NZ  1 
ATOM   334  N  N   . TYR A 1 44  ? 7.698   -0.152  13.509  1.00 23.20 ? 48  TYR A N   1 
ATOM   335  C  CA  . TYR A 1 44  ? 6.239   -0.408  13.534  1.00 22.40 ? 48  TYR A CA  1 
ATOM   336  C  C   . TYR A 1 44  ? 5.871   -1.858  13.270  1.00 22.22 ? 48  TYR A C   1 
ATOM   337  O  O   . TYR A 1 44  ? 4.693   -2.207  13.267  1.00 20.75 ? 48  TYR A O   1 
ATOM   338  C  CB  . TYR A 1 44  ? 5.520   0.490   12.517  1.00 22.84 ? 48  TYR A CB  1 
ATOM   339  C  CG  . TYR A 1 44  ? 6.004   1.911   12.591  1.00 22.27 ? 48  TYR A CG  1 
ATOM   340  C  CD1 . TYR A 1 44  ? 5.741   2.705   13.715  1.00 23.72 ? 48  TYR A CD1 1 
ATOM   341  C  CD2 . TYR A 1 44  ? 6.769   2.445   11.554  1.00 21.75 ? 48  TYR A CD2 1 
ATOM   342  C  CE1 . TYR A 1 44  ? 6.234   4.029   13.789  1.00 24.99 ? 48  TYR A CE1 1 
ATOM   343  C  CE2 . TYR A 1 44  ? 7.255   3.738   11.618  1.00 22.50 ? 48  TYR A CE2 1 
ATOM   344  C  CZ  . TYR A 1 44  ? 6.996   4.519   12.726  1.00 24.04 ? 48  TYR A CZ  1 
ATOM   345  O  OH  . TYR A 1 44  ? 7.510   5.812   12.735  1.00 26.65 ? 48  TYR A OH  1 
ATOM   346  N  N   . LYS A 1 45  ? 6.884   -2.697  13.067  1.00 21.97 ? 49  LYS A N   1 
ATOM   347  C  CA  . LYS A 1 45  ? 6.637   -4.076  12.650  1.00 22.21 ? 49  LYS A CA  1 
ATOM   348  C  C   . LYS A 1 45  ? 5.722   -4.861  13.589  1.00 21.66 ? 49  LYS A C   1 
ATOM   349  O  O   . LYS A 1 45  ? 4.895   -5.643  13.110  1.00 21.51 ? 49  LYS A O   1 
ATOM   350  C  CB  . LYS A 1 45  ? 7.948   -4.817  12.446  1.00 21.89 ? 49  LYS A CB  1 
ATOM   351  C  CG  . LYS A 1 45  ? 7.791   -6.271  12.028  1.00 22.45 ? 49  LYS A CG  1 
ATOM   352  C  CD  . LYS A 1 45  ? 9.117   -6.826  11.503  1.00 23.37 ? 49  LYS A CD  1 
ATOM   353  C  CE  . LYS A 1 45  ? 9.007   -8.285  11.115  1.00 24.91 ? 49  LYS A CE  1 
ATOM   354  N  NZ  . LYS A 1 45  ? 10.357  -8.871  10.830  1.00 28.03 ? 49  LYS A NZ  1 
ATOM   355  N  N   . GLU A 1 46  ? 5.873   -4.676  14.911  1.00 22.36 ? 50  GLU A N   1 
ATOM   356  C  CA  . GLU A 1 46  ? 5.044   -5.375  15.888  1.00 21.92 ? 50  GLU A CA  1 
ATOM   357  C  C   . GLU A 1 46  ? 3.574   -4.977  15.685  1.00 21.60 ? 50  GLU A C   1 
ATOM   358  O  O   . GLU A 1 46  ? 2.682   -5.845  15.712  1.00 21.11 ? 50  GLU A O   1 
ATOM   359  C  CB  . GLU A 1 46  ? 5.494   -5.050  17.334  1.00 22.24 ? 50  GLU A CB  1 
ATOM   360  C  CG  . GLU A 1 46  ? 4.564   -5.636  18.433  1.00 23.57 ? 50  GLU A CG  1 
ATOM   361  C  CD  . GLU A 1 46  ? 4.716   -4.969  19.828  1.00 25.02 ? 50  GLU A CD  1 
ATOM   362  O  OE1 . GLU A 1 46  ? 5.727   -4.288  20.065  1.00 30.14 ? 50  GLU A OE1 1 
ATOM   363  O  OE2 . GLU A 1 46  ? 3.805   -5.124  20.672  1.00 27.71 ? 50  GLU A OE2 1 
ATOM   364  N  N   . LEU A 1 47  ? 3.330   -3.680  15.444  1.00 20.30 ? 51  LEU A N   1 
ATOM   365  C  CA  . LEU A 1 47  ? 1.953   -3.195  15.251  1.00 19.91 ? 51  LEU A CA  1 
ATOM   366  C  C   . LEU A 1 47  ? 1.388   -3.637  13.902  1.00 19.17 ? 51  LEU A C   1 
ATOM   367  O  O   . LEU A 1 47  ? 0.220   -4.007  13.804  1.00 18.98 ? 51  LEU A O   1 
ATOM   368  C  CB  . LEU A 1 47  ? 1.835   -1.653  15.343  1.00 19.64 ? 51  LEU A CB  1 
ATOM   369  C  CG  . LEU A 1 47  ? 2.527   -0.988  16.524  1.00 22.55 ? 51  LEU A CG  1 
ATOM   370  C  CD1 . LEU A 1 47  ? 2.278   0.533   16.490  1.00 23.48 ? 51  LEU A CD1 1 
ATOM   371  C  CD2 . LEU A 1 47  ? 2.038   -1.602  17.807  1.00 22.64 ? 51  LEU A CD2 1 
ATOM   372  N  N   . ILE A 1 48  ? 2.224   -3.558  12.880  1.00 18.75 ? 52  ILE A N   1 
ATOM   373  C  CA  . ILE A 1 48  ? 1.861   -3.968  11.510  1.00 19.03 ? 52  ILE A CA  1 
ATOM   374  C  C   . ILE A 1 48  ? 1.425   -5.444  11.503  1.00 18.45 ? 52  ILE A C   1 
ATOM   375  O  O   . ILE A 1 48  ? 0.383   -5.795  10.936  1.00 18.86 ? 52  ILE A O   1 
ATOM   376  C  CB  . ILE A 1 48  ? 3.031   -3.721  10.506  1.00 19.00 ? 52  ILE A CB  1 
ATOM   377  C  CG1 . ILE A 1 48  ? 3.242   -2.204  10.301  1.00 18.59 ? 52  ILE A CG1 1 
ATOM   378  C  CG2 . ILE A 1 48  ? 2.778   -4.447  9.146   1.00 17.45 ? 52  ILE A CG2 1 
ATOM   379  C  CD1 . ILE A 1 48  ? 4.531   -1.823  9.601   1.00 20.36 ? 52  ILE A CD1 1 
ATOM   380  N  N   . THR A 1 49  ? 2.207   -6.289  12.172  1.00 18.88 ? 53  THR A N   1 
ATOM   381  C  CA  . THR A 1 49  ? 1.912   -7.730  12.229  1.00 19.93 ? 53  THR A CA  1 
ATOM   382  C  C   . THR A 1 49  ? 0.580   -7.985  12.919  1.00 20.15 ? 53  THR A C   1 
ATOM   383  O  O   . THR A 1 49  ? -0.285  -8.714  12.403  1.00 20.90 ? 53  THR A O   1 
ATOM   384  C  CB  . THR A 1 49  ? 3.100   -8.519  12.878  1.00 19.32 ? 53  THR A CB  1 
ATOM   385  O  OG1 . THR A 1 49  ? 4.275   -8.318  12.090  1.00 21.58 ? 53  THR A OG1 1 
ATOM   386  C  CG2 . THR A 1 49  ? 2.808   -10.019 12.937  1.00 17.69 ? 53  THR A CG2 1 
ATOM   387  N  N   . ARG A 1 50  ? 0.389   -7.366  14.081  1.00 19.67 ? 54  ARG A N   1 
ATOM   388  C  CA  . ARG A 1 50  ? -0.816  -7.560  14.853  1.00 20.83 ? 54  ARG A CA  1 
ATOM   389  C  C   . ARG A 1 50  ? -2.056  -7.094  14.094  1.00 19.69 ? 54  ARG A C   1 
ATOM   390  O  O   . ARG A 1 50  ? -3.098  -7.773  14.095  1.00 19.98 ? 54  ARG A O   1 
ATOM   391  C  CB  . ARG A 1 50  ? -0.705  -6.750  16.130  1.00 21.92 ? 54  ARG A CB  1 
ATOM   392  C  CG  . ARG A 1 50  ? -1.854  -6.949  17.057  1.00 27.13 ? 54  ARG A CG  1 
ATOM   393  C  CD  . ARG A 1 50  ? -1.406  -7.667  18.328  1.00 35.86 ? 54  ARG A CD  1 
ATOM   394  N  NE  . ARG A 1 50  ? -0.097  -7.223  18.862  1.00 39.27 ? 54  ARG A NE  1 
ATOM   395  C  CZ  . ARG A 1 50  ? 0.216   -5.974  19.212  1.00 39.68 ? 54  ARG A CZ  1 
ATOM   396  N  NH1 . ARG A 1 50  ? -0.651  -4.994  19.045  1.00 39.71 ? 54  ARG A NH1 1 
ATOM   397  N  NH2 . ARG A 1 50  ? 1.415   -5.705  19.715  1.00 40.82 ? 54  ARG A NH2 1 
ATOM   398  N  N   . VAL A 1 51  ? -1.951  -5.939  13.433  1.00 18.54 ? 55  VAL A N   1 
ATOM   399  C  CA  . VAL A 1 51  ? -3.105  -5.391  12.689  1.00 18.24 ? 55  VAL A CA  1 
ATOM   400  C  C   . VAL A 1 51  ? -3.434  -6.324  11.523  1.00 17.32 ? 55  VAL A C   1 
ATOM   401  O  O   . VAL A 1 51  ? -4.608  -6.643  11.275  1.00 18.08 ? 55  VAL A O   1 
ATOM   402  C  CB  . VAL A 1 51  ? -2.836  -3.935  12.197  1.00 17.69 ? 55  VAL A CB  1 
ATOM   403  C  CG1 . VAL A 1 51  ? -3.891  -3.458  11.188  1.00 15.70 ? 55  VAL A CG1 1 
ATOM   404  C  CG2 . VAL A 1 51  ? -2.742  -2.971  13.408  1.00 18.19 ? 55  VAL A CG2 1 
ATOM   405  N  N   . GLY A 1 52  ? -2.402  -6.774  10.826  1.00 17.84 ? 56  GLY A N   1 
ATOM   406  C  CA  . GLY A 1 52  ? -2.585  -7.689  9.703   1.00 17.18 ? 56  GLY A CA  1 
ATOM   407  C  C   . GLY A 1 52  ? -3.308  -8.952  10.156  1.00 17.09 ? 56  GLY A C   1 
ATOM   408  O  O   . GLY A 1 52  ? -4.199  -9.466  9.484   1.00 16.71 ? 56  GLY A O   1 
ATOM   409  N  N   . GLN A 1 53  ? -2.956  -9.443  11.333  1.00 17.64 ? 57  GLN A N   1 
ATOM   410  C  CA  . GLN A 1 53  ? -3.524  -10.696 11.799  1.00 18.84 ? 57  GLN A CA  1 
ATOM   411  C  C   . GLN A 1 53  ? -4.972  -10.511 12.190  1.00 20.23 ? 57  GLN A C   1 
ATOM   412  O  O   . GLN A 1 53  ? -5.834  -11.332 11.860  1.00 20.26 ? 57  GLN A O   1 
ATOM   413  C  CB  . GLN A 1 53  ? -2.689  -11.263 12.946  1.00 18.28 ? 57  GLN A CB  1 
ATOM   414  C  CG  . GLN A 1 53  ? -1.311  -11.657 12.486  1.00 18.74 ? 57  GLN A CG  1 
ATOM   415  C  CD  . GLN A 1 53  ? -0.512  -12.398 13.552  1.00 22.43 ? 57  GLN A CD  1 
ATOM   416  O  OE1 . GLN A 1 53  ? -0.818  -12.324 14.751  1.00 21.69 ? 57  GLN A OE1 1 
ATOM   417  N  NE2 . GLN A 1 53  ? 0.528   -13.102 13.117  1.00 23.69 ? 57  GLN A NE2 1 
ATOM   418  N  N   . LYS A 1 54  ? -5.254  -9.404  12.858  1.00 21.91 ? 58  LYS A N   1 
ATOM   419  C  CA  . LYS A 1 54  ? -6.619  -9.102  13.294  1.00 23.20 ? 58  LYS A CA  1 
ATOM   420  C  C   . LYS A 1 54  ? -7.607  -8.887  12.142  1.00 23.23 ? 58  LYS A C   1 
ATOM   421  O  O   . LYS A 1 54  ? -8.800  -9.189  12.285  1.00 23.59 ? 58  LYS A O   1 
ATOM   422  C  CB  . LYS A 1 54  ? -6.628  -7.915  14.244  1.00 24.62 ? 58  LYS A CB  1 
ATOM   423  C  CG  . LYS A 1 54  ? -6.250  -8.315  15.658  1.00 29.60 ? 58  LYS A CG  1 
ATOM   424  C  CD  . LYS A 1 54  ? -6.198  -7.114  16.572  1.00 35.41 ? 58  LYS A CD  1 
ATOM   425  C  CE  . LYS A 1 54  ? -6.505  -7.526  17.988  1.00 39.51 ? 58  LYS A CE  1 
ATOM   426  N  NZ  . LYS A 1 54  ? -6.381  -6.341  18.872  1.00 42.68 ? 58  LYS A NZ  1 
ATOM   427  N  N   . HIS A 1 55  ? -7.119  -8.371  11.020  1.00 21.71 ? 59  HIS A N   1 
ATOM   428  C  CA  . HIS A 1 55  ? -7.955  -8.081  9.854   1.00 22.19 ? 59  HIS A CA  1 
ATOM   429  C  C   . HIS A 1 55  ? -7.855  -9.107  8.736   1.00 21.52 ? 59  HIS A C   1 
ATOM   430  O  O   . HIS A 1 55  ? -8.609  -9.053  7.752   1.00 22.40 ? 59  HIS A O   1 
ATOM   431  C  CB  . HIS A 1 55  ? -7.610  -6.694  9.307   1.00 22.63 ? 59  HIS A CB  1 
ATOM   432  C  CG  . HIS A 1 55  ? -7.951  -5.591  10.251  1.00 25.71 ? 59  HIS A CG  1 
ATOM   433  N  ND1 . HIS A 1 55  ? -9.208  -5.023  10.308  1.00 29.18 ? 59  HIS A ND1 1 
ATOM   434  C  CD2 . HIS A 1 55  ? -7.210  -4.966  11.196  1.00 27.53 ? 59  HIS A CD2 1 
ATOM   435  C  CE1 . HIS A 1 55  ? -9.218  -4.088  11.243  1.00 31.22 ? 59  HIS A CE1 1 
ATOM   436  N  NE2 . HIS A 1 55  ? -8.018  -4.026  11.789  1.00 27.29 ? 59  HIS A NE2 1 
ATOM   437  N  N   . GLY A 1 56  ? -6.928  -10.037 8.899   1.00 20.22 ? 60  GLY A N   1 
ATOM   438  C  CA  . GLY A 1 56  ? -6.707  -11.129 7.944   1.00 19.47 ? 60  GLY A CA  1 
ATOM   439  C  C   . GLY A 1 56  ? -6.057  -10.687 6.643   1.00 18.79 ? 60  GLY A C   1 
ATOM   440  O  O   . GLY A 1 56  ? -6.437  -11.132 5.544   1.00 18.31 ? 60  GLY A O   1 
ATOM   441  N  N   . LEU A 1 57  ? -5.075  -9.807  6.775   1.00 17.95 ? 61  LEU A N   1 
ATOM   442  C  CA  . LEU A 1 57  ? -4.327  -9.301  5.623   1.00 17.80 ? 61  LEU A CA  1 
ATOM   443  C  C   . LEU A 1 57  ? -2.847  -9.460  5.895   1.00 17.80 ? 61  LEU A C   1 
ATOM   444  O  O   . LEU A 1 57  ? -2.400  -9.149  6.980   1.00 19.04 ? 61  LEU A O   1 
ATOM   445  C  CB  . LEU A 1 57  ? -4.604  -7.818  5.406   1.00 17.15 ? 61  LEU A CB  1 
ATOM   446  C  CG  . LEU A 1 57  ? -3.904  -7.140  4.221   1.00 17.57 ? 61  LEU A CG  1 
ATOM   447  C  CD1 . LEU A 1 57  ? -4.386  -7.792  2.912   1.00 17.16 ? 61  LEU A CD1 1 
ATOM   448  C  CD2 . LEU A 1 57  ? -4.212  -5.601  4.256   1.00 17.42 ? 61  LEU A CD2 1 
ATOM   449  N  N   . ASP A 1 58  ? -2.090  -9.886  4.891   1.00 19.51 ? 62  ASP A N   1 
ATOM   450  C  CA  . ASP A 1 58  ? -0.654  -10.056 5.042   1.00 18.74 ? 62  ASP A CA  1 
ATOM   451  C  C   . ASP A 1 58  ? 0.035   -8.793  5.572   1.00 18.97 ? 62  ASP A C   1 
ATOM   452  O  O   . ASP A 1 58  ? -0.113  -7.715  4.980   1.00 19.30 ? 62  ASP A O   1 
ATOM   453  C  CB  . ASP A 1 58  ? -0.047  -10.406 3.694   1.00 20.72 ? 62  ASP A CB  1 
ATOM   454  C  CG  . ASP A 1 58  ? 1.259   -11.090 3.827   1.00 23.25 ? 62  ASP A CG  1 
ATOM   455  O  OD1 . ASP A 1 58  ? 2.210   -10.513 4.407   1.00 26.12 ? 62  ASP A OD1 1 
ATOM   456  O  OD2 . ASP A 1 58  ? 1.351   -12.224 3.323   1.00 27.00 ? 62  ASP A OD2 1 
ATOM   457  N  N   . PRO A 1 59  ? 0.780   -8.899  6.699   1.00 18.09 ? 63  PRO A N   1 
ATOM   458  C  CA  . PRO A 1 59  ? 1.527   -7.739  7.198   1.00 17.50 ? 63  PRO A CA  1 
ATOM   459  C  C   . PRO A 1 59  ? 2.466   -7.125  6.152   1.00 17.05 ? 63  PRO A C   1 
ATOM   460  O  O   . PRO A 1 59  ? 2.709   -5.926  6.186   1.00 18.08 ? 63  PRO A O   1 
ATOM   461  C  CB  . PRO A 1 59  ? 2.299   -8.308  8.400   1.00 18.12 ? 63  PRO A CB  1 
ATOM   462  C  CG  . PRO A 1 59  ? 1.383   -9.408  8.921   1.00 15.76 ? 63  PRO A CG  1 
ATOM   463  C  CD  . PRO A 1 59  ? 0.851   -10.050 7.630   1.00 18.48 ? 63  PRO A CD  1 
ATOM   464  N  N   . ALA A 1 60  ? 3.002   -7.923  5.234   1.00 16.48 ? 64  ALA A N   1 
ATOM   465  C  CA  . ALA A 1 60  ? 3.909   -7.373  4.228   1.00 15.26 ? 64  ALA A CA  1 
ATOM   466  C  C   . ALA A 1 60  ? 3.187   -6.372  3.277   1.00 14.71 ? 64  ALA A C   1 
ATOM   467  O  O   . ALA A 1 60  ? 3.789   -5.427  2.810   1.00 13.92 ? 64  ALA A O   1 
ATOM   468  C  CB  . ALA A 1 60  ? 4.617   -8.521  3.436   1.00 16.54 ? 64  ALA A CB  1 
ATOM   469  N  N   . ILE A 1 61  ? 1.890   -6.581  3.031   1.00 14.84 ? 65  ILE A N   1 
ATOM   470  C  CA  . ILE A 1 61  ? 1.088   -5.660  2.208   1.00 14.27 ? 65  ILE A CA  1 
ATOM   471  C  C   . ILE A 1 61  ? 0.880   -4.322  2.962   1.00 13.72 ? 65  ILE A C   1 
ATOM   472  O  O   . ILE A 1 61  ? 0.951   -3.253  2.368   1.00 13.57 ? 65  ILE A O   1 
ATOM   473  C  CB  . ILE A 1 61  ? -0.289  -6.280  1.890   1.00 13.95 ? 65  ILE A CB  1 
ATOM   474  C  CG1 . ILE A 1 61  ? -0.143  -7.519  0.973   1.00 15.87 ? 65  ILE A CG1 1 
ATOM   475  C  CG2 . ILE A 1 61  ? -1.259  -5.193  1.297   1.00 12.71 ? 65  ILE A CG2 1 
ATOM   476  C  CD1 . ILE A 1 61  ? 0.074   -7.183  -0.512  1.00 20.36 ? 65  ILE A CD1 1 
ATOM   477  N  N   . ILE A 1 62  ? 0.587   -4.400  4.252   1.00 13.64 ? 66  ILE A N   1 
ATOM   478  C  CA  . ILE A 1 62  ? 0.496   -3.194  5.100   1.00 15.34 ? 66  ILE A CA  1 
ATOM   479  C  C   . ILE A 1 62  ? 1.811   -2.414  5.050   1.00 15.55 ? 66  ILE A C   1 
ATOM   480  O  O   . ILE A 1 62  ? 1.802   -1.193  4.848   1.00 15.36 ? 66  ILE A O   1 
ATOM   481  C  CB  . ILE A 1 62  ? 0.026   -3.501  6.528   1.00 14.75 ? 66  ILE A CB  1 
ATOM   482  C  CG1 . ILE A 1 62  ? -1.410  -4.065  6.523   1.00 17.02 ? 66  ILE A CG1 1 
ATOM   483  C  CG2 . ILE A 1 62  ? 0.086   -2.250  7.384   1.00 15.95 ? 66  ILE A CG2 1 
ATOM   484  C  CD1 . ILE A 1 62  ? -1.852  -4.663  7.860   1.00 15.52 ? 66  ILE A CD1 1 
ATOM   485  N  N   . ALA A 1 63  ? 2.935   -3.117  5.151   1.00 15.69 ? 67  ALA A N   1 
ATOM   486  C  CA  . ALA A 1 63  ? 4.241   -2.472  5.019   1.00 15.71 ? 67  ALA A CA  1 
ATOM   487  C  C   . ALA A 1 63  ? 4.469   -1.827  3.662   1.00 15.87 ? 67  ALA A C   1 
ATOM   488  O  O   . ALA A 1 63  ? 5.031   -0.755  3.574   1.00 15.46 ? 67  ALA A O   1 
ATOM   489  C  CB  . ALA A 1 63  ? 5.359   -3.503  5.313   1.00 15.93 ? 67  ALA A CB  1 
ATOM   490  N  N   . GLY A 1 64  ? 4.028   -2.487  2.596   1.00 15.81 ? 68  GLY A N   1 
ATOM   491  C  CA  . GLY A 1 64  ? 4.171   -1.940  1.272   1.00 15.54 ? 68  GLY A CA  1 
ATOM   492  C  C   . GLY A 1 64  ? 3.398   -0.663  1.133   1.00 15.16 ? 68  GLY A C   1 
ATOM   493  O  O   . GLY A 1 64  ? 3.892   0.280   0.545   1.00 14.53 ? 68  GLY A O   1 
ATOM   494  N  N   . ILE A 1 65  ? 2.166   -0.664  1.668   1.00 13.94 ? 69  ILE A N   1 
ATOM   495  C  CA  . ILE A 1 65  ? 1.324   0.532   1.670   1.00 14.24 ? 69  ILE A CA  1 
ATOM   496  C  C   . ILE A 1 65  ? 2.042   1.645   2.434   1.00 14.30 ? 69  ILE A C   1 
ATOM   497  O  O   . ILE A 1 65  ? 2.190   2.743   1.905   1.00 14.98 ? 69  ILE A O   1 
ATOM   498  C  CB  . ILE A 1 65  ? -0.078  0.236   2.271   1.00 13.52 ? 69  ILE A CB  1 
ATOM   499  C  CG1 . ILE A 1 65  ? -0.891  -0.762  1.403   1.00 13.26 ? 69  ILE A CG1 1 
ATOM   500  C  CG2 . ILE A 1 65  ? -0.929  1.529   2.514   1.00 12.95 ? 69  ILE A CG2 1 
ATOM   501  C  CD1 . ILE A 1 65  ? -1.617  -0.122  0.251   1.00 15.75 ? 69  ILE A CD1 1 
ATOM   502  N  N   . ILE A 1 66  ? 2.451   1.375   3.674   1.00 14.02 ? 70  ILE A N   1 
ATOM   503  C  CA  . ILE A 1 66  ? 3.140   2.388   4.488   1.00 14.56 ? 70  ILE A CA  1 
ATOM   504  C  C   . ILE A 1 66  ? 4.403   2.932   3.790   1.00 14.99 ? 70  ILE A C   1 
ATOM   505  O  O   . ILE A 1 66  ? 4.614   4.122   3.775   1.00 15.55 ? 70  ILE A O   1 
ATOM   506  C  CB  . ILE A 1 66  ? 3.501   1.834   5.864   1.00 14.72 ? 70  ILE A CB  1 
ATOM   507  C  CG1 . ILE A 1 66  ? 2.236   1.508   6.660   1.00 12.60 ? 70  ILE A CG1 1 
ATOM   508  C  CG2 . ILE A 1 66  ? 4.393   2.834   6.622   1.00 14.67 ? 70  ILE A CG2 1 
ATOM   509  C  CD1 . ILE A 1 66  ? 2.538   0.692   7.908   1.00 9.48  ? 70  ILE A CD1 1 
ATOM   510  N  N   . SER A 1 67  ? 5.222   2.070   3.188   1.00 15.80 ? 71  SER A N   1 
ATOM   511  C  CA  . SER A 1 67  ? 6.377   2.562   2.433   1.00 16.19 ? 71  SER A CA  1 
ATOM   512  C  C   . SER A 1 67  ? 5.944   3.499   1.302   1.00 15.93 ? 71  SER A C   1 
ATOM   513  O  O   . SER A 1 67  ? 6.430   4.622   1.172   1.00 17.62 ? 71  SER A O   1 
ATOM   514  C  CB  . SER A 1 67  ? 7.191   1.393   1.908   1.00 16.92 ? 71  SER A CB  1 
ATOM   515  O  OG  . SER A 1 67  ? 8.213   1.834   1.027   1.00 19.43 ? 71  SER A OG  1 
ATOM   516  N  N   . ARG A 1 68  ? 4.966   3.080   0.511   1.00 14.91 ? 72  ARG A N   1 
ATOM   517  C  CA  . ARG A 1 68  ? 4.545   3.893   -0.617  1.00 15.48 ? 72  ARG A CA  1 
ATOM   518  C  C   . ARG A 1 68  ? 3.923   5.231   -0.157  1.00 15.55 ? 72  ARG A C   1 
ATOM   519  O  O   . ARG A 1 68  ? 4.290   6.312   -0.659  1.00 15.92 ? 72  ARG A O   1 
ATOM   520  C  CB  . ARG A 1 68  ? 3.554   3.116   -1.476  1.00 13.92 ? 72  ARG A CB  1 
ATOM   521  C  CG  . ARG A 1 68  ? 2.835   3.966   -2.556  1.00 16.74 ? 72  ARG A CG  1 
ATOM   522  C  CD  . ARG A 1 68  ? 3.769   4.541   -3.650  1.00 17.35 ? 72  ARG A CD  1 
ATOM   523  N  NE  . ARG A 1 68  ? 2.967   5.355   -4.556  1.00 18.08 ? 72  ARG A NE  1 
ATOM   524  C  CZ  . ARG A 1 68  ? 2.928   5.238   -5.877  1.00 17.26 ? 72  ARG A CZ  1 
ATOM   525  N  NH1 . ARG A 1 68  ? 3.663   4.317   -6.491  1.00 16.35 ? 72  ARG A NH1 1 
ATOM   526  N  NH2 . ARG A 1 68  ? 2.133   6.017   -6.577  1.00 18.42 ? 72  ARG A NH2 1 
ATOM   527  N  N   . GLU A 1 69  ? 2.980   5.148   0.779   1.00 15.67 ? 73  GLU A N   1 
ATOM   528  C  CA  . GLU A 1 69  ? 2.253   6.313   1.261   1.00 16.12 ? 73  GLU A CA  1 
ATOM   529  C  C   . GLU A 1 69  ? 3.089   7.383   1.994   1.00 16.78 ? 73  GLU A C   1 
ATOM   530  O  O   . GLU A 1 69  ? 2.861   8.580   1.792   1.00 17.58 ? 73  GLU A O   1 
ATOM   531  C  CB  . GLU A 1 69  ? 1.073   5.900   2.156   1.00 14.72 ? 73  GLU A CB  1 
ATOM   532  C  CG  . GLU A 1 69  ? -0.090  5.215   1.420   1.00 17.05 ? 73  GLU A CG  1 
ATOM   533  C  CD  . GLU A 1 69  ? -0.765  6.127   0.421   1.00 18.28 ? 73  GLU A CD  1 
ATOM   534  O  OE1 . GLU A 1 69  ? -0.532  7.382   0.441   1.00 19.13 ? 73  GLU A OE1 1 
ATOM   535  O  OE2 . GLU A 1 69  ? -1.521  5.593   -0.403  1.00 18.67 ? 73  GLU A OE2 1 
ATOM   536  N  N   . SER A 1 70  ? 4.016   6.950   2.841   1.00 17.39 ? 74  SER A N   1 
ATOM   537  C  CA  . SER A 1 70  ? 4.655   7.878   3.789   1.00 17.91 ? 74  SER A CA  1 
ATOM   538  C  C   . SER A 1 70  ? 6.154   7.706   3.938   1.00 18.57 ? 74  SER A C   1 
ATOM   539  O  O   . SER A 1 70  ? 6.798   8.436   4.723   1.00 18.46 ? 74  SER A O   1 
ATOM   540  C  CB  . SER A 1 70  ? 3.978   7.757   5.150   1.00 17.78 ? 74  SER A CB  1 
ATOM   541  O  OG  . SER A 1 70  ? 4.336   6.553   5.824   1.00 16.36 ? 74  SER A OG  1 
ATOM   542  N  N   . ARG A 1 71  ? 6.705   6.760   3.188   1.00 19.12 ? 75  ARG A N   1 
ATOM   543  C  CA  . ARG A 1 71  ? 8.067   6.289   3.366   1.00 19.70 ? 75  ARG A CA  1 
ATOM   544  C  C   . ARG A 1 71  ? 8.278   5.949   4.863   1.00 20.76 ? 75  ARG A C   1 
ATOM   545  O  O   . ARG A 1 71  ? 9.247   6.405   5.493   1.00 21.36 ? 75  ARG A O   1 
ATOM   546  C  CB  . ARG A 1 71  ? 9.085   7.338   2.843   1.00 19.74 ? 75  ARG A CB  1 
ATOM   547  C  CG  . ARG A 1 71  ? 8.788   7.899   1.436   1.00 21.99 ? 75  ARG A CG  1 
ATOM   548  C  CD  . ARG A 1 71  ? 8.757   6.774   0.369   1.00 22.58 ? 75  ARG A CD  1 
ATOM   549  N  NE  . ARG A 1 71  ? 9.939   5.899   0.373   1.00 22.63 ? 75  ARG A NE  1 
ATOM   550  C  CZ  . ARG A 1 71  ? 11.060  6.129   -0.316  1.00 24.24 ? 75  ARG A CZ  1 
ATOM   551  N  NH1 . ARG A 1 71  ? 11.204  7.237   -1.043  1.00 23.12 ? 75  ARG A NH1 1 
ATOM   552  N  NH2 . ARG A 1 71  ? 12.059  5.257   -0.261  1.00 23.74 ? 75  ARG A NH2 1 
ATOM   553  N  N   . ALA A 1 72  ? 7.332   5.195   5.442   1.00 20.41 ? 76  ALA A N   1 
ATOM   554  C  CA  . ALA A 1 72  ? 7.382   4.799   6.849   1.00 20.79 ? 76  ALA A CA  1 
ATOM   555  C  C   . ALA A 1 72  ? 7.597   6.019   7.775   1.00 21.86 ? 76  ALA A C   1 
ATOM   556  O  O   . ALA A 1 72  ? 8.293   5.920   8.793   1.00 22.31 ? 76  ALA A O   1 
ATOM   557  C  CB  . ALA A 1 72  ? 8.466   3.709   7.065   1.00 21.09 ? 76  ALA A CB  1 
ATOM   558  N  N   . GLY A 1 73  ? 6.988   7.144   7.402   1.00 21.75 ? 77  GLY A N   1 
ATOM   559  C  CA  . GLY A 1 73  ? 6.971   8.375   8.206   1.00 22.83 ? 77  GLY A CA  1 
ATOM   560  C  C   . GLY A 1 73  ? 7.887   9.475   7.682   1.00 23.16 ? 77  GLY A C   1 
ATOM   561  O  O   . GLY A 1 73  ? 7.633   10.643  7.913   1.00 22.94 ? 77  GLY A O   1 
ATOM   562  N  N   . SER A 1 74  ? 8.941   9.109   6.964   1.00 23.64 ? 78  SER A N   1 
ATOM   563  C  CA  . SER A 1 74  ? 9.965   10.097  6.525   1.00 25.40 ? 78  SER A CA  1 
ATOM   564  C  C   . SER A 1 74  ? 9.457   11.257  5.666   1.00 24.83 ? 78  SER A C   1 
ATOM   565  O  O   . SER A 1 74  ? 10.054  12.343  5.680   1.00 25.01 ? 78  SER A O   1 
ATOM   566  C  CB  . SER A 1 74  ? 11.090  9.408   5.763   1.00 25.25 ? 78  SER A CB  1 
ATOM   567  O  OG  . SER A 1 74  ? 11.739  8.462   6.589   1.00 30.01 ? 78  SER A OG  1 
ATOM   568  N  N   . ALA A 1 75  ? 8.392   11.008  4.902   1.00 23.48 ? 79  ALA A N   1 
ATOM   569  C  CA  . ALA A 1 75  ? 7.837   11.979  3.947   1.00 23.36 ? 79  ALA A CA  1 
ATOM   570  C  C   . ALA A 1 75  ? 6.729   12.828  4.530   1.00 22.37 ? 79  ALA A C   1 
ATOM   571  O  O   . ALA A 1 75  ? 6.155   13.657  3.820   1.00 23.27 ? 79  ALA A O   1 
ATOM   572  C  CB  . ALA A 1 75  ? 7.291   11.250  2.735   1.00 23.50 ? 79  ALA A CB  1 
ATOM   573  N  N   . LEU A 1 76  ? 6.402   12.616  5.798   1.00 21.37 ? 80  LEU A N   1 
ATOM   574  C  CA  . LEU A 1 76  ? 5.291   13.346  6.430   1.00 20.99 ? 80  LEU A CA  1 
ATOM   575  C  C   . LEU A 1 76  ? 5.790   14.577  7.182   1.00 20.65 ? 80  LEU A C   1 
ATOM   576  O  O   . LEU A 1 76  ? 6.947   14.617  7.578   1.00 21.22 ? 80  LEU A O   1 
ATOM   577  C  CB  . LEU A 1 76  ? 4.543   12.429  7.404   1.00 20.77 ? 80  LEU A CB  1 
ATOM   578  C  CG  . LEU A 1 76  ? 4.124   11.078  6.791   1.00 19.92 ? 80  LEU A CG  1 
ATOM   579  C  CD1 . LEU A 1 76  ? 3.402   10.237  7.807   1.00 21.83 ? 80  LEU A CD1 1 
ATOM   580  C  CD2 . LEU A 1 76  ? 3.251   11.321  5.590   1.00 21.29 ? 80  LEU A CD2 1 
ATOM   581  N  N   . ASP A 1 77  ? 4.910   15.554  7.368   1.00 20.85 ? 81  ASP A N   1 
ATOM   582  C  CA  . ASP A 1 77  ? 5.192   16.687  8.264   1.00 20.52 ? 81  ASP A CA  1 
ATOM   583  C  C   . ASP A 1 77  ? 4.330   16.517  9.510   1.00 19.96 ? 81  ASP A C   1 
ATOM   584  O  O   . ASP A 1 77  ? 3.132   16.809  9.503   1.00 19.14 ? 81  ASP A O   1 
ATOM   585  C  CB  . ASP A 1 77  ? 4.907   18.034  7.589   1.00 21.81 ? 81  ASP A CB  1 
ATOM   586  C  CG  . ASP A 1 77  ? 5.421   19.229  8.419   1.00 23.83 ? 81  ASP A CG  1 
ATOM   587  O  OD1 . ASP A 1 77  ? 6.270   19.016  9.317   1.00 26.66 ? 81  ASP A OD1 1 
ATOM   588  O  OD2 . ASP A 1 77  ? 4.962   20.386  8.186   1.00 29.03 ? 81  ASP A OD2 1 
ATOM   589  N  N   . HIS A 1 78  ? 4.940   16.009  10.583  1.00 20.50 ? 82  HIS A N   1 
ATOM   590  C  CA  . HIS A 1 78  ? 4.215   15.746  11.828  1.00 21.42 ? 82  HIS A CA  1 
ATOM   591  C  C   . HIS A 1 78  ? 2.925   14.999  11.575  1.00 21.01 ? 82  HIS A C   1 
ATOM   592  O  O   . HIS A 1 78  ? 1.863   15.343  12.094  1.00 21.45 ? 82  HIS A O   1 
ATOM   593  C  CB  . HIS A 1 78  ? 4.000   17.047  12.640  1.00 22.45 ? 82  HIS A CB  1 
ATOM   594  C  CG  . HIS A 1 78  ? 5.288   17.703  13.009  1.00 25.53 ? 82  HIS A CG  1 
ATOM   595  N  ND1 . HIS A 1 78  ? 5.708   18.891  12.456  1.00 29.73 ? 82  HIS A ND1 1 
ATOM   596  C  CD2 . HIS A 1 78  ? 6.283   17.298  13.836  1.00 27.64 ? 82  HIS A CD2 1 
ATOM   597  C  CE1 . HIS A 1 78  ? 6.905   19.196  12.930  1.00 29.17 ? 82  HIS A CE1 1 
ATOM   598  N  NE2 . HIS A 1 78  ? 7.275   18.248  13.774  1.00 30.72 ? 82  HIS A NE2 1 
ATOM   599  N  N   . GLY A 1 79  ? 3.043   13.941  10.776  1.00 20.79 ? 83  GLY A N   1 
ATOM   600  C  CA  . GLY A 1 79  ? 1.919   13.038  10.570  1.00 19.34 ? 83  GLY A CA  1 
ATOM   601  C  C   . GLY A 1 79  ? 1.131   13.281  9.301   1.00 18.59 ? 83  GLY A C   1 
ATOM   602  O  O   . GLY A 1 79  ? 0.372   12.404  8.875   1.00 18.38 ? 83  GLY A O   1 
ATOM   603  N  N   . TRP A 1 80  ? 1.343   14.449  8.677   1.00 17.12 ? 84  TRP A N   1 
ATOM   604  C  CA  . TRP A 1 80  ? 0.568   14.879  7.498   1.00 17.65 ? 84  TRP A CA  1 
ATOM   605  C  C   . TRP A 1 80  ? 1.301   14.726  6.153   1.00 17.93 ? 84  TRP A C   1 
ATOM   606  O  O   . TRP A 1 80  ? 2.510   14.976  6.043   1.00 18.39 ? 84  TRP A O   1 
ATOM   607  C  CB  . TRP A 1 80  ? 0.061   16.332  7.703   1.00 17.89 ? 84  TRP A CB  1 
ATOM   608  C  CG  . TRP A 1 80  ? -0.784  16.406  8.928   1.00 18.34 ? 84  TRP A CG  1 
ATOM   609  C  CD1 . TRP A 1 80  ? -0.376  16.781  10.190  1.00 19.65 ? 84  TRP A CD1 1 
ATOM   610  C  CD2 . TRP A 1 80  ? -2.155  16.023  9.050   1.00 19.55 ? 84  TRP A CD2 1 
ATOM   611  N  NE1 . TRP A 1 80  ? -1.411  16.662  11.070  1.00 18.26 ? 84  TRP A NE1 1 
ATOM   612  C  CE2 . TRP A 1 80  ? -2.517  16.200  10.406  1.00 19.75 ? 84  TRP A CE2 1 
ATOM   613  C  CE3 . TRP A 1 80  ? -3.129  15.549  8.139   1.00 18.42 ? 84  TRP A CE3 1 
ATOM   614  C  CZ2 . TRP A 1 80  ? -3.815  15.930  10.879  1.00 19.94 ? 84  TRP A CZ2 1 
ATOM   615  C  CZ3 . TRP A 1 80  ? -4.427  15.282  8.611   1.00 19.21 ? 84  TRP A CZ3 1 
ATOM   616  C  CH2 . TRP A 1 80  ? -4.750  15.463  9.974   1.00 18.94 ? 84  TRP A CH2 1 
ATOM   617  N  N   . GLY A 1 81  ? 0.566   14.306  5.121   1.00 17.96 ? 85  GLY A N   1 
ATOM   618  C  CA  . GLY A 1 81  ? 1.114   14.246  3.752   1.00 19.14 ? 85  GLY A CA  1 
ATOM   619  C  C   . GLY A 1 81  ? 0.049   14.660  2.737   1.00 20.80 ? 85  GLY A C   1 
ATOM   620  O  O   . GLY A 1 81  ? -1.081  14.983  3.112   1.00 21.32 ? 85  GLY A O   1 
ATOM   621  N  N   . ASP A 1 82  ? 0.381   14.620  1.450   1.00 21.52 ? 86  ASP A N   1 
ATOM   622  C  CA  . ASP A 1 82  ? -0.624  14.881  0.386   1.00 22.84 ? 86  ASP A CA  1 
ATOM   623  C  C   . ASP A 1 82  ? -1.263  16.260  0.573   1.00 22.28 ? 86  ASP A C   1 
ATOM   624  O  O   . ASP A 1 82  ? -2.495  16.389  0.531   1.00 21.48 ? 86  ASP A O   1 
ATOM   625  C  CB  . ASP A 1 82  ? -1.721  13.802  0.407   1.00 23.99 ? 86  ASP A CB  1 
ATOM   626  C  CG  . ASP A 1 82  ? -2.482  13.682  -0.922  1.00 28.51 ? 86  ASP A CG  1 
ATOM   627  O  OD1 . ASP A 1 82  ? -1.959  14.111  -1.980  1.00 31.33 ? 86  ASP A OD1 1 
ATOM   628  O  OD2 . ASP A 1 82  ? -3.625  13.138  -0.904  1.00 34.47 ? 86  ASP A OD2 1 
ATOM   629  N  N   . HIS A 1 83  ? -0.429  17.281  0.810   1.00 21.34 ? 87  HIS A N   1 
ATOM   630  C  CA  . HIS A 1 83  ? -0.939  18.676  1.020   1.00 20.92 ? 87  HIS A CA  1 
ATOM   631  C  C   . HIS A 1 83  ? -1.934  18.737  2.166   1.00 20.02 ? 87  HIS A C   1 
ATOM   632  O  O   . HIS A 1 83  ? -2.895  19.521  2.145   1.00 20.14 ? 87  HIS A O   1 
ATOM   633  C  CB  . HIS A 1 83  ? -1.558  19.228  -0.282  1.00 21.83 ? 87  HIS A CB  1 
ATOM   634  C  CG  . HIS A 1 83  ? -0.555  19.397  -1.386  1.00 22.24 ? 87  HIS A CG  1 
ATOM   635  N  ND1 . HIS A 1 83  ? -0.324  18.428  -2.339  1.00 25.34 ? 87  HIS A ND1 1 
ATOM   636  C  CD2 . HIS A 1 83  ? 0.286   20.421  -1.678  1.00 21.67 ? 87  HIS A CD2 1 
ATOM   637  C  CE1 . HIS A 1 83  ? 0.622   18.843  -3.165  1.00 21.98 ? 87  HIS A CE1 1 
ATOM   638  N  NE2 . HIS A 1 83  ? 1.017   20.046  -2.777  1.00 23.37 ? 87  HIS A NE2 1 
ATOM   639  N  N   . GLY A 1 84  ? -1.707  17.897  3.186   1.00 19.81 ? 88  GLY A N   1 
ATOM   640  C  CA  . GLY A 1 84  ? -2.605  17.843  4.346   1.00 19.37 ? 88  GLY A CA  1 
ATOM   641  C  C   . GLY A 1 84  ? -3.817  16.927  4.260   1.00 20.03 ? 88  GLY A C   1 
ATOM   642  O  O   . GLY A 1 84  ? -4.510  16.732  5.254   1.00 21.67 ? 88  GLY A O   1 
ATOM   643  N  N   . LYS A 1 85  ? -4.104  16.367  3.089   1.00 19.24 ? 89  LYS A N   1 
ATOM   644  C  CA  . LYS A 1 85  ? -5.267  15.495  2.952   1.00 20.00 ? 89  LYS A CA  1 
ATOM   645  C  C   . LYS A 1 85  ? -5.070  14.190  3.693   1.00 19.21 ? 89  LYS A C   1 
ATOM   646  O  O   . LYS A 1 85  ? -6.021  13.627  4.227   1.00 20.91 ? 89  LYS A O   1 
ATOM   647  C  CB  . LYS A 1 85  ? -5.579  15.223  1.470   1.00 20.08 ? 89  LYS A CB  1 
ATOM   648  C  CG  . LYS A 1 85  ? -6.023  16.515  0.750   1.00 23.20 ? 89  LYS A CG  1 
ATOM   649  C  CD  . LYS A 1 85  ? -6.491  16.222  -0.669  1.00 26.95 ? 89  LYS A CD  1 
ATOM   650  C  CE  . LYS A 1 85  ? -5.328  16.122  -1.605  1.00 29.19 ? 89  LYS A CE  1 
ATOM   651  N  NZ  . LYS A 1 85  ? -4.825  17.493  -1.793  1.00 29.81 ? 89  LYS A NZ  1 
ATOM   652  N  N   . GLY A 1 86  ? -3.835  13.717  3.740   1.00 18.90 ? 90  GLY A N   1 
ATOM   653  C  CA  . GLY A 1 86  ? -3.587  12.394  4.266   1.00 18.17 ? 90  GLY A CA  1 
ATOM   654  C  C   . GLY A 1 86  ? -2.970  12.420  5.652   1.00 17.95 ? 90  GLY A C   1 
ATOM   655  O  O   . GLY A 1 86  ? -2.031  13.185  5.924   1.00 17.64 ? 90  GLY A O   1 
ATOM   656  N  N   . PHE A 1 87  ? -3.474  11.545  6.512   1.00 17.46 ? 91  PHE A N   1 
ATOM   657  C  CA  . PHE A 1 87  ? -2.958  11.419  7.876   1.00 17.43 ? 91  PHE A CA  1 
ATOM   658  C  C   . PHE A 1 87  ? -2.266  10.071  8.124   1.00 17.14 ? 91  PHE A C   1 
ATOM   659  O  O   . PHE A 1 87  ? -2.794  9.038   7.736   1.00 17.44 ? 91  PHE A O   1 
ATOM   660  C  CB  . PHE A 1 87  ? -4.106  11.541  8.853   1.00 17.94 ? 91  PHE A CB  1 
ATOM   661  C  CG  . PHE A 1 87  ? -3.682  11.417  10.284  1.00 19.74 ? 91  PHE A CG  1 
ATOM   662  C  CD1 . PHE A 1 87  ? -2.962  12.437  10.906  1.00 22.19 ? 91  PHE A CD1 1 
ATOM   663  C  CD2 . PHE A 1 87  ? -4.019  10.284  11.015  1.00 21.49 ? 91  PHE A CD2 1 
ATOM   664  C  CE1 . PHE A 1 87  ? -2.564  12.328  12.234  1.00 21.04 ? 91  PHE A CE1 1 
ATOM   665  C  CE2 . PHE A 1 87  ? -3.627  10.162  12.357  1.00 21.33 ? 91  PHE A CE2 1 
ATOM   666  C  CZ  . PHE A 1 87  ? -2.897  11.184  12.966  1.00 20.59 ? 91  PHE A CZ  1 
ATOM   667  N  N   . GLY A 1 88  ? -1.100  10.090  8.753   1.00 16.63 ? 92  GLY A N   1 
ATOM   668  C  CA  . GLY A 1 88  ? -0.516  8.841   9.286   1.00 16.75 ? 92  GLY A CA  1 
ATOM   669  C  C   . GLY A 1 88  ? 0.319   8.010   8.324   1.00 16.01 ? 92  GLY A C   1 
ATOM   670  O  O   . GLY A 1 88  ? 0.442   8.334   7.136   1.00 17.13 ? 92  GLY A O   1 
ATOM   671  N  N   . LEU A 1 89  ? 0.913   6.945   8.868   1.00 14.60 ? 93  LEU A N   1 
ATOM   672  C  CA  . LEU A 1 89  ? 1.753   6.016   8.118   1.00 14.79 ? 93  LEU A CA  1 
ATOM   673  C  C   . LEU A 1 89  ? 1.088   5.535   6.809   1.00 14.98 ? 93  LEU A C   1 
ATOM   674  O  O   . LEU A 1 89  ? 1.780   5.353   5.798   1.00 14.65 ? 93  LEU A O   1 
ATOM   675  C  CB  . LEU A 1 89  ? 2.077   4.805   9.002   1.00 14.32 ? 93  LEU A CB  1 
ATOM   676  C  CG  . LEU A 1 89  ? 3.126   5.099   10.104  1.00 13.88 ? 93  LEU A CG  1 
ATOM   677  C  CD1 . LEU A 1 89  ? 3.240   3.923   11.079  1.00 15.58 ? 93  LEU A CD1 1 
ATOM   678  C  CD2 . LEU A 1 89  ? 4.487   5.490   9.540   1.00 18.34 ? 93  LEU A CD2 1 
ATOM   679  N  N   . MET A 1 90  ? -0.233  5.340   6.854   1.00 14.65 ? 94  MET A N   1 
ATOM   680  C  CA  . MET A 1 90  ? -1.001  4.778   5.731   1.00 15.35 ? 94  MET A CA  1 
ATOM   681  C  C   . MET A 1 90  ? -1.759  5.853   4.959   1.00 16.21 ? 94  MET A C   1 
ATOM   682  O  O   . MET A 1 90  ? -2.416  5.551   3.979   1.00 16.45 ? 94  MET A O   1 
ATOM   683  C  CB  . MET A 1 90  ? -2.001  3.694   6.221   1.00 16.38 ? 94  MET A CB  1 
ATOM   684  C  CG  . MET A 1 90  ? -1.285  2.446   6.719   1.00 16.03 ? 94  MET A CG  1 
ATOM   685  S  SD  . MET A 1 90  ? -2.341  1.111   7.202   1.00 16.30 ? 94  MET A SD  1 
ATOM   686  C  CE  . MET A 1 90  ? -2.810  0.416   5.588   1.00 14.71 ? 94  MET A CE  1 
ATOM   687  N  N   . GLN A 1 91  ? -1.666  7.113   5.421   1.00 15.20 ? 95  GLN A N   1 
ATOM   688  C  CA  . GLN A 1 91  ? -2.262  8.268   4.710   1.00 16.77 ? 95  GLN A CA  1 
ATOM   689  C  C   . GLN A 1 91  ? -3.756  8.112   4.444   1.00 16.35 ? 95  GLN A C   1 
ATOM   690  O  O   . GLN A 1 91  ? -4.229  8.214   3.308   1.00 16.12 ? 95  GLN A O   1 
ATOM   691  C  CB  . GLN A 1 91  ? -1.456  8.595   3.439   1.00 16.43 ? 95  GLN A CB  1 
ATOM   692  C  CG  . GLN A 1 91  ? -0.083  9.121   3.790   1.00 18.47 ? 95  GLN A CG  1 
ATOM   693  C  CD  . GLN A 1 91  ? -0.192  10.534  4.311   1.00 18.74 ? 95  GLN A CD  1 
ATOM   694  O  OE1 . GLN A 1 91  ? -0.340  11.455  3.530   1.00 17.66 ? 95  GLN A OE1 1 
ATOM   695  N  NE2 . GLN A 1 91  ? -0.150  10.703  5.640   1.00 16.78 ? 95  GLN A NE2 1 
ATOM   696  N  N   . VAL A 1 92  ? -4.495  7.859   5.521   1.00 18.63 ? 96  VAL A N   1 
ATOM   697  C  CA  . VAL A 1 92  ? -5.946  7.899   5.518   1.00 19.49 ? 96  VAL A CA  1 
ATOM   698  C  C   . VAL A 1 92  ? -6.457  9.310   5.163   1.00 21.87 ? 96  VAL A C   1 
ATOM   699  O  O   . VAL A 1 92  ? -6.032  10.298  5.761   1.00 20.79 ? 96  VAL A O   1 
ATOM   700  C  CB  . VAL A 1 92  ? -6.522  7.395   6.871   1.00 20.41 ? 96  VAL A CB  1 
ATOM   701  C  CG1 . VAL A 1 92  ? -8.025  7.594   6.918   1.00 19.91 ? 96  VAL A CG1 1 
ATOM   702  C  CG2 . VAL A 1 92  ? -6.182  5.881   7.069   1.00 19.34 ? 96  VAL A CG2 1 
ATOM   703  N  N   . ASP A 1 93  ? -7.349  9.386   4.175   1.00 24.76 ? 97  ASP A N   1 
ATOM   704  C  CA  . ASP A 1 93  ? -7.812  10.661  3.653   1.00 27.62 ? 97  ASP A CA  1 
ATOM   705  C  C   . ASP A 1 93  ? -8.819  11.244  4.650   1.00 28.98 ? 97  ASP A C   1 
ATOM   706  O  O   . ASP A 1 93  ? -9.960  10.783  4.778   1.00 28.88 ? 97  ASP A O   1 
ATOM   707  C  CB  . ASP A 1 93  ? -8.400  10.504  2.232   1.00 28.55 ? 97  ASP A CB  1 
ATOM   708  C  CG  . ASP A 1 93  ? -8.505  11.844  1.472   1.00 31.86 ? 97  ASP A CG  1 
ATOM   709  O  OD1 . ASP A 1 93  ? -8.862  12.862  2.106   1.00 33.61 ? 97  ASP A OD1 1 
ATOM   710  O  OD2 . ASP A 1 93  ? -8.229  11.874  0.239   1.00 34.84 ? 97  ASP A OD2 1 
ATOM   711  N  N   . LYS A 1 94  ? -8.358  12.245  5.383   1.00 31.17 ? 98  LYS A N   1 
ATOM   712  C  CA  . LYS A 1 94  ? -9.152  12.849  6.461   1.00 33.07 ? 98  LYS A CA  1 
ATOM   713  C  C   . LYS A 1 94  ? -10.502 13.415  6.001   1.00 34.58 ? 98  LYS A C   1 
ATOM   714  O  O   . LYS A 1 94  ? -11.477 13.405  6.758   1.00 34.74 ? 98  LYS A O   1 
ATOM   715  C  CB  . LYS A 1 94  ? -8.341  13.906  7.196   1.00 33.33 ? 98  LYS A CB  1 
ATOM   716  C  CG  . LYS A 1 94  ? -9.127  14.588  8.305   1.00 33.68 ? 98  LYS A CG  1 
ATOM   717  C  CD  . LYS A 1 94  ? -8.262  15.515  9.114   1.00 36.21 ? 98  LYS A CD  1 
ATOM   718  C  CE  . LYS A 1 94  ? -9.078  16.224  10.177  1.00 37.08 ? 98  LYS A CE  1 
ATOM   719  N  NZ  . LYS A 1 94  ? -9.206  15.406  11.408  1.00 40.28 ? 98  LYS A NZ  1 
ATOM   720  N  N   . ARG A 1 95  ? -10.544 13.890  4.761   1.00 36.26 ? 99  ARG A N   1 
ATOM   721  C  CA  . ARG A 1 95  ? -11.768 14.383  4.129   1.00 38.52 ? 99  ARG A CA  1 
ATOM   722  C  C   . ARG A 1 95  ? -12.916 13.360  4.073   1.00 38.63 ? 99  ARG A C   1 
ATOM   723  O  O   . ARG A 1 95  ? -14.086 13.746  3.953   1.00 39.19 ? 99  ARG A O   1 
ATOM   724  C  CB  . ARG A 1 95  ? -11.466 14.892  2.714   1.00 38.17 ? 99  ARG A CB  1 
ATOM   725  C  CG  . ARG A 1 95  ? -10.426 16.018  2.646   1.00 40.33 ? 99  ARG A CG  1 
ATOM   726  C  CD  . ARG A 1 95  ? -10.013 16.314  1.194   1.00 40.66 ? 99  ARG A CD  1 
ATOM   727  N  NE  . ARG A 1 95  ? -9.486  15.123  0.516   1.00 45.87 ? 99  ARG A NE  1 
ATOM   728  C  CZ  . ARG A 1 95  ? -9.349  14.989  -0.801  1.00 46.40 ? 99  ARG A CZ  1 
ATOM   729  N  NH1 . ARG A 1 95  ? -9.698  15.974  -1.628  1.00 47.02 ? 99  ARG A NH1 1 
ATOM   730  N  NH2 . ARG A 1 95  ? -8.853  13.860  -1.299  1.00 47.52 ? 99  ARG A NH2 1 
ATOM   731  N  N   . TYR A 1 96  ? -12.598 12.066  4.166   1.00 38.41 ? 100 TYR A N   1 
ATOM   732  C  CA  . TYR A 1 96  ? -13.622 11.028  3.991   1.00 38.06 ? 100 TYR A CA  1 
ATOM   733  C  C   . TYR A 1 96  ? -13.814 10.092  5.179   1.00 37.06 ? 100 TYR A C   1 
ATOM   734  O  O   . TYR A 1 96  ? -14.689 9.236   5.159   1.00 37.01 ? 100 TYR A O   1 
ATOM   735  C  CB  . TYR A 1 96  ? -13.356 10.231  2.711   1.00 39.11 ? 100 TYR A CB  1 
ATOM   736  C  CG  . TYR A 1 96  ? -13.287 11.106  1.485   1.00 40.68 ? 100 TYR A CG  1 
ATOM   737  C  CD1 . TYR A 1 96  ? -12.062 11.434  0.910   1.00 41.29 ? 100 TYR A CD1 1 
ATOM   738  C  CD2 . TYR A 1 96  ? -14.447 11.645  0.923   1.00 41.69 ? 100 TYR A CD2 1 
ATOM   739  C  CE1 . TYR A 1 96  ? -11.987 12.250  -0.210  1.00 41.04 ? 100 TYR A CE1 1 
ATOM   740  C  CE2 . TYR A 1 96  ? -14.380 12.470  -0.195  1.00 42.18 ? 100 TYR A CE2 1 
ATOM   741  C  CZ  . TYR A 1 96  ? -13.145 12.764  -0.755  1.00 41.78 ? 100 TYR A CZ  1 
ATOM   742  O  OH  . TYR A 1 96  ? -13.068 13.582  -1.869  1.00 43.28 ? 100 TYR A OH  1 
ATOM   743  N  N   . HIS A 1 97  ? -13.000 10.260  6.214   1.00 36.51 ? 101 HIS A N   1 
ATOM   744  C  CA  . HIS A 1 97  ? -13.029 9.375   7.374   1.00 35.93 ? 101 HIS A CA  1 
ATOM   745  C  C   . HIS A 1 97  ? -12.758 10.197  8.611   1.00 35.60 ? 101 HIS A C   1 
ATOM   746  O  O   . HIS A 1 97  ? -11.970 11.139  8.557   1.00 36.13 ? 101 HIS A O   1 
ATOM   747  C  CB  . HIS A 1 97  ? -11.961 8.275   7.235   1.00 35.70 ? 101 HIS A CB  1 
ATOM   748  C  CG  . HIS A 1 97  ? -12.125 7.424   6.013   1.00 34.60 ? 101 HIS A CG  1 
ATOM   749  N  ND1 . HIS A 1 97  ? -11.425 7.653   4.847   1.00 34.29 ? 101 HIS A ND1 1 
ATOM   750  C  CD2 . HIS A 1 97  ? -12.907 6.347   5.775   1.00 32.15 ? 101 HIS A CD2 1 
ATOM   751  C  CE1 . HIS A 1 97  ? -11.783 6.762   3.938   1.00 32.72 ? 101 HIS A CE1 1 
ATOM   752  N  NE2 . HIS A 1 97  ? -12.682 5.958   4.478   1.00 32.28 ? 101 HIS A NE2 1 
ATOM   753  N  N   . LYS A 1 98  ? -13.440 9.892   9.711   1.00 35.18 ? 102 LYS A N   1 
ATOM   754  C  CA  . LYS A 1 98  ? -13.054 10.470  10.985  1.00 34.69 ? 102 LYS A CA  1 
ATOM   755  C  C   . LYS A 1 98  ? -11.798 9.741   11.424  1.00 33.22 ? 102 LYS A C   1 
ATOM   756  O  O   . LYS A 1 98  ? -11.807 8.521   11.638  1.00 32.86 ? 102 LYS A O   1 
ATOM   757  C  CB  . LYS A 1 98  ? -14.138 10.337  12.061  1.00 35.84 ? 102 LYS A CB  1 
ATOM   758  C  CG  . LYS A 1 98  ? -13.722 10.965  13.412  1.00 37.93 ? 102 LYS A CG  1 
ATOM   759  C  CD  . LYS A 1 98  ? -14.069 10.048  14.599  1.00 40.53 ? 102 LYS A CD  1 
ATOM   760  C  CE  . LYS A 1 98  ? -13.637 10.639  15.944  1.00 40.21 ? 102 LYS A CE  1 
ATOM   761  N  NZ  . LYS A 1 98  ? -12.154 10.620  16.187  1.00 43.45 ? 102 LYS A NZ  1 
ATOM   762  N  N   . ILE A 1 99  ? -10.727 10.510  11.553  1.00 31.44 ? 103 ILE A N   1 
ATOM   763  C  CA  . ILE A 1 99  ? -9.407  9.985   11.853  1.00 30.28 ? 103 ILE A CA  1 
ATOM   764  C  C   . ILE A 1 99  ? -9.331  9.503   13.289  1.00 28.87 ? 103 ILE A C   1 
ATOM   765  O  O   . ILE A 1 99  ? -9.743  10.205  14.223  1.00 29.62 ? 103 ILE A O   1 
ATOM   766  C  CB  . ILE A 1 99  ? -8.336  11.075  11.614  1.00 30.23 ? 103 ILE A CB  1 
ATOM   767  C  CG1 . ILE A 1 99  ? -8.195  11.412  10.121  1.00 31.21 ? 103 ILE A CG1 1 
ATOM   768  C  CG2 . ILE A 1 99  ? -7.003  10.711  12.288  1.00 31.12 ? 103 ILE A CG2 1 
ATOM   769  C  CD1 . ILE A 1 99  ? -8.111  10.224  9.172   1.00 30.50 ? 103 ILE A CD1 1 
ATOM   770  N  N   . VAL A 1 100 ? -8.789  8.307   13.474  1.00 26.39 ? 104 VAL A N   1 
ATOM   771  C  CA  . VAL A 1 100 ? -8.533  7.807   14.798  1.00 24.60 ? 104 VAL A CA  1 
ATOM   772  C  C   . VAL A 1 100 ? -7.047  7.495   14.993  1.00 22.97 ? 104 VAL A C   1 
ATOM   773  O  O   . VAL A 1 100 ? -6.356  7.095   14.042  1.00 23.25 ? 104 VAL A O   1 
ATOM   774  C  CB  . VAL A 1 100 ? -9.431  6.576   15.144  1.00 23.98 ? 104 VAL A CB  1 
ATOM   775  C  CG1 . VAL A 1 100 ? -10.904 6.981   15.212  1.00 24.98 ? 104 VAL A CG1 1 
ATOM   776  C  CG2 . VAL A 1 100 ? -9.271  5.456   14.124  1.00 23.33 ? 104 VAL A CG2 1 
ATOM   777  N  N   . GLY A 1 101 ? -6.566  7.746   16.209  1.00 21.39 ? 105 GLY A N   1 
ATOM   778  C  CA  . GLY A 1 101 ? -5.219  7.378   16.658  1.00 20.29 ? 105 GLY A CA  1 
ATOM   779  C  C   . GLY A 1 101 ? -4.154  8.420   16.319  1.00 19.89 ? 105 GLY A C   1 
ATOM   780  O  O   . GLY A 1 101 ? -4.399  9.304   15.492  1.00 20.45 ? 105 GLY A O   1 
ATOM   781  N  N   . ALA A 1 102 ? -2.973  8.282   16.921  1.00 19.87 ? 106 ALA A N   1 
ATOM   782  C  CA  . ALA A 1 102 ? -1.835  9.113   16.539  1.00 20.27 ? 106 ALA A CA  1 
ATOM   783  C  C   . ALA A 1 102 ? -1.330  8.664   15.174  1.00 20.89 ? 106 ALA A C   1 
ATOM   784  O  O   . ALA A 1 102 ? -1.625  7.554   14.711  1.00 19.93 ? 106 ALA A O   1 
ATOM   785  C  CB  . ALA A 1 102 ? -0.690  9.009   17.569  1.00 20.05 ? 106 ALA A CB  1 
ATOM   786  N  N   . TRP A 1 103 ? -0.514  9.505   14.557  1.00 20.43 ? 107 TRP A N   1 
ATOM   787  C  CA  . TRP A 1 103 ? -0.100  9.256   13.183  1.00 20.75 ? 107 TRP A CA  1 
ATOM   788  C  C   . TRP A 1 103 ? 0.677   7.959   12.988  1.00 20.62 ? 107 TRP A C   1 
ATOM   789  O  O   . TRP A 1 103 ? 0.658   7.413   11.881  1.00 20.57 ? 107 TRP A O   1 
ATOM   790  C  CB  . TRP A 1 103 ? 0.748   10.428  12.670  1.00 21.43 ? 107 TRP A CB  1 
ATOM   791  C  CG  . TRP A 1 103 ? 2.100   10.477  13.242  1.00 20.57 ? 107 TRP A CG  1 
ATOM   792  C  CD1 . TRP A 1 103 ? 2.503   11.117  14.398  1.00 21.31 ? 107 TRP A CD1 1 
ATOM   793  C  CD2 . TRP A 1 103 ? 3.271   9.915   12.671  1.00 22.67 ? 107 TRP A CD2 1 
ATOM   794  N  NE1 . TRP A 1 103 ? 3.853   10.932  14.590  1.00 24.97 ? 107 TRP A NE1 1 
ATOM   795  C  CE2 . TRP A 1 103 ? 4.347   10.208  13.537  1.00 23.07 ? 107 TRP A CE2 1 
ATOM   796  C  CE3 . TRP A 1 103 ? 3.519   9.161   11.519  1.00 21.29 ? 107 TRP A CE3 1 
ATOM   797  C  CZ2 . TRP A 1 103 ? 5.647   9.781   13.270  1.00 25.15 ? 107 TRP A CZ2 1 
ATOM   798  C  CZ3 . TRP A 1 103 ? 4.806   8.743   11.263  1.00 22.16 ? 107 TRP A CZ3 1 
ATOM   799  C  CH2 . TRP A 1 103 ? 5.851   9.059   12.117  1.00 23.03 ? 107 TRP A CH2 1 
ATOM   800  N  N   . ASP A 1 104 ? 1.371   7.501   14.034  1.00 19.91 ? 108 ASP A N   1 
ATOM   801  C  CA  . ASP A 1 104 ? 2.185   6.278   14.011  1.00 19.33 ? 108 ASP A CA  1 
ATOM   802  C  C   . ASP A 1 104 ? 1.606   5.156   14.900  1.00 19.75 ? 108 ASP A C   1 
ATOM   803  O  O   . ASP A 1 104 ? 2.339   4.283   15.344  1.00 19.41 ? 108 ASP A O   1 
ATOM   804  C  CB  . ASP A 1 104 ? 3.660   6.565   14.399  1.00 20.07 ? 108 ASP A CB  1 
ATOM   805  C  CG  . ASP A 1 104 ? 3.798   7.302   15.741  1.00 23.26 ? 108 ASP A CG  1 
ATOM   806  O  OD1 . ASP A 1 104 ? 2.775   7.581   16.407  1.00 23.44 ? 108 ASP A OD1 1 
ATOM   807  O  OD2 . ASP A 1 104 ? 4.947   7.599   16.122  1.00 24.29 ? 108 ASP A OD2 1 
ATOM   808  N  N   . SER A 1 105 ? 0.299   5.217   15.162  1.00 18.75 ? 109 SER A N   1 
ATOM   809  C  CA  . SER A 1 105 ? -0.348  4.318   16.126  1.00 20.06 ? 109 SER A CA  1 
ATOM   810  C  C   . SER A 1 105 ? -0.938  3.035   15.547  1.00 20.70 ? 109 SER A C   1 
ATOM   811  O  O   . SER A 1 105 ? -1.238  2.957   14.352  1.00 20.81 ? 109 SER A O   1 
ATOM   812  C  CB  . SER A 1 105 ? -1.467  5.057   16.835  1.00 19.70 ? 109 SER A CB  1 
ATOM   813  O  OG  . SER A 1 105 ? -2.559  5.304   15.984  1.00 20.32 ? 109 SER A OG  1 
ATOM   814  N  N   . GLU A 1 106 ? -1.150  2.045   16.422  1.00 21.00 ? 110 GLU A N   1 
ATOM   815  C  CA  . GLU A 1 106 ? -1.893  0.834   16.049  1.00 21.75 ? 110 GLU A CA  1 
ATOM   816  C  C   . GLU A 1 106 ? -3.307  1.146   15.570  1.00 21.49 ? 110 GLU A C   1 
ATOM   817  O  O   . GLU A 1 106 ? -3.777  0.566   14.582  1.00 20.42 ? 110 GLU A O   1 
ATOM   818  C  CB  . GLU A 1 106 ? -1.961  -0.139  17.235  1.00 22.50 ? 110 GLU A CB  1 
ATOM   819  C  CG  . GLU A 1 106 ? -2.563  -1.515  16.842  1.00 24.26 ? 110 GLU A CG  1 
ATOM   820  C  CD  . GLU A 1 106 ? -2.176  -2.640  17.816  1.00 25.34 ? 110 GLU A CD  1 
ATOM   821  O  OE1 . GLU A 1 106 ? -1.364  -2.411  18.743  1.00 29.33 ? 110 GLU A OE1 1 
ATOM   822  O  OE2 . GLU A 1 106 ? -2.680  -3.759  17.646  1.00 29.52 ? 110 GLU A OE2 1 
ATOM   823  N  N   . LYS A 1 107 ? -3.990  2.066   16.253  1.00 21.34 ? 111 LYS A N   1 
ATOM   824  C  CA  . LYS A 1 107 ? -5.358  2.443   15.888  1.00 22.18 ? 111 LYS A CA  1 
ATOM   825  C  C   . LYS A 1 107 ? -5.387  3.019   14.467  1.00 20.48 ? 111 LYS A C   1 
ATOM   826  O  O   . LYS A 1 107 ? -6.356  2.795   13.705  1.00 18.29 ? 111 LYS A O   1 
ATOM   827  C  CB  . LYS A 1 107 ? -5.890  3.537   16.824  1.00 22.81 ? 111 LYS A CB  1 
ATOM   828  C  CG  . LYS A 1 107 ? -6.805  3.125   17.969  1.00 27.27 ? 111 LYS A CG  1 
ATOM   829  C  CD  . LYS A 1 107 ? -7.353  4.398   18.626  1.00 27.18 ? 111 LYS A CD  1 
ATOM   830  C  CE  . LYS A 1 107 ? -8.829  4.261   19.082  1.00 30.38 ? 111 LYS A CE  1 
ATOM   831  N  NZ  . LYS A 1 107 ? -9.350  5.530   19.734  1.00 34.37 ? 111 LYS A NZ  1 
ATOM   832  N  N   . HIS A 1 108 ? -4.390  3.851   14.155  1.00 18.63 ? 112 HIS A N   1 
ATOM   833  C  CA  . HIS A 1 108 ? -4.280  4.399   12.795  1.00 17.24 ? 112 HIS A CA  1 
ATOM   834  C  C   . HIS A 1 108 ? -4.018  3.276   11.773  1.00 17.53 ? 112 HIS A C   1 
ATOM   835  O  O   . HIS A 1 108 ? -4.672  3.232   10.715  1.00 17.01 ? 112 HIS A O   1 
ATOM   836  C  CB  . HIS A 1 108 ? -3.188  5.471   12.627  1.00 18.05 ? 112 HIS A CB  1 
ATOM   837  C  CG  . HIS A 1 108 ? -2.805  5.669   11.188  1.00 15.98 ? 112 HIS A CG  1 
ATOM   838  N  ND1 . HIS A 1 108 ? -3.646  6.266   10.274  1.00 17.18 ? 112 HIS A ND1 1 
ATOM   839  C  CD2 . HIS A 1 108 ? -1.727  5.245   10.488  1.00 16.47 ? 112 HIS A CD2 1 
ATOM   840  C  CE1 . HIS A 1 108 ? -3.082  6.236   9.076   1.00 17.64 ? 112 HIS A CE1 1 
ATOM   841  N  NE2 . HIS A 1 108 ? -1.919  5.613   9.181   1.00 13.72 ? 112 HIS A NE2 1 
ATOM   842  N  N   . ILE A 1 109 ? -3.047  2.413   12.062  1.00 17.12 ? 113 ILE A N   1 
ATOM   843  C  CA  . ILE A 1 109 ? -2.725  1.330   11.120  1.00 16.65 ? 113 ILE A CA  1 
ATOM   844  C  C   . ILE A 1 109 ? -3.963  0.447   10.892  1.00 17.14 ? 113 ILE A C   1 
ATOM   845  O  O   . ILE A 1 109 ? -4.230  0.012   9.750   1.00 16.02 ? 113 ILE A O   1 
ATOM   846  C  CB  . ILE A 1 109 ? -1.474  0.524   11.554  1.00 16.04 ? 113 ILE A CB  1 
ATOM   847  C  CG1 . ILE A 1 109 ? -0.245  1.461   11.628  1.00 16.88 ? 113 ILE A CG1 1 
ATOM   848  C  CG2 . ILE A 1 109 ? -1.248  -0.630  10.559  1.00 15.13 ? 113 ILE A CG2 1 
ATOM   849  C  CD1 . ILE A 1 109 ? 1.055   0.812   12.097  1.00 17.75 ? 113 ILE A CD1 1 
ATOM   850  N  N   A SER A 1 110 ? -4.719  0.204   11.964  0.50 16.93 ? 114 SER A N   1 
ATOM   851  N  N   B SER A 1 110 ? -4.724  0.200   11.962  0.50 16.99 ? 114 SER A N   1 
ATOM   852  C  CA  A SER A 1 110 ? -5.983  -0.538  11.882  0.50 17.59 ? 114 SER A CA  1 
ATOM   853  C  CA  B SER A 1 110 ? -5.988  -0.546  11.865  0.50 17.70 ? 114 SER A CA  1 
ATOM   854  C  C   A SER A 1 110 ? -7.021  0.177   11.015  0.50 17.39 ? 114 SER A C   1 
ATOM   855  C  C   B SER A 1 110 ? -7.018  0.178   11.000  0.50 17.46 ? 114 SER A C   1 
ATOM   856  O  O   A SER A 1 110 ? -7.718  -0.466  10.218  0.50 17.09 ? 114 SER A O   1 
ATOM   857  O  O   B SER A 1 110 ? -7.710  -0.456  10.193  0.50 17.16 ? 114 SER A O   1 
ATOM   858  C  CB  A SER A 1 110 ? -6.556  -0.799  13.284  0.50 18.00 ? 114 SER A CB  1 
ATOM   859  C  CB  B SER A 1 110 ? -6.579  -0.828  13.258  0.50 18.15 ? 114 SER A CB  1 
ATOM   860  O  OG  A SER A 1 110 ? -5.657  -1.570  14.063  0.50 18.98 ? 114 SER A OG  1 
ATOM   861  O  OG  B SER A 1 110 ? -7.735  -1.647  13.172  0.50 19.59 ? 114 SER A OG  1 
ATOM   862  N  N   . GLN A 1 111 ? -7.130  1.499   11.163  1.00 16.95 ? 115 GLN A N   1 
ATOM   863  C  CA  . GLN A 1 111 ? -8.060  2.273   10.308  1.00 16.96 ? 115 GLN A CA  1 
ATOM   864  C  C   . GLN A 1 111 ? -7.704  2.186   8.809   1.00 15.47 ? 115 GLN A C   1 
ATOM   865  O  O   . GLN A 1 111 ? -8.592  1.919   7.987   1.00 15.79 ? 115 GLN A O   1 
ATOM   866  C  CB  . GLN A 1 111 ? -8.141  3.742   10.706  1.00 16.74 ? 115 GLN A CB  1 
ATOM   867  C  CG  . GLN A 1 111 ? -9.173  4.506   9.875   1.00 19.40 ? 115 GLN A CG  1 
ATOM   868  C  CD  . GLN A 1 111 ? -9.457  5.859   10.462  1.00 21.66 ? 115 GLN A CD  1 
ATOM   869  O  OE1 . GLN A 1 111 ? -8.542  6.541   10.939  1.00 20.91 ? 115 GLN A OE1 1 
ATOM   870  N  NE2 . GLN A 1 111 ? -10.740 6.246   10.471  1.00 20.91 ? 115 GLN A NE2 1 
ATOM   871  N  N   . GLY A 1 112 ? -6.431  2.401   8.472   1.00 15.17 ? 116 GLY A N   1 
ATOM   872  C  CA  . GLY A 1 112 ? -5.989  2.329   7.064   1.00 14.22 ? 116 GLY A CA  1 
ATOM   873  C  C   . GLY A 1 112 ? -6.242  0.924   6.500   1.00 15.03 ? 116 GLY A C   1 
ATOM   874  O  O   . GLY A 1 112 ? -6.730  0.753   5.380   1.00 14.18 ? 116 GLY A O   1 
ATOM   875  N  N   . THR A 1 113 ? -5.848  -0.073  7.284   1.00 15.23 ? 117 THR A N   1 
ATOM   876  C  CA  . THR A 1 113 ? -6.089  -1.499  6.952   1.00 15.59 ? 117 THR A CA  1 
ATOM   877  C  C   . THR A 1 113 ? -7.583  -1.825  6.709   1.00 16.52 ? 117 THR A C   1 
ATOM   878  O  O   . THR A 1 113 ? -7.914  -2.464  5.688   1.00 16.27 ? 117 THR A O   1 
ATOM   879  C  CB  . THR A 1 113 ? -5.420  -2.429  7.975   1.00 15.36 ? 117 THR A CB  1 
ATOM   880  O  OG1 . THR A 1 113 ? -4.006  -2.158  7.991   1.00 16.43 ? 117 THR A OG1 1 
ATOM   881  C  CG2 . THR A 1 113 ? -5.675  -3.931  7.610   1.00 16.60 ? 117 THR A CG2 1 
ATOM   882  N  N   . GLU A 1 114 ? -8.481  -1.367  7.594   1.00 16.89 ? 118 GLU A N   1 
ATOM   883  C  CA  . GLU A 1 114 ? -9.923  -1.563  7.414   1.00 18.31 ? 118 GLU A CA  1 
ATOM   884  C  C   . GLU A 1 114 ? -10.427 -0.949  6.111   1.00 16.39 ? 118 GLU A C   1 
ATOM   885  O  O   . GLU A 1 114 ? -11.223 -1.558  5.389   1.00 15.73 ? 118 GLU A O   1 
ATOM   886  C  CB  . GLU A 1 114 ? -10.719 -0.972  8.606   1.00 18.41 ? 118 GLU A CB  1 
ATOM   887  C  CG  . GLU A 1 114 ? -10.631 -1.809  9.888   1.00 23.57 ? 118 GLU A CG  1 
ATOM   888  C  CD  . GLU A 1 114 ? -11.133 -1.057  11.142  1.00 24.49 ? 118 GLU A CD  1 
ATOM   889  O  OE1 . GLU A 1 114 ? -11.569 0.119   11.010  1.00 30.34 ? 118 GLU A OE1 1 
ATOM   890  O  OE2 . GLU A 1 114 ? -11.084 -1.652  12.250  1.00 32.29 ? 118 GLU A OE2 1 
ATOM   891  N  N   . ILE A 1 115 ? -9.949  0.259   5.811   1.00 15.66 ? 119 ILE A N   1 
ATOM   892  C  CA  . ILE A 1 115 ? -10.311 0.950   4.553   1.00 15.85 ? 119 ILE A CA  1 
ATOM   893  C  C   . ILE A 1 115 ? -9.844  0.163   3.341   1.00 15.04 ? 119 ILE A C   1 
ATOM   894  O  O   . ILE A 1 115 ? -10.615 -0.012  2.380   1.00 15.94 ? 119 ILE A O   1 
ATOM   895  C  CB  . ILE A 1 115 ? -9.782  2.406   4.548   1.00 16.31 ? 119 ILE A CB  1 
ATOM   896  C  CG1 . ILE A 1 115 ? -10.450 3.180   5.692   1.00 15.61 ? 119 ILE A CG1 1 
ATOM   897  C  CG2 . ILE A 1 115 ? -9.951  3.072   3.177   1.00 17.08 ? 119 ILE A CG2 1 
ATOM   898  C  CD1 . ILE A 1 115 ? -9.711  4.453   6.063   1.00 16.18 ? 119 ILE A CD1 1 
ATOM   899  N  N   . LEU A 1 116 ? -8.603  -0.347  3.392   1.00 14.90 ? 120 LEU A N   1 
ATOM   900  C  CA  . LEU A 1 116 ? -8.094  -1.210  2.308   1.00 15.10 ? 120 LEU A CA  1 
ATOM   901  C  C   . LEU A 1 116 ? -8.954  -2.461  2.090   1.00 14.95 ? 120 LEU A C   1 
ATOM   902  O  O   . LEU A 1 116 ? -9.283  -2.831  0.940   1.00 15.74 ? 120 LEU A O   1 
ATOM   903  C  CB  . LEU A 1 116 ? -6.603  -1.579  2.524   1.00 13.83 ? 120 LEU A CB  1 
ATOM   904  C  CG  . LEU A 1 116 ? -5.927  -2.557  1.523   1.00 14.97 ? 120 LEU A CG  1 
ATOM   905  C  CD1 . LEU A 1 116 ? -6.014  -2.141  0.033   1.00 13.59 ? 120 LEU A CD1 1 
ATOM   906  C  CD2 . LEU A 1 116 ? -4.478  -2.700  1.925   1.00 15.53 ? 120 LEU A CD2 1 
ATOM   907  N  N   A ILE A 1 117 ? -9.310  -3.118  3.192   0.50 15.63 ? 121 ILE A N   1 
ATOM   908  N  N   B ILE A 1 117 ? -9.335  -3.115  3.179   0.50 15.71 ? 121 ILE A N   1 
ATOM   909  C  CA  A ILE A 1 117 ? -10.137 -4.329  3.150   0.50 15.77 ? 121 ILE A CA  1 
ATOM   910  C  CA  B ILE A 1 117 ? -10.108 -4.352  3.071   0.50 15.91 ? 121 ILE A CA  1 
ATOM   911  C  C   A ILE A 1 117 ? -11.451 -4.049  2.444   0.50 16.59 ? 121 ILE A C   1 
ATOM   912  C  C   B ILE A 1 117 ? -11.493 -4.088  2.483   0.50 16.75 ? 121 ILE A C   1 
ATOM   913  O  O   A ILE A 1 117 ? -11.895 -4.838  1.602   0.50 16.26 ? 121 ILE A O   1 
ATOM   914  O  O   B ILE A 1 117 ? -12.021 -4.927  1.740   0.50 16.55 ? 121 ILE A O   1 
ATOM   915  C  CB  A ILE A 1 117 ? -10.397 -4.889  4.574   0.50 16.10 ? 121 ILE A CB  1 
ATOM   916  C  CB  B ILE A 1 117 ? -10.155 -5.115  4.408   0.50 16.28 ? 121 ILE A CB  1 
ATOM   917  C  CG1 A ILE A 1 117 ? -9.089  -5.379  5.207   0.50 15.59 ? 121 ILE A CG1 1 
ATOM   918  C  CG1 B ILE A 1 117 ? -8.734  -5.489  4.820   0.50 15.12 ? 121 ILE A CG1 1 
ATOM   919  C  CG2 A ILE A 1 117 ? -11.497 -6.011  4.556   0.50 15.32 ? 121 ILE A CG2 1 
ATOM   920  C  CG2 B ILE A 1 117 ? -11.029 -6.390  4.287   0.50 16.03 ? 121 ILE A CG2 1 
ATOM   921  C  CD1 A ILE A 1 117 ? -8.337  -6.448  4.432   0.50 18.37 ? 121 ILE A CD1 1 
ATOM   922  C  CD1 B ILE A 1 117 ? -8.574  -5.875  6.263   0.50 15.05 ? 121 ILE A CD1 1 
ATOM   923  N  N   . GLU A 1 118 ? -12.067 -2.926  2.799   1.00 16.82 ? 122 GLU A N   1 
ATOM   924  C  CA  . GLU A 1 118 ? -13.339 -2.510  2.196   1.00 18.85 ? 122 GLU A CA  1 
ATOM   925  C  C   . GLU A 1 118 ? -13.221 -2.300  0.663   1.00 18.13 ? 122 GLU A C   1 
ATOM   926  O  O   . GLU A 1 118 ? -14.075 -2.766  -0.109  1.00 18.64 ? 122 GLU A O   1 
ATOM   927  C  CB  . GLU A 1 118 ? -13.961 -1.320  2.919   1.00 20.12 ? 122 GLU A CB  1 
ATOM   928  C  CG  . GLU A 1 118 ? -15.359 -0.928  2.418   1.00 26.68 ? 122 GLU A CG  1 
ATOM   929  C  CD  . GLU A 1 118 ? -16.359 -2.095  2.425   1.00 32.81 ? 122 GLU A CD  1 
ATOM   930  O  OE1 . GLU A 1 118 ? -16.354 -2.942  3.364   1.00 36.35 ? 122 GLU A OE1 1 
ATOM   931  O  OE2 . GLU A 1 118 ? -17.149 -2.165  1.458   1.00 38.73 ? 122 GLU A OE2 1 
ATOM   932  N  N   . PHE A 1 119 ? -12.139 -1.662  0.234   1.00 18.03 ? 123 PHE A N   1 
ATOM   933  C  CA  . PHE A 1 119 ? -11.842 -1.599  -1.199  1.00 18.12 ? 123 PHE A CA  1 
ATOM   934  C  C   . PHE A 1 119 ? -11.677 -2.986  -1.834  1.00 17.24 ? 123 PHE A C   1 
ATOM   935  O  O   . PHE A 1 119 ? -12.206 -3.227  -2.936  1.00 17.20 ? 123 PHE A O   1 
ATOM   936  C  CB  . PHE A 1 119 ? -10.605 -0.729  -1.461  1.00 17.61 ? 123 PHE A CB  1 
ATOM   937  C  CG  . PHE A 1 119 ? -10.909 0.750   -1.433  1.00 19.38 ? 123 PHE A CG  1 
ATOM   938  C  CD1 . PHE A 1 119 ? -11.871 1.281   -2.299  1.00 20.27 ? 123 PHE A CD1 1 
ATOM   939  C  CD2 . PHE A 1 119 ? -10.243 1.601   -0.530  1.00 17.66 ? 123 PHE A CD2 1 
ATOM   940  C  CE1 . PHE A 1 119 ? -12.161 2.652   -2.290  1.00 22.10 ? 123 PHE A CE1 1 
ATOM   941  C  CE2 . PHE A 1 119 ? -10.522 2.972   -0.493  1.00 19.70 ? 123 PHE A CE2 1 
ATOM   942  C  CZ  . PHE A 1 119 ? -11.489 3.498   -1.386  1.00 19.23 ? 123 PHE A CZ  1 
ATOM   943  N  N   . ILE A 1 120 ? -10.942 -3.888  -1.164  1.00 17.39 ? 124 ILE A N   1 
ATOM   944  C  CA  . ILE A 1 120 ? -10.786 -5.257  -1.680  1.00 17.13 ? 124 ILE A CA  1 
ATOM   945  C  C   . ILE A 1 120 ? -12.159 -5.919  -1.831  1.00 18.47 ? 124 ILE A C   1 
ATOM   946  O  O   . ILE A 1 120 ? -12.446 -6.513  -2.860  1.00 17.02 ? 124 ILE A O   1 
ATOM   947  C  CB  . ILE A 1 120 ? -9.850  -6.131  -0.805  1.00 17.69 ? 124 ILE A CB  1 
ATOM   948  C  CG1 . ILE A 1 120 ? -8.415  -5.575  -0.841  1.00 16.81 ? 124 ILE A CG1 1 
ATOM   949  C  CG2 . ILE A 1 120 ? -9.853  -7.563  -1.320  1.00 16.67 ? 124 ILE A CG2 1 
ATOM   950  C  CD1 . ILE A 1 120 ? -7.521  -6.088  0.263   1.00 17.30 ? 124 ILE A CD1 1 
ATOM   951  N  N   . ARG A 1 121 ? -13.012 -5.775  -0.811  1.00 19.20 ? 125 ARG A N   1 
ATOM   952  C  CA  . ARG A 1 121 ? -14.431 -6.226  -0.878  1.00 21.33 ? 125 ARG A CA  1 
ATOM   953  C  C   . ARG A 1 121 ? -15.205 -5.733  -2.096  1.00 21.00 ? 125 ARG A C   1 
ATOM   954  O  O   . ARG A 1 121 ? -15.935 -6.499  -2.734  1.00 20.87 ? 125 ARG A O   1 
ATOM   955  C  CB  . ARG A 1 121 ? -15.196 -5.712  0.337   1.00 21.38 ? 125 ARG A CB  1 
ATOM   956  C  CG  . ARG A 1 121 ? -15.019 -6.488  1.575   1.00 25.93 ? 125 ARG A CG  1 
ATOM   957  C  CD  . ARG A 1 121 ? -16.227 -6.276  2.515   1.00 27.61 ? 125 ARG A CD  1 
ATOM   958  N  NE  . ARG A 1 121 ? -16.074 -7.135  3.690   1.00 35.24 ? 125 ARG A NE  1 
ATOM   959  C  CZ  . ARG A 1 121 ? -15.405 -6.768  4.778   1.00 36.95 ? 125 ARG A CZ  1 
ATOM   960  N  NH1 . ARG A 1 121 ? -14.852 -5.555  4.844   1.00 39.67 ? 125 ARG A NH1 1 
ATOM   961  N  NH2 . ARG A 1 121 ? -15.289 -7.600  5.805   1.00 39.38 ? 125 ARG A NH2 1 
ATOM   962  N  N   . ARG A 1 122 ? -15.078 -4.443  -2.387  1.00 21.43 ? 126 ARG A N   1 
ATOM   963  C  CA  . ARG A 1 122 ? -15.756 -3.835  -3.541  1.00 21.30 ? 126 ARG A CA  1 
ATOM   964  C  C   . ARG A 1 122 ? -15.257 -4.411  -4.846  1.00 20.92 ? 126 ARG A C   1 
ATOM   965  O  O   . ARG A 1 122 ? -16.038 -4.628  -5.767  1.00 20.23 ? 126 ARG A O   1 
ATOM   966  C  CB  . ARG A 1 122 ? -15.598 -2.317  -3.558  1.00 21.76 ? 126 ARG A CB  1 
ATOM   967  C  CG  . ARG A 1 122 ? -16.295 -1.579  -2.426  1.00 26.82 ? 126 ARG A CG  1 
ATOM   968  C  CD  . ARG A 1 122 ? -16.054 -0.097  -2.585  1.00 33.52 ? 126 ARG A CD  1 
ATOM   969  N  NE  . ARG A 1 122 ? -16.428 0.660   -1.388  1.00 40.06 ? 126 ARG A NE  1 
ATOM   970  C  CZ  . ARG A 1 122 ? -16.272 1.979   -1.232  1.00 43.12 ? 126 ARG A CZ  1 
ATOM   971  N  NH1 . ARG A 1 122 ? -15.742 2.733   -2.196  1.00 44.02 ? 126 ARG A NH1 1 
ATOM   972  N  NH2 . ARG A 1 122 ? -16.659 2.552   -0.099  1.00 43.43 ? 126 ARG A NH2 1 
ATOM   973  N  N   . ILE A 1 123 ? -13.943 -4.644  -4.930  1.00 19.15 ? 127 ILE A N   1 
ATOM   974  C  CA  . ILE A 1 123 ? -13.353 -5.202  -6.137  1.00 17.95 ? 127 ILE A CA  1 
ATOM   975  C  C   . ILE A 1 123 ? -13.780 -6.668  -6.290  1.00 18.33 ? 127 ILE A C   1 
ATOM   976  O  O   . ILE A 1 123 ? -14.078 -7.113  -7.387  1.00 18.54 ? 127 ILE A O   1 
ATOM   977  C  CB  . ILE A 1 123 ? -11.816 -5.051  -6.125  1.00 16.89 ? 127 ILE A CB  1 
ATOM   978  C  CG1 . ILE A 1 123 ? -11.415 -3.556  -6.158  1.00 15.18 ? 127 ILE A CG1 1 
ATOM   979  C  CG2 . ILE A 1 123 ? -11.171 -5.810  -7.272  1.00 17.76 ? 127 ILE A CG2 1 
ATOM   980  C  CD1 . ILE A 1 123 ? -12.008 -2.688  -7.364  1.00 16.21 ? 127 ILE A CD1 1 
ATOM   981  N  N   . GLN A 1 124 ? -13.856 -7.398  -5.184  1.00 17.99 ? 128 GLN A N   1 
ATOM   982  C  CA  . GLN A 1 124 ? -14.404 -8.768  -5.219  1.00 18.84 ? 128 GLN A CA  1 
ATOM   983  C  C   . GLN A 1 124 ? -15.857 -8.805  -5.741  1.00 19.68 ? 128 GLN A C   1 
ATOM   984  O  O   . GLN A 1 124 ? -16.216 -9.696  -6.514  1.00 21.26 ? 128 GLN A O   1 
ATOM   985  C  CB  . GLN A 1 124 ? -14.295 -9.434  -3.857  1.00 18.38 ? 128 GLN A CB  1 
ATOM   986  C  CG  . GLN A 1 124 ? -12.860 -9.795  -3.471  1.00 21.43 ? 128 GLN A CG  1 
ATOM   987  C  CD  . GLN A 1 124 ? -12.739 -10.315 -2.053  1.00 21.79 ? 128 GLN A CD  1 
ATOM   988  O  OE1 . GLN A 1 124 ? -13.565 -10.010 -1.199  1.00 22.87 ? 128 GLN A OE1 1 
ATOM   989  N  NE2 . GLN A 1 124 ? -11.695 -11.065 -1.790  1.00 20.12 ? 128 GLN A NE2 1 
ATOM   990  N  N   . ALA A 1 125 ? -16.692 -7.857  -5.329  1.00 21.19 ? 129 ALA A N   1 
ATOM   991  C  CA  . ALA A 1 125 ? -18.063 -7.829  -5.836  1.00 21.74 ? 129 ALA A CA  1 
ATOM   992  C  C   . ALA A 1 125 ? -18.051 -7.428  -7.341  1.00 22.68 ? 129 ALA A C   1 
ATOM   993  O  O   . ALA A 1 125 ? -18.787 -7.992  -8.185  1.00 23.06 ? 129 ALA A O   1 
ATOM   994  C  CB  . ALA A 1 125 ? -18.922 -6.855  -4.996  1.00 22.65 ? 129 ALA A CB  1 
ATOM   995  N  N   . LYS A 1 126 ? -17.190 -6.464  -7.676  1.00 22.75 ? 130 LYS A N   1 
ATOM   996  C  CA  . LYS A 1 126 ? -17.091 -5.954  -9.060  1.00 22.02 ? 130 LYS A CA  1 
ATOM   997  C  C   . LYS A 1 126 ? -16.609 -6.998  -10.057 1.00 21.55 ? 130 LYS A C   1 
ATOM   998  O  O   . LYS A 1 126 ? -17.146 -7.097  -11.176 1.00 22.16 ? 130 LYS A O   1 
ATOM   999  C  CB  . LYS A 1 126 ? -16.192 -4.719  -9.095  1.00 22.10 ? 130 LYS A CB  1 
ATOM   1000 C  CG  . LYS A 1 126 ? -16.221 -3.958  -10.428 1.00 21.27 ? 130 LYS A CG  1 
ATOM   1001 C  CD  . LYS A 1 126 ? -15.600 -2.592  -10.258 1.00 23.21 ? 130 LYS A CD  1 
ATOM   1002 C  CE  . LYS A 1 126 ? -15.513 -1.823  -11.574 1.00 23.89 ? 130 LYS A CE  1 
ATOM   1003 N  NZ  . LYS A 1 126 ? -15.130 -0.390  -11.305 1.00 21.11 ? 130 LYS A NZ  1 
ATOM   1004 N  N   . PHE A 1 127 ? -15.573 -7.745  -9.671  1.00 19.79 ? 131 PHE A N   1 
ATOM   1005 C  CA  . PHE A 1 127 ? -14.952 -8.736  -10.528 1.00 19.35 ? 131 PHE A CA  1 
ATOM   1006 C  C   . PHE A 1 127 ? -14.939 -10.084 -9.821  1.00 19.21 ? 131 PHE A C   1 
ATOM   1007 O  O   . PHE A 1 127 ? -13.885 -10.573 -9.397  1.00 19.20 ? 131 PHE A O   1 
ATOM   1008 C  CB  . PHE A 1 127 ? -13.530 -8.269  -10.906 1.00 18.48 ? 131 PHE A CB  1 
ATOM   1009 C  CG  . PHE A 1 127 ? -13.524 -7.003  -11.718 1.00 18.03 ? 131 PHE A CG  1 
ATOM   1010 C  CD1 . PHE A 1 127 ? -13.969 -7.012  -13.036 1.00 19.31 ? 131 PHE A CD1 1 
ATOM   1011 C  CD2 . PHE A 1 127 ? -13.089 -5.792  -11.156 1.00 18.87 ? 131 PHE A CD2 1 
ATOM   1012 C  CE1 . PHE A 1 127 ? -13.990 -5.830  -13.807 1.00 21.19 ? 131 PHE A CE1 1 
ATOM   1013 C  CE2 . PHE A 1 127 ? -13.102 -4.582  -11.922 1.00 20.24 ? 131 PHE A CE2 1 
ATOM   1014 C  CZ  . PHE A 1 127 ? -13.554 -4.605  -13.244 1.00 21.00 ? 131 PHE A CZ  1 
ATOM   1015 N  N   . PRO A 1 128 ? -16.130 -10.709 -9.704  1.00 19.80 ? 132 PRO A N   1 
ATOM   1016 C  CA  . PRO A 1 128 ? -16.245 -11.941 -8.913  1.00 20.08 ? 132 PRO A CA  1 
ATOM   1017 C  C   . PRO A 1 128 ? -15.496 -13.127 -9.521  1.00 19.75 ? 132 PRO A C   1 
ATOM   1018 O  O   . PRO A 1 128 ? -15.247 -14.112 -8.817  1.00 20.44 ? 132 PRO A O   1 
ATOM   1019 C  CB  . PRO A 1 128 ? -17.774 -12.171 -8.847  1.00 19.97 ? 132 PRO A CB  1 
ATOM   1020 C  CG  . PRO A 1 128 ? -18.268 -11.572 -10.168 1.00 19.48 ? 132 PRO A CG  1 
ATOM   1021 C  CD  . PRO A 1 128 ? -17.424 -10.313 -10.302 1.00 19.99 ? 132 PRO A CD  1 
ATOM   1022 N  N   . VAL A 1 129 ? -15.113 -13.046 -10.801 1.00 19.62 ? 133 VAL A N   1 
ATOM   1023 C  CA  . VAL A 1 129 ? -14.407 -14.146 -11.446 1.00 19.76 ? 133 VAL A CA  1 
ATOM   1024 C  C   . VAL A 1 129 ? -12.856 -13.978 -11.429 1.00 18.97 ? 133 VAL A C   1 
ATOM   1025 O  O   . VAL A 1 129 ? -12.082 -14.926 -11.740 1.00 20.11 ? 133 VAL A O   1 
ATOM   1026 C  CB  . VAL A 1 129 ? -14.953 -14.387 -12.922 1.00 21.04 ? 133 VAL A CB  1 
ATOM   1027 C  CG1 . VAL A 1 129 ? -14.656 -15.771 -13.348 1.00 21.21 ? 133 VAL A CG1 1 
ATOM   1028 C  CG2 . VAL A 1 129 ? -16.431 -14.182 -12.955 1.00 21.40 ? 133 VAL A CG2 1 
ATOM   1029 N  N   . TRP A 1 130 ? -12.381 -12.800 -11.024 1.00 18.34 ? 134 TRP A N   1 
ATOM   1030 C  CA  . TRP A 1 130 ? -10.931 -12.618 -10.852 1.00 18.25 ? 134 TRP A CA  1 
ATOM   1031 C  C   . TRP A 1 130 ? -10.424 -13.513 -9.742  1.00 18.73 ? 134 TRP A C   1 
ATOM   1032 O  O   . TRP A 1 130 ? -11.101 -13.651 -8.737  1.00 19.17 ? 134 TRP A O   1 
ATOM   1033 C  CB  . TRP A 1 130 ? -10.634 -11.217 -10.389 1.00 17.77 ? 134 TRP A CB  1 
ATOM   1034 C  CG  . TRP A 1 130 ? -10.540 -10.160 -11.460 1.00 18.39 ? 134 TRP A CG  1 
ATOM   1035 C  CD1 . TRP A 1 130 ? -10.916 -10.244 -12.800 1.00 18.40 ? 134 TRP A CD1 1 
ATOM   1036 C  CD2 . TRP A 1 130 ? -10.073 -8.827  -11.251 1.00 17.52 ? 134 TRP A CD2 1 
ATOM   1037 N  NE1 . TRP A 1 130 ? -10.697 -9.021  -13.415 1.00 15.71 ? 134 TRP A NE1 1 
ATOM   1038 C  CE2 . TRP A 1 130 ? -10.191 -8.138  -12.482 1.00 17.92 ? 134 TRP A CE2 1 
ATOM   1039 C  CE3 . TRP A 1 130 ? -9.569  -8.140  -10.117 1.00 15.43 ? 134 TRP A CE3 1 
ATOM   1040 C  CZ2 . TRP A 1 130 ? -9.808  -6.793  -12.625 1.00 19.27 ? 134 TRP A CZ2 1 
ATOM   1041 C  CZ3 . TRP A 1 130 ? -9.206  -6.792  -10.254 1.00 15.22 ? 134 TRP A CZ3 1 
ATOM   1042 C  CH2 . TRP A 1 130 ? -9.321  -6.140  -11.496 1.00 18.03 ? 134 TRP A CH2 1 
ATOM   1043 N  N   . PRO A 1 131 ? -9.203  -14.050 -9.886  1.00 18.56 ? 135 PRO A N   1 
ATOM   1044 C  CA  . PRO A 1 131 ? -8.544  -14.768 -8.792  1.00 18.94 ? 135 PRO A CA  1 
ATOM   1045 C  C   . PRO A 1 131 ? -8.368  -13.821 -7.617  1.00 17.95 ? 135 PRO A C   1 
ATOM   1046 O  O   . PRO A 1 131 ? -8.280  -12.586 -7.806  1.00 16.66 ? 135 PRO A O   1 
ATOM   1047 C  CB  . PRO A 1 131 ? -7.178  -15.148 -9.352  1.00 19.55 ? 135 PRO A CB  1 
ATOM   1048 C  CG  . PRO A 1 131 ? -7.104  -14.626 -10.757 1.00 20.51 ? 135 PRO A CG  1 
ATOM   1049 C  CD  . PRO A 1 131 ? -8.400  -13.977 -11.123 1.00 18.98 ? 135 PRO A CD  1 
ATOM   1050 N  N   . LYS A 1 132 ? -8.319  -14.397 -6.428  1.00 17.43 ? 136 LYS A N   1 
ATOM   1051 C  CA  . LYS A 1 132 ? -8.166  -13.654 -5.195  1.00 18.96 ? 136 LYS A CA  1 
ATOM   1052 C  C   . LYS A 1 132 ? -6.933  -12.734 -5.225  1.00 17.40 ? 136 LYS A C   1 
ATOM   1053 O  O   . LYS A 1 132 ? -7.018  -11.603 -4.766  1.00 16.27 ? 136 LYS A O   1 
ATOM   1054 C  CB  . LYS A 1 132 ? -8.160  -14.621 -3.994  1.00 18.78 ? 136 LYS A CB  1 
ATOM   1055 C  CG  . LYS A 1 132 ? -8.245  -13.968 -2.621  1.00 22.85 ? 136 LYS A CG  1 
ATOM   1056 C  CD  . LYS A 1 132 ? -8.315  -15.021 -1.460  1.00 24.35 ? 136 LYS A CD  1 
ATOM   1057 C  CE  . LYS A 1 132 ? -9.585  -15.885 -1.481  1.00 28.86 ? 136 LYS A CE  1 
ATOM   1058 N  NZ  . LYS A 1 132 ? -10.733 -15.311 -0.773  1.00 31.08 ? 136 LYS A NZ  1 
ATOM   1059 N  N   . GLU A 1 133 ? -5.815  -13.193 -5.792  1.00 16.22 ? 137 GLU A N   1 
ATOM   1060 C  CA  . GLU A 1 133 ? -4.590  -12.348 -5.903  1.00 18.24 ? 137 GLU A CA  1 
ATOM   1061 C  C   . GLU A 1 133 ? -4.830  -11.058 -6.705  1.00 17.32 ? 137 GLU A C   1 
ATOM   1062 O  O   . GLU A 1 133 ? -4.218  -10.004 -6.440  1.00 17.34 ? 137 GLU A O   1 
ATOM   1063 C  CB  . GLU A 1 133 ? -3.448  -13.115 -6.593  1.00 18.30 ? 137 GLU A CB  1 
ATOM   1064 C  CG  . GLU A 1 133 ? -2.858  -14.318 -5.820  1.00 21.97 ? 137 GLU A CG  1 
ATOM   1065 C  CD  . GLU A 1 133 ? -3.787  -15.540 -5.791  1.00 25.24 ? 137 GLU A CD  1 
ATOM   1066 O  OE1 . GLU A 1 133 ? -4.739  -15.638 -6.618  1.00 26.03 ? 137 GLU A OE1 1 
ATOM   1067 O  OE2 . GLU A 1 133 ? -3.569  -16.403 -4.912  1.00 28.17 ? 137 GLU A OE2 1 
ATOM   1068 N  N   . HIS A 1 134 ? -5.711  -11.151 -7.702  1.00 17.01 ? 138 HIS A N   1 
ATOM   1069 C  CA  . HIS A 1 134 ? -6.005  -10.036 -8.589  1.00 14.90 ? 138 HIS A CA  1 
ATOM   1070 C  C   . HIS A 1 134 ? -6.961  -9.074  -7.926  1.00 15.32 ? 138 HIS A C   1 
ATOM   1071 O  O   . HIS A 1 134 ? -6.809  -7.881  -8.112  1.00 14.48 ? 138 HIS A O   1 
ATOM   1072 C  CB  . HIS A 1 134 ? -6.629  -10.537 -9.901  1.00 16.48 ? 138 HIS A CB  1 
ATOM   1073 C  CG  . HIS A 1 134 ? -5.652  -11.223 -10.804 1.00 15.15 ? 138 HIS A CG  1 
ATOM   1074 N  ND1 . HIS A 1 134 ? -5.835  -11.297 -12.170 1.00 18.89 ? 138 HIS A ND1 1 
ATOM   1075 C  CD2 . HIS A 1 134 ? -4.487  -11.870 -10.542 1.00 18.78 ? 138 HIS A CD2 1 
ATOM   1076 C  CE1 . HIS A 1 134 ? -4.821  -11.948 -12.709 1.00 18.55 ? 138 HIS A CE1 1 
ATOM   1077 N  NE2 . HIS A 1 134 ? -3.984  -12.294 -11.746 1.00 18.88 ? 138 HIS A NE2 1 
ATOM   1078 N  N   . GLN A 1 135 ? -7.933  -9.605  -7.176  1.00 13.57 ? 139 GLN A N   1 
ATOM   1079 C  CA  . GLN A 1 135 ? -8.866  -8.751  -6.440  1.00 14.19 ? 139 GLN A CA  1 
ATOM   1080 C  C   . GLN A 1 135 ? -8.090  -7.999  -5.355  1.00 13.25 ? 139 GLN A C   1 
ATOM   1081 O  O   . GLN A 1 135 ? -8.400  -6.847  -5.075  1.00 12.24 ? 139 GLN A O   1 
ATOM   1082 C  CB  . GLN A 1 135 ? -10.041 -9.561  -5.818  1.00 13.86 ? 139 GLN A CB  1 
ATOM   1083 C  CG  . GLN A 1 135 ? -10.899 -10.303 -6.864  1.00 13.06 ? 139 GLN A CG  1 
ATOM   1084 C  CD  . GLN A 1 135 ? -11.671 -11.467 -6.277  1.00 14.66 ? 139 GLN A CD  1 
ATOM   1085 O  OE1 . GLN A 1 135 ? -11.315 -12.031 -5.226  1.00 13.53 ? 139 GLN A OE1 1 
ATOM   1086 N  NE2 . GLN A 1 135 ? -12.812 -11.764 -6.902  1.00 14.81 ? 139 GLN A NE2 1 
ATOM   1087 N  N   . LEU A 1 136 ? -7.116  -8.665  -4.728  1.00 13.68 ? 140 LEU A N   1 
ATOM   1088 C  CA  . LEU A 1 136 ? -6.224  -7.985  -3.751  1.00 13.95 ? 140 LEU A CA  1 
ATOM   1089 C  C   . LEU A 1 136 ? -5.522  -6.798  -4.417  1.00 12.55 ? 140 LEU A C   1 
ATOM   1090 O  O   . LEU A 1 136 ? -5.557  -5.689  -3.896  1.00 13.47 ? 140 LEU A O   1 
ATOM   1091 C  CB  . LEU A 1 136 ? -5.158  -8.967  -3.206  1.00 13.39 ? 140 LEU A CB  1 
ATOM   1092 C  CG  . LEU A 1 136 ? -4.056  -8.338  -2.322  1.00 14.21 ? 140 LEU A CG  1 
ATOM   1093 C  CD1 . LEU A 1 136 ? -4.602  -7.501  -1.150  1.00 17.15 ? 140 LEU A CD1 1 
ATOM   1094 C  CD2 . LEU A 1 136 ? -3.063  -9.446  -1.833  1.00 15.55 ? 140 LEU A CD2 1 
ATOM   1095 N  N   . LYS A 1 137 ? -4.879  -7.056  -5.572  1.00 12.72 ? 141 LYS A N   1 
ATOM   1096 C  CA  . LYS A 1 137 ? -4.120  -6.016  -6.282  1.00 12.48 ? 141 LYS A CA  1 
ATOM   1097 C  C   . LYS A 1 137 ? -5.059  -4.857  -6.641  1.00 12.37 ? 141 LYS A C   1 
ATOM   1098 O  O   . LYS A 1 137 ? -4.696  -3.691  -6.496  1.00 13.44 ? 141 LYS A O   1 
ATOM   1099 C  CB  . LYS A 1 137 ? -3.543  -6.564  -7.592  1.00 13.02 ? 141 LYS A CB  1 
ATOM   1100 C  CG  . LYS A 1 137 ? -2.446  -5.670  -8.112  1.00 11.84 ? 141 LYS A CG  1 
ATOM   1101 C  CD  . LYS A 1 137 ? -1.991  -6.163  -9.507  1.00 12.35 ? 141 LYS A CD  1 
ATOM   1102 C  CE  . LYS A 1 137 ? -0.872  -5.260  -10.040 1.00 15.75 ? 141 LYS A CE  1 
ATOM   1103 N  NZ  . LYS A 1 137 ? -0.263  -5.890  -11.266 1.00 14.70 ? 141 LYS A NZ  1 
ATOM   1104 N  N   . GLY A 1 138 ? -6.271  -5.210  -7.094  1.00 13.68 ? 142 GLY A N   1 
ATOM   1105 C  CA  . GLY A 1 138 ? -7.297  -4.246  -7.495  1.00 12.54 ? 142 GLY A CA  1 
ATOM   1106 C  C   . GLY A 1 138 ? -7.763  -3.403  -6.309  1.00 13.32 ? 142 GLY A C   1 
ATOM   1107 O  O   . GLY A 1 138 ? -7.959  -2.170  -6.420  1.00 11.51 ? 142 GLY A O   1 
ATOM   1108 N  N   . GLY A 1 139 ? -7.838  -4.035  -5.147  1.00 13.43 ? 143 GLY A N   1 
ATOM   1109 C  CA  . GLY A 1 139 ? -8.255  -3.292  -3.934  1.00 12.74 ? 143 GLY A CA  1 
ATOM   1110 C  C   . GLY A 1 139 ? -7.170  -2.284  -3.568  1.00 13.45 ? 143 GLY A C   1 
ATOM   1111 O  O   . GLY A 1 139 ? -7.433  -1.152  -3.130  1.00 13.52 ? 143 GLY A O   1 
ATOM   1112 N  N   . ILE A 1 140 ? -5.917  -2.687  -3.774  1.00 11.80 ? 144 ILE A N   1 
ATOM   1113 C  CA  . ILE A 1 140 ? -4.812  -1.780  -3.492  1.00 13.02 ? 144 ILE A CA  1 
ATOM   1114 C  C   . ILE A 1 140 ? -4.855  -0.583  -4.450  1.00 12.80 ? 144 ILE A C   1 
ATOM   1115 O  O   . ILE A 1 140 ? -4.644  0.548   -4.023  1.00 12.44 ? 144 ILE A O   1 
ATOM   1116 C  CB  . ILE A 1 140 ? -3.465  -2.510  -3.588  1.00 11.99 ? 144 ILE A CB  1 
ATOM   1117 C  CG1 . ILE A 1 140 ? -3.368  -3.579  -2.472  1.00 12.92 ? 144 ILE A CG1 1 
ATOM   1118 C  CG2 . ILE A 1 140 ? -2.305  -1.469  -3.504  1.00 14.22 ? 144 ILE A CG2 1 
ATOM   1119 C  CD1 . ILE A 1 140 ? -2.195  -4.563  -2.704  1.00 13.19 ? 144 ILE A CD1 1 
ATOM   1120 N  N   . SER A 1 141 ? -5.106  -0.823  -5.739  1.00 13.66 ? 145 SER A N   1 
ATOM   1121 C  CA  . SER A 1 141 ? -5.226  0.267   -6.703  1.00 13.68 ? 145 SER A CA  1 
ATOM   1122 C  C   . SER A 1 141 ? -6.336  1.227   -6.251  1.00 14.48 ? 145 SER A C   1 
ATOM   1123 O  O   . SER A 1 141 ? -6.137  2.446   -6.239  1.00 14.91 ? 145 SER A O   1 
ATOM   1124 C  CB  . SER A 1 141 ? -5.554  -0.254  -8.103  1.00 15.18 ? 145 SER A CB  1 
ATOM   1125 O  OG  . SER A 1 141 ? -5.871  0.848   -8.968  1.00 17.92 ? 145 SER A OG  1 
ATOM   1126 N  N   . ALA A 1 142 ? -7.460  0.655   -5.817  1.00 13.85 ? 146 ALA A N   1 
ATOM   1127 C  CA  . ALA A 1 142 ? -8.615  1.459   -5.385  1.00 13.90 ? 146 ALA A CA  1 
ATOM   1128 C  C   . ALA A 1 142 ? -8.326  2.300   -4.133  1.00 14.54 ? 146 ALA A C   1 
ATOM   1129 O  O   . ALA A 1 142 ? -8.861  3.424   -3.950  1.00 14.96 ? 146 ALA A O   1 
ATOM   1130 C  CB  . ALA A 1 142 ? -9.826  0.547   -5.191  1.00 14.65 ? 146 ALA A CB  1 
ATOM   1131 N  N   . TYR A 1 143 ? -7.441  1.798   -3.282  1.00 13.75 ? 147 TYR A N   1 
ATOM   1132 C  CA  . TYR A 1 143 ? -7.014  2.561   -2.119  1.00 14.28 ? 147 TYR A CA  1 
ATOM   1133 C  C   . TYR A 1 143 ? -6.413  3.919   -2.522  1.00 15.52 ? 147 TYR A C   1 
ATOM   1134 O  O   . TYR A 1 143 ? -6.588  4.914   -1.818  1.00 15.16 ? 147 TYR A O   1 
ATOM   1135 C  CB  . TYR A 1 143 ? -6.038  1.712   -1.280  1.00 14.31 ? 147 TYR A CB  1 
ATOM   1136 C  CG  . TYR A 1 143 ? -5.635  2.326   0.034   1.00 14.44 ? 147 TYR A CG  1 
ATOM   1137 C  CD1 . TYR A 1 143 ? -6.354  2.031   1.200   1.00 16.66 ? 147 TYR A CD1 1 
ATOM   1138 C  CD2 . TYR A 1 143 ? -4.514  3.167   0.126   1.00 16.25 ? 147 TYR A CD2 1 
ATOM   1139 C  CE1 . TYR A 1 143 ? -5.987  2.564   2.432   1.00 15.56 ? 147 TYR A CE1 1 
ATOM   1140 C  CE2 . TYR A 1 143 ? -4.151  3.732   1.350   1.00 18.70 ? 147 TYR A CE2 1 
ATOM   1141 C  CZ  . TYR A 1 143 ? -4.900  3.424   2.498   1.00 17.00 ? 147 TYR A CZ  1 
ATOM   1142 O  OH  . TYR A 1 143 ? -4.556  3.953   3.718   1.00 17.77 ? 147 TYR A OH  1 
ATOM   1143 N  N   . ASN A 1 144 ? -5.730  3.978   -3.665  1.00 14.86 ? 148 ASN A N   1 
ATOM   1144 C  CA  . ASN A 1 144 ? -5.234  5.244   -4.165  1.00 16.24 ? 148 ASN A CA  1 
ATOM   1145 C  C   . ASN A 1 144 ? -6.264  6.057   -4.964  1.00 17.71 ? 148 ASN A C   1 
ATOM   1146 O  O   . ASN A 1 144 ? -6.418  7.278   -4.766  1.00 19.13 ? 148 ASN A O   1 
ATOM   1147 C  CB  . ASN A 1 144 ? -4.029  4.986   -5.047  1.00 15.57 ? 148 ASN A CB  1 
ATOM   1148 C  CG  . ASN A 1 144 ? -3.527  6.253   -5.712  1.00 14.37 ? 148 ASN A CG  1 
ATOM   1149 O  OD1 . ASN A 1 144 ? -3.818  6.487   -6.877  1.00 15.55 ? 148 ASN A OD1 1 
ATOM   1150 N  ND2 . ASN A 1 144 ? -2.812  7.077   -4.970  1.00 16.09 ? 148 ASN A ND2 1 
ATOM   1151 N  N   . ALA A 1 145 ? -6.951  5.386   -5.879  1.00 18.45 ? 149 ALA A N   1 
ATOM   1152 C  CA  . ALA A 1 145 ? -7.721  6.113   -6.890  1.00 19.73 ? 149 ALA A CA  1 
ATOM   1153 C  C   . ALA A 1 145 ? -9.206  5.790   -6.976  1.00 19.94 ? 149 ALA A C   1 
ATOM   1154 O  O   . ALA A 1 145 ? -9.910  6.329   -7.855  1.00 20.92 ? 149 ALA A O   1 
ATOM   1155 C  CB  . ALA A 1 145 ? -7.048  5.982   -8.257  1.00 19.77 ? 149 ALA A CB  1 
ATOM   1156 N  N   . GLY A 1 146 ? -9.700  4.927   -6.087  1.00 19.55 ? 150 GLY A N   1 
ATOM   1157 C  CA  . GLY A 1 146 ? -11.126 4.624   -6.039  1.00 18.42 ? 150 GLY A CA  1 
ATOM   1158 C  C   . GLY A 1 146 ? -11.439 3.368   -6.830  1.00 18.79 ? 150 GLY A C   1 
ATOM   1159 O  O   . GLY A 1 146 ? -10.693 2.991   -7.722  1.00 18.20 ? 150 GLY A O   1 
ATOM   1160 N  N   . ASP A 1 147 ? -12.509 2.678   -6.473  1.00 19.67 ? 151 ASP A N   1 
ATOM   1161 C  CA  . ASP A 1 147 ? -12.848 1.447   -7.179  1.00 21.28 ? 151 ASP A CA  1 
ATOM   1162 C  C   . ASP A 1 147 ? -13.438 1.679   -8.577  1.00 21.77 ? 151 ASP A C   1 
ATOM   1163 O  O   . ASP A 1 147 ? -13.340 0.814   -9.450  1.00 20.00 ? 151 ASP A O   1 
ATOM   1164 C  CB  . ASP A 1 147 ? -13.754 0.550   -6.333  1.00 22.83 ? 151 ASP A CB  1 
ATOM   1165 C  CG  . ASP A 1 147 ? -14.942 1.292   -5.761  1.00 26.02 ? 151 ASP A CG  1 
ATOM   1166 O  OD1 . ASP A 1 147 ? -14.799 1.917   -4.690  1.00 32.50 ? 151 ASP A OD1 1 
ATOM   1167 O  OD2 . ASP A 1 147 ? -16.019 1.277   -6.396  1.00 31.35 ? 151 ASP A OD2 1 
ATOM   1168 N  N   . LYS A 1 148 ? -14.019 2.847   -8.819  1.00 23.81 ? 152 LYS A N   1 
ATOM   1169 C  CA  . LYS A 1 148 ? -14.546 3.148   -10.172 1.00 25.89 ? 152 LYS A CA  1 
ATOM   1170 C  C   . LYS A 1 148 ? -13.447 3.146   -11.234 1.00 25.10 ? 152 LYS A C   1 
ATOM   1171 O  O   . LYS A 1 148 ? -13.657 2.717   -12.381 1.00 25.31 ? 152 LYS A O   1 
ATOM   1172 C  CB  . LYS A 1 148 ? -15.364 4.453   -10.161 1.00 26.38 ? 152 LYS A CB  1 
ATOM   1173 C  CG  . LYS A 1 148 ? -16.785 4.196   -9.615  1.00 29.47 ? 152 LYS A CG  1 
ATOM   1174 C  CD  . LYS A 1 148 ? -17.599 5.485   -9.402  1.00 30.47 ? 152 LYS A CD  1 
ATOM   1175 C  CE  . LYS A 1 148 ? -18.902 5.162   -8.636  1.00 32.79 ? 152 LYS A CE  1 
ATOM   1176 N  NZ  . LYS A 1 148 ? -19.355 6.257   -7.689  1.00 38.96 ? 152 LYS A NZ  1 
ATOM   1177 N  N   . ASN A 1 149 ? -12.257 3.561   -10.818 1.00 23.44 ? 153 ASN A N   1 
ATOM   1178 C  CA  . ASN A 1 149 ? -11.083 3.575   -11.673 1.00 22.80 ? 153 ASN A CA  1 
ATOM   1179 C  C   . ASN A 1 149 ? -10.544 2.179   -12.009 1.00 22.12 ? 153 ASN A C   1 
ATOM   1180 O  O   . ASN A 1 149 ? -9.725  2.030   -12.925 1.00 22.26 ? 153 ASN A O   1 
ATOM   1181 C  CB  . ASN A 1 149 ? -9.974  4.437   -11.053 1.00 22.93 ? 153 ASN A CB  1 
ATOM   1182 C  CG  . ASN A 1 149 ? -8.800  4.646   -12.003 1.00 24.43 ? 153 ASN A CG  1 
ATOM   1183 O  OD1 . ASN A 1 149 ? -8.966  5.156   -13.131 1.00 25.09 ? 153 ASN A OD1 1 
ATOM   1184 N  ND2 . ASN A 1 149 ? -7.607  4.235   -11.570 1.00 22.39 ? 153 ASN A ND2 1 
ATOM   1185 N  N   . VAL A 1 150 ? -10.977 1.159   -11.274 1.00 19.87 ? 154 VAL A N   1 
ATOM   1186 C  CA  . VAL A 1 150 ? -10.427 -0.188  -11.517 1.00 20.03 ? 154 VAL A CA  1 
ATOM   1187 C  C   . VAL A 1 150 ? -11.325 -0.929  -12.482 1.00 21.60 ? 154 VAL A C   1 
ATOM   1188 O  O   . VAL A 1 150 ? -12.425 -1.357  -12.133 1.00 22.53 ? 154 VAL A O   1 
ATOM   1189 C  CB  . VAL A 1 150 ? -10.212 -1.029  -10.216 1.00 18.77 ? 154 VAL A CB  1 
ATOM   1190 C  CG1 . VAL A 1 150 ? -9.630  -2.439  -10.561 1.00 17.93 ? 154 VAL A CG1 1 
ATOM   1191 C  CG2 . VAL A 1 150 ? -9.280  -0.265  -9.233  1.00 15.92 ? 154 VAL A CG2 1 
ATOM   1192 N  N   . ARG A 1 151 ? -10.845 -1.078  -13.713 1.00 24.21 ? 155 ARG A N   1 
ATOM   1193 C  CA  . ARG A 1 151 ? -11.595 -1.845  -14.711 1.00 25.88 ? 155 ARG A CA  1 
ATOM   1194 C  C   . ARG A 1 151 ? -10.729 -3.010  -15.198 1.00 25.39 ? 155 ARG A C   1 
ATOM   1195 O  O   . ARG A 1 151 ? -10.553 -4.018  -14.486 1.00 27.25 ? 155 ARG A O   1 
ATOM   1196 C  CB  . ARG A 1 151 ? -12.124 -0.906  -15.815 1.00 25.80 ? 155 ARG A CB  1 
ATOM   1197 C  CG  . ARG A 1 151 ? -12.864 0.337   -15.298 1.00 28.81 ? 155 ARG A CG  1 
ATOM   1198 C  CD  . ARG A 1 151 ? -12.839 1.531   -16.276 1.00 30.01 ? 155 ARG A CD  1 
ATOM   1199 N  NE  . ARG A 1 151 ? -13.274 2.759   -15.613 1.00 37.85 ? 155 ARG A NE  1 
ATOM   1200 C  CZ  . ARG A 1 151 ? -12.528 3.852   -15.455 1.00 38.98 ? 155 ARG A CZ  1 
ATOM   1201 N  NH1 . ARG A 1 151 ? -11.287 3.898   -15.932 1.00 40.77 ? 155 ARG A NH1 1 
ATOM   1202 N  NH2 . ARG A 1 151 ? -13.035 4.906   -14.818 1.00 40.88 ? 155 ARG A NH2 1 
ATOM   1203 N  N   . THR A 1 152 ? -10.121 -2.889  -16.359 1.00 25.08 ? 156 THR A N   1 
ATOM   1204 C  CA  . THR A 1 152 ? -9.369  -3.995  -16.884 1.00 24.03 ? 156 THR A CA  1 
ATOM   1205 C  C   . THR A 1 152 ? -8.280  -4.309  -15.839 1.00 22.53 ? 156 THR A C   1 
ATOM   1206 O  O   . THR A 1 152 ? -7.617  -3.391  -15.335 1.00 22.48 ? 156 THR A O   1 
ATOM   1207 C  CB  . THR A 1 152 ? -8.767  -3.622  -18.233 1.00 25.25 ? 156 THR A CB  1 
ATOM   1208 O  OG1 . THR A 1 152 ? -9.842  -3.444  -19.182 1.00 27.54 ? 156 THR A OG1 1 
ATOM   1209 C  CG2 . THR A 1 152 ? -7.859  -4.715  -18.735 1.00 25.98 ? 156 THR A CG2 1 
ATOM   1210 N  N   . TYR A 1 153 ? -8.123  -5.581  -15.489 1.00 20.31 ? 157 TYR A N   1 
ATOM   1211 C  CA  . TYR A 1 153 ? -7.056  -5.990  -14.576 1.00 18.15 ? 157 TYR A CA  1 
ATOM   1212 C  C   . TYR A 1 153 ? -5.697  -5.399  -14.979 1.00 18.82 ? 157 TYR A C   1 
ATOM   1213 O  O   . TYR A 1 153 ? -4.948  -4.872  -14.149 1.00 16.87 ? 157 TYR A O   1 
ATOM   1214 C  CB  . TYR A 1 153 ? -6.941  -7.520  -14.551 1.00 18.09 ? 157 TYR A CB  1 
ATOM   1215 C  CG  . TYR A 1 153 ? -5.740  -7.993  -13.771 1.00 17.93 ? 157 TYR A CG  1 
ATOM   1216 C  CD1 . TYR A 1 153 ? -5.688  -7.841  -12.371 1.00 18.35 ? 157 TYR A CD1 1 
ATOM   1217 C  CD2 . TYR A 1 153 ? -4.653  -8.592  -14.411 1.00 17.41 ? 157 TYR A CD2 1 
ATOM   1218 C  CE1 . TYR A 1 153 ? -4.583  -8.242  -11.643 1.00 17.76 ? 157 TYR A CE1 1 
ATOM   1219 C  CE2 . TYR A 1 153 ? -3.542  -9.017  -13.690 1.00 15.79 ? 157 TYR A CE2 1 
ATOM   1220 C  CZ  . TYR A 1 153 ? -3.519  -8.846  -12.295 1.00 19.41 ? 157 TYR A CZ  1 
ATOM   1221 O  OH  . TYR A 1 153 ? -2.441  -9.258  -11.538 1.00 21.68 ? 157 TYR A OH  1 
ATOM   1222 N  N   . GLU A 1 154 ? -5.395  -5.522  -16.273 1.00 18.35 ? 158 GLU A N   1 
ATOM   1223 C  CA  . GLU A 1 154 ? -4.097  -5.136  -16.835 1.00 18.21 ? 158 GLU A CA  1 
ATOM   1224 C  C   . GLU A 1 154 ? -3.836  -3.624  -16.873 1.00 17.49 ? 158 GLU A C   1 
ATOM   1225 O  O   . GLU A 1 154 ? -2.695  -3.198  -17.096 1.00 18.79 ? 158 GLU A O   1 
ATOM   1226 C  CB  . GLU A 1 154 ? -3.950  -5.746  -18.249 1.00 18.61 ? 158 GLU A CB  1 
ATOM   1227 C  CG  . GLU A 1 154 ? -4.062  -7.327  -18.286 1.00 19.90 ? 158 GLU A CG  1 
ATOM   1228 C  CD  . GLU A 1 154 ? -5.503  -7.863  -18.360 1.00 22.36 ? 158 GLU A CD  1 
ATOM   1229 O  OE1 . GLU A 1 154 ? -6.481  -7.096  -18.345 1.00 24.82 ? 158 GLU A OE1 1 
ATOM   1230 O  OE2 . GLU A 1 154 ? -5.660  -9.084  -18.460 1.00 28.80 ? 158 GLU A OE2 1 
ATOM   1231 N  N   . ARG A 1 155 ? -4.872  -2.823  -16.652 1.00 16.71 ? 159 ARG A N   1 
ATOM   1232 C  CA  . ARG A 1 155 ? -4.728  -1.383  -16.687 1.00 17.16 ? 159 ARG A CA  1 
ATOM   1233 C  C   . ARG A 1 155 ? -5.148  -0.728  -15.378 1.00 17.24 ? 159 ARG A C   1 
ATOM   1234 O  O   . ARG A 1 155 ? -5.375  0.481   -15.338 1.00 16.83 ? 159 ARG A O   1 
ATOM   1235 C  CB  . ARG A 1 155 ? -5.599  -0.808  -17.815 1.00 18.08 ? 159 ARG A CB  1 
ATOM   1236 C  CG  . ARG A 1 155 ? -5.461  -1.513  -19.122 1.00 18.96 ? 159 ARG A CG  1 
ATOM   1237 C  CD  . ARG A 1 155 ? -6.029  -0.679  -20.248 1.00 20.53 ? 159 ARG A CD  1 
ATOM   1238 N  NE  . ARG A 1 155 ? -5.238  0.524   -20.496 1.00 22.31 ? 159 ARG A NE  1 
ATOM   1239 C  CZ  . ARG A 1 155 ? -5.748  1.749   -20.559 1.00 23.48 ? 159 ARG A CZ  1 
ATOM   1240 N  NH1 . ARG A 1 155 ? -7.050  1.930   -20.393 1.00 27.99 ? 159 ARG A NH1 1 
ATOM   1241 N  NH2 . ARG A 1 155 ? -4.954  2.793   -20.794 1.00 25.76 ? 159 ARG A NH2 1 
ATOM   1242 N  N   . MET A 1 156 ? -5.245  -1.501  -14.295 1.00 16.16 ? 160 MET A N   1 
ATOM   1243 C  CA  . MET A 1 156 ? -5.827  -0.933  -13.052 1.00 15.17 ? 160 MET A CA  1 
ATOM   1244 C  C   . MET A 1 156 ? -5.017  0.235   -12.471 1.00 15.51 ? 160 MET A C   1 
ATOM   1245 O  O   . MET A 1 156 ? -5.539  1.016   -11.699 1.00 16.77 ? 160 MET A O   1 
ATOM   1246 C  CB  . MET A 1 156 ? -5.998  -2.008  -11.975 1.00 14.99 ? 160 MET A CB  1 
ATOM   1247 C  CG  . MET A 1 156 ? -4.667  -2.636  -11.515 1.00 13.94 ? 160 MET A CG  1 
ATOM   1248 S  SD  . MET A 1 156 ? -4.780  -3.715  -10.072 1.00 15.42 ? 160 MET A SD  1 
ATOM   1249 C  CE  . MET A 1 156 ? -5.947  -4.938  -10.748 1.00 11.70 ? 160 MET A CE  1 
ATOM   1250 N  N   . ASP A 1 157 ? -3.735  0.339   -12.815 1.00 14.06 ? 161 ASP A N   1 
ATOM   1251 C  CA  . ASP A 1 157 ? -2.943  1.494   -12.320 1.00 15.22 ? 161 ASP A CA  1 
ATOM   1252 C  C   . ASP A 1 157 ? -2.992  2.750   -13.178 1.00 15.87 ? 161 ASP A C   1 
ATOM   1253 O  O   . ASP A 1 157 ? -2.454  3.812   -12.806 1.00 15.13 ? 161 ASP A O   1 
ATOM   1254 C  CB  . ASP A 1 157 ? -1.500  1.072   -12.098 1.00 13.33 ? 161 ASP A CB  1 
ATOM   1255 C  CG  . ASP A 1 157 ? -1.295  0.365   -10.746 1.00 15.46 ? 161 ASP A CG  1 
ATOM   1256 O  OD1 . ASP A 1 157 ? -2.191  0.355   -9.878  1.00 14.99 ? 161 ASP A OD1 1 
ATOM   1257 O  OD2 . ASP A 1 157 ? -0.211  -0.172  -10.571 1.00 12.25 ? 161 ASP A OD2 1 
ATOM   1258 N  N   . VAL A 1 158 ? -3.614  2.640   -14.352 1.00 17.16 ? 162 VAL A N   1 
ATOM   1259 C  CA  . VAL A 1 158 ? -3.789  3.819   -15.188 1.00 18.51 ? 162 VAL A CA  1 
ATOM   1260 C  C   . VAL A 1 158 ? -4.675  4.770   -14.392 1.00 18.65 ? 162 VAL A C   1 
ATOM   1261 O  O   . VAL A 1 158 ? -5.757  4.389   -13.937 1.00 20.69 ? 162 VAL A O   1 
ATOM   1262 C  CB  . VAL A 1 158 ? -4.455  3.471   -16.524 1.00 17.60 ? 162 VAL A CB  1 
ATOM   1263 C  CG1 . VAL A 1 158 ? -4.878  4.759   -17.292 1.00 20.54 ? 162 VAL A CG1 1 
ATOM   1264 C  CG2 . VAL A 1 158 ? -3.515  2.694   -17.363 1.00 17.73 ? 162 VAL A CG2 1 
ATOM   1265 N  N   . GLY A 1 159 ? -4.222  6.002   -14.192 1.00 19.89 ? 163 GLY A N   1 
ATOM   1266 C  CA  . GLY A 1 159 ? -5.085  6.967   -13.462 1.00 18.83 ? 163 GLY A CA  1 
ATOM   1267 C  C   . GLY A 1 159 ? -4.830  6.985   -11.959 1.00 19.59 ? 163 GLY A C   1 
ATOM   1268 O  O   . GLY A 1 159 ? -5.470  7.772   -11.225 1.00 20.16 ? 163 GLY A O   1 
ATOM   1269 N  N   . THR A 1 160 ? -3.926  6.121   -11.484 1.00 18.31 ? 164 THR A N   1 
ATOM   1270 C  CA  . THR A 1 160 ? -3.445  6.198   -10.087 1.00 17.91 ? 164 THR A CA  1 
ATOM   1271 C  C   . THR A 1 160 ? -2.223  7.121   -10.024 1.00 18.04 ? 164 THR A C   1 
ATOM   1272 O  O   . THR A 1 160 ? -1.584  7.382   -11.042 1.00 17.05 ? 164 THR A O   1 
ATOM   1273 C  CB  . THR A 1 160 ? -2.996  4.823   -9.503  1.00 17.48 ? 164 THR A CB  1 
ATOM   1274 O  OG1 . THR A 1 160 ? -1.852  4.334   -10.216 1.00 18.72 ? 164 THR A OG1 1 
ATOM   1275 C  CG2 . THR A 1 160 ? -4.116  3.810   -9.552  1.00 19.33 ? 164 THR A CG2 1 
ATOM   1276 N  N   . THR A 1 161 ? -1.902  7.598   -8.827  1.00 17.17 ? 165 THR A N   1 
ATOM   1277 C  CA  . THR A 1 161 ? -0.693  8.399   -8.612  1.00 17.61 ? 165 THR A CA  1 
ATOM   1278 C  C   . THR A 1 161 ? 0.520   7.645   -9.166  1.00 18.25 ? 165 THR A C   1 
ATOM   1279 O  O   . THR A 1 161 ? 0.671   6.470   -8.908  1.00 18.19 ? 165 THR A O   1 
ATOM   1280 C  CB  . THR A 1 161 ? -0.505  8.729   -7.103  1.00 17.76 ? 165 THR A CB  1 
ATOM   1281 O  OG1 . THR A 1 161 ? -1.698  9.368   -6.597  1.00 16.19 ? 165 THR A OG1 1 
ATOM   1282 C  CG2 . THR A 1 161 ? 0.669   9.658   -6.935  1.00 18.47 ? 165 THR A CG2 1 
ATOM   1283 N  N   . GLY A 1 162 ? 1.332   8.295   -10.010 1.00 18.68 ? 166 GLY A N   1 
ATOM   1284 C  CA  . GLY A 1 162 ? 2.535   7.631   -10.544 1.00 18.89 ? 166 GLY A CA  1 
ATOM   1285 C  C   . GLY A 1 162 ? 2.223   6.672   -11.697 1.00 18.81 ? 166 GLY A C   1 
ATOM   1286 O  O   . GLY A 1 162 ? 3.154   6.149   -12.323 1.00 20.74 ? 166 GLY A O   1 
ATOM   1287 N  N   . GLY A 1 163 ? 0.933   6.398   -11.939 1.00 18.65 ? 167 GLY A N   1 
ATOM   1288 C  CA  . GLY A 1 163 ? 0.509   5.387   -12.933 1.00 18.10 ? 167 GLY A CA  1 
ATOM   1289 C  C   . GLY A 1 163 ? 0.933   3.961   -12.587 1.00 17.68 ? 167 GLY A C   1 
ATOM   1290 O  O   . GLY A 1 163 ? 0.993   3.089   -13.476 1.00 17.69 ? 167 GLY A O   1 
ATOM   1291 N  N   . ASP A 1 164 ? 1.206   3.711   -11.301 1.00 16.24 ? 168 ASP A N   1 
ATOM   1292 C  CA  . ASP A 1 164 ? 1.847   2.478   -10.866 1.00 15.62 ? 168 ASP A CA  1 
ATOM   1293 C  C   . ASP A 1 164 ? 1.505   2.049   -9.449  1.00 14.87 ? 168 ASP A C   1 
ATOM   1294 O  O   . ASP A 1 164 ? 2.210   1.243   -8.866  1.00 14.45 ? 168 ASP A O   1 
ATOM   1295 C  CB  . ASP A 1 164 ? 3.357   2.647   -10.923 1.00 16.22 ? 168 ASP A CB  1 
ATOM   1296 C  CG  . ASP A 1 164 ? 3.863   3.649   -9.909  1.00 18.08 ? 168 ASP A CG  1 
ATOM   1297 O  OD1 . ASP A 1 164 ? 3.046   4.412   -9.298  1.00 15.38 ? 168 ASP A OD1 1 
ATOM   1298 O  OD2 . ASP A 1 164 ? 5.093   3.711   -9.743  1.00 19.72 ? 168 ASP A OD2 1 
ATOM   1299 N  N   . TYR A 1 165 ? 0.433   2.586   -8.888  1.00 13.75 ? 169 TYR A N   1 
ATOM   1300 C  CA  . TYR A 1 165 ? 0.280   2.456   -7.437  1.00 14.12 ? 169 TYR A CA  1 
ATOM   1301 C  C   . TYR A 1 165 ? 0.267   1.027   -6.928  1.00 13.50 ? 169 TYR A C   1 
ATOM   1302 O  O   . TYR A 1 165 ? 1.070   0.689   -6.062  1.00 13.90 ? 169 TYR A O   1 
ATOM   1303 C  CB  . TYR A 1 165 ? -0.956  3.223   -6.944  1.00 13.72 ? 169 TYR A CB  1 
ATOM   1304 C  CG  . TYR A 1 165 ? -1.080  3.220   -5.425  1.00 13.28 ? 169 TYR A CG  1 
ATOM   1305 C  CD1 . TYR A 1 165 ? -1.745  2.178   -4.764  1.00 14.77 ? 169 TYR A CD1 1 
ATOM   1306 C  CD2 . TYR A 1 165 ? -0.536  4.253   -4.650  1.00 15.39 ? 169 TYR A CD2 1 
ATOM   1307 C  CE1 . TYR A 1 165 ? -1.873  2.163   -3.394  1.00 15.05 ? 169 TYR A CE1 1 
ATOM   1308 C  CE2 . TYR A 1 165 ? -0.649  4.247   -3.234  1.00 12.84 ? 169 TYR A CE2 1 
ATOM   1309 C  CZ  . TYR A 1 165 ? -1.306  3.187   -2.614  1.00 15.03 ? 169 TYR A CZ  1 
ATOM   1310 O  OH  . TYR A 1 165 ? -1.478  3.147   -1.243  1.00 14.59 ? 169 TYR A OH  1 
ATOM   1311 N  N   . SER A 1 166 ? -0.643  0.185   -7.425  1.00 13.30 ? 170 SER A N   1 
ATOM   1312 C  CA  . SER A 1 166 ? -0.686  -1.196  -6.919  1.00 13.77 ? 170 SER A CA  1 
ATOM   1313 C  C   . SER A 1 166 ? 0.545   -2.002  -7.347  1.00 13.77 ? 170 SER A C   1 
ATOM   1314 O  O   . SER A 1 166 ? 1.024   -2.848  -6.587  1.00 13.52 ? 170 SER A O   1 
ATOM   1315 C  CB  . SER A 1 166 ? -1.979  -1.915  -7.306  1.00 13.97 ? 170 SER A CB  1 
ATOM   1316 O  OG  . SER A 1 166 ? -2.075  -2.098  -8.712  1.00 14.40 ? 170 SER A OG  1 
ATOM   1317 N  N   . ASN A 1 167 ? 1.053   -1.792  -8.560  1.00 13.94 ? 171 ASN A N   1 
ATOM   1318 C  CA  . ASN A 1 167 ? 2.269   -2.521  -8.954  1.00 14.31 ? 171 ASN A CA  1 
ATOM   1319 C  C   . ASN A 1 167 ? 3.422   -2.227  -8.000  1.00 14.27 ? 171 ASN A C   1 
ATOM   1320 O  O   . ASN A 1 167 ? 4.091   -3.141  -7.548  1.00 15.26 ? 171 ASN A O   1 
ATOM   1321 C  CB  . ASN A 1 167 ? 2.672   -2.212  -10.401 1.00 15.07 ? 171 ASN A CB  1 
ATOM   1322 C  CG  . ASN A 1 167 ? 1.815   -2.955  -11.401 1.00 16.51 ? 171 ASN A CG  1 
ATOM   1323 O  OD1 . ASN A 1 167 ? 1.952   -4.154  -11.563 1.00 19.25 ? 171 ASN A OD1 1 
ATOM   1324 N  ND2 . ASN A 1 167 ? 0.915   -2.237  -12.064 1.00 16.77 ? 171 ASN A ND2 1 
ATOM   1325 N  N   . ASP A 1 168 ? 3.665   -0.945  -7.752  1.00 14.75 ? 172 ASP A N   1 
ATOM   1326 C  CA  . ASP A 1 168 ? 4.698   -0.522  -6.814  1.00 14.82 ? 172 ASP A CA  1 
ATOM   1327 C  C   . ASP A 1 168 ? 4.448   -1.100  -5.413  1.00 14.69 ? 172 ASP A C   1 
ATOM   1328 O  O   . ASP A 1 168 ? 5.326   -1.738  -4.838  1.00 15.04 ? 172 ASP A O   1 
ATOM   1329 C  CB  . ASP A 1 168 ? 4.798   1.005   -6.806  1.00 15.25 ? 172 ASP A CB  1 
ATOM   1330 C  CG  . ASP A 1 168 ? 5.984   1.536   -5.988  1.00 15.49 ? 172 ASP A CG  1 
ATOM   1331 O  OD1 . ASP A 1 168 ? 6.945   0.777   -5.695  1.00 17.62 ? 172 ASP A OD1 1 
ATOM   1332 O  OD2 . ASP A 1 168 ? 5.920   2.730   -5.638  1.00 17.25 ? 172 ASP A OD2 1 
ATOM   1333 N  N   . VAL A 1 169 ? 3.258   -0.866  -4.857  1.00 14.06 ? 173 VAL A N   1 
ATOM   1334 C  CA  . VAL A 1 169 ? 2.926   -1.451  -3.546  1.00 14.16 ? 173 VAL A CA  1 
ATOM   1335 C  C   . VAL A 1 169 ? 3.194   -2.973  -3.446  1.00 14.44 ? 173 VAL A C   1 
ATOM   1336 O  O   . VAL A 1 169 ? 3.852   -3.440  -2.509  1.00 15.93 ? 173 VAL A O   1 
ATOM   1337 C  CB  . VAL A 1 169 ? 1.479   -1.063  -3.090  1.00 14.47 ? 173 VAL A CB  1 
ATOM   1338 C  CG1 . VAL A 1 169 ? 1.081   -1.850  -1.821  1.00 14.25 ? 173 VAL A CG1 1 
ATOM   1339 C  CG2 . VAL A 1 169 ? 1.379   0.487   -2.850  1.00 13.38 ? 173 VAL A CG2 1 
ATOM   1340 N  N   . VAL A 1 170 ? 2.706   -3.739  -4.424  1.00 14.34 ? 174 VAL A N   1 
ATOM   1341 C  CA  . VAL A 1 170 ? 2.850   -5.162  -4.413  1.00 14.73 ? 174 VAL A CA  1 
ATOM   1342 C  C   . VAL A 1 170 ? 4.333   -5.532  -4.436  1.00 15.33 ? 174 VAL A C   1 
ATOM   1343 O  O   . VAL A 1 170 ? 4.773   -6.376  -3.646  1.00 15.57 ? 174 VAL A O   1 
ATOM   1344 C  CB  . VAL A 1 170 ? 2.104   -5.799  -5.580  1.00 15.05 ? 174 VAL A CB  1 
ATOM   1345 C  CG1 . VAL A 1 170 ? 2.460   -7.264  -5.717  1.00 14.81 ? 174 VAL A CG1 1 
ATOM   1346 C  CG2 . VAL A 1 170 ? 0.624   -5.705  -5.318  1.00 12.89 ? 174 VAL A CG2 1 
ATOM   1347 N  N   . ALA A 1 171 ? 5.095   -4.904  -5.331  1.00 15.39 ? 175 ALA A N   1 
ATOM   1348 C  CA  . ALA A 1 171 ? 6.542   -5.213  -5.421  1.00 15.89 ? 175 ALA A CA  1 
ATOM   1349 C  C   . ALA A 1 171 ? 7.271   -4.876  -4.091  1.00 15.97 ? 175 ALA A C   1 
ATOM   1350 O  O   . ALA A 1 171 ? 8.106   -5.639  -3.584  1.00 15.91 ? 175 ALA A O   1 
ATOM   1351 C  CB  . ALA A 1 171 ? 7.183   -4.486  -6.662  1.00 15.64 ? 175 ALA A CB  1 
ATOM   1352 N  N   . ARG A 1 172 ? 6.967   -3.733  -3.494  1.00 16.40 ? 176 ARG A N   1 
ATOM   1353 C  CA  . ARG A 1 172 ? 7.540   -3.400  -2.182  1.00 16.28 ? 176 ARG A CA  1 
ATOM   1354 C  C   . ARG A 1 172 ? 7.138   -4.418  -1.097  1.00 17.76 ? 176 ARG A C   1 
ATOM   1355 O  O   . ARG A 1 172 ? 7.970   -4.862  -0.248  1.00 17.68 ? 176 ARG A O   1 
ATOM   1356 C  CB  . ARG A 1 172 ? 7.091   -2.004  -1.749  1.00 16.63 ? 176 ARG A CB  1 
ATOM   1357 C  CG  . ARG A 1 172 ? 7.608   -0.898  -2.648  1.00 14.34 ? 176 ARG A CG  1 
ATOM   1358 C  CD  . ARG A 1 172 ? 7.395   0.433   -1.942  1.00 13.62 ? 176 ARG A CD  1 
ATOM   1359 N  NE  . ARG A 1 172 ? 7.455   1.508   -2.916  1.00 14.71 ? 176 ARG A NE  1 
ATOM   1360 C  CZ  . ARG A 1 172 ? 7.701   2.780   -2.637  1.00 16.48 ? 176 ARG A CZ  1 
ATOM   1361 N  NH1 . ARG A 1 172 ? 7.980   3.165   -1.385  1.00 17.48 ? 176 ARG A NH1 1 
ATOM   1362 N  NH2 . ARG A 1 172 ? 7.647   3.667   -3.629  1.00 17.60 ? 176 ARG A NH2 1 
ATOM   1363 N  N   . SER A 1 173 ? 5.866   -4.825  -1.144  1.00 17.94 ? 177 SER A N   1 
ATOM   1364 C  CA  . SER A 1 173 ? 5.312   -5.800  -0.213  1.00 17.63 ? 177 SER A CA  1 
ATOM   1365 C  C   . SER A 1 173 ? 6.059   -7.131  -0.299  1.00 19.06 ? 177 SER A C   1 
ATOM   1366 O  O   . SER A 1 173 ? 6.407   -7.759  0.729   1.00 20.15 ? 177 SER A O   1 
ATOM   1367 C  CB  . SER A 1 173 ? 3.820   -6.026  -0.488  1.00 17.36 ? 177 SER A CB  1 
ATOM   1368 O  OG  . SER A 1 173 ? 3.053   -4.828  -0.257  1.00 16.01 ? 177 SER A OG  1 
ATOM   1369 N  N   . GLN A 1 174 ? 6.339   -7.531  -1.528  1.00 20.21 ? 178 GLN A N   1 
ATOM   1370 C  CA  . GLN A 1 174 ? 7.034   -8.773  -1.799  1.00 21.34 ? 178 GLN A CA  1 
ATOM   1371 C  C   . GLN A 1 174 ? 8.469   -8.713  -1.234  1.00 21.60 ? 178 GLN A C   1 
ATOM   1372 O  O   . GLN A 1 174 ? 8.935   -9.661  -0.574  1.00 21.44 ? 178 GLN A O   1 
ATOM   1373 C  CB  . GLN A 1 174 ? 7.003   -9.039  -3.296  1.00 21.58 ? 178 GLN A CB  1 
ATOM   1374 C  CG  . GLN A 1 174 ? 5.667   -9.624  -3.760  1.00 20.92 ? 178 GLN A CG  1 
ATOM   1375 C  CD  . GLN A 1 174 ? 5.533   -9.715  -5.262  1.00 20.77 ? 178 GLN A CD  1 
ATOM   1376 O  OE1 . GLN A 1 174 ? 6.394   -9.227  -6.025  1.00 22.95 ? 178 GLN A OE1 1 
ATOM   1377 N  NE2 . GLN A 1 174 ? 4.433   -10.308 -5.709  1.00 17.22 ? 178 GLN A NE2 1 
ATOM   1378 N  N   . TRP A 1 175 ? 9.109   -7.566  -1.438  1.00 22.21 ? 179 TRP A N   1 
ATOM   1379 C  CA  . TRP A 1 175 ? 10.388  -7.263  -0.820  1.00 23.79 ? 179 TRP A CA  1 
ATOM   1380 C  C   . TRP A 1 175 ? 10.335  -7.346  0.726   1.00 23.88 ? 179 TRP A C   1 
ATOM   1381 O  O   . TRP A 1 175 ? 11.148  -8.051  1.350   1.00 23.52 ? 179 TRP A O   1 
ATOM   1382 C  CB  . TRP A 1 175 ? 10.944  -5.923  -1.326  1.00 24.61 ? 179 TRP A CB  1 
ATOM   1383 C  CG  . TRP A 1 175 ? 12.404  -5.785  -0.955  1.00 26.76 ? 179 TRP A CG  1 
ATOM   1384 C  CD1 . TRP A 1 175 ? 13.499  -6.225  -1.680  1.00 28.80 ? 179 TRP A CD1 1 
ATOM   1385 C  CD2 . TRP A 1 175 ? 12.924  -5.244  0.266   1.00 27.94 ? 179 TRP A CD2 1 
ATOM   1386 N  NE1 . TRP A 1 175 ? 14.656  -5.958  -0.984  1.00 28.57 ? 179 TRP A NE1 1 
ATOM   1387 C  CE2 . TRP A 1 175 ? 14.333  -5.362  0.212   1.00 28.06 ? 179 TRP A CE2 1 
ATOM   1388 C  CE3 . TRP A 1 175 ? 12.336  -4.661  1.395   1.00 27.35 ? 179 TRP A CE3 1 
ATOM   1389 C  CZ2 . TRP A 1 175 ? 15.160  -4.906  1.249   1.00 28.50 ? 179 TRP A CZ2 1 
ATOM   1390 C  CZ3 . TRP A 1 175 ? 13.156  -4.203  2.425   1.00 28.51 ? 179 TRP A CZ3 1 
ATOM   1391 C  CH2 . TRP A 1 175 ? 14.555  -4.334  2.346   1.00 28.01 ? 179 TRP A CH2 1 
ATOM   1392 N  N   . PHE A 1 176 ? 9.366   -6.684  1.360   1.00 23.47 ? 180 PHE A N   1 
ATOM   1393 C  CA  . PHE A 1 176 ? 9.205   -6.795  2.815   1.00 23.79 ? 180 PHE A CA  1 
ATOM   1394 C  C   . PHE A 1 176 ? 8.959   -8.219  3.311   1.00 24.89 ? 180 PHE A C   1 
ATOM   1395 O  O   . PHE A 1 176 ? 9.452   -8.595  4.390   1.00 24.98 ? 180 PHE A O   1 
ATOM   1396 C  CB  . PHE A 1 176 ? 8.130   -5.834  3.372   1.00 23.12 ? 180 PHE A CB  1 
ATOM   1397 C  CG  . PHE A 1 176 ? 8.537   -4.382  3.335   1.00 24.11 ? 180 PHE A CG  1 
ATOM   1398 C  CD1 . PHE A 1 176 ? 9.625   -3.921  4.090   1.00 23.22 ? 180 PHE A CD1 1 
ATOM   1399 C  CD2 . PHE A 1 176 ? 7.859   -3.478  2.534   1.00 23.38 ? 180 PHE A CD2 1 
ATOM   1400 C  CE1 . PHE A 1 176 ? 10.017  -2.579  4.032   1.00 22.51 ? 180 PHE A CE1 1 
ATOM   1401 C  CE2 . PHE A 1 176 ? 8.241   -2.137  2.482   1.00 23.06 ? 180 PHE A CE2 1 
ATOM   1402 C  CZ  . PHE A 1 176 ? 9.330   -1.692  3.234   1.00 22.07 ? 180 PHE A CZ  1 
ATOM   1403 N  N   . LYS A 1 177 ? 8.224   -9.016  2.533   1.00 24.96 ? 181 LYS A N   1 
ATOM   1404 C  CA  . LYS A 1 177 ? 8.016   -10.428 2.854   1.00 26.46 ? 181 LYS A CA  1 
ATOM   1405 C  C   . LYS A 1 177 ? 9.367   -11.159 2.868   1.00 27.26 ? 181 LYS A C   1 
ATOM   1406 O  O   . LYS A 1 177 ? 9.611   -11.981 3.749   1.00 27.93 ? 181 LYS A O   1 
ATOM   1407 C  CB  . LYS A 1 177 ? 7.047   -11.089 1.867   1.00 26.13 ? 181 LYS A CB  1 
ATOM   1408 C  CG  . LYS A 1 177 ? 6.961   -12.607 1.948   1.00 29.13 ? 181 LYS A CG  1 
ATOM   1409 C  CD  . LYS A 1 177 ? 5.733   -13.122 1.250   1.00 33.44 ? 181 LYS A CD  1 
ATOM   1410 C  CE  . LYS A 1 177 ? 5.688   -14.649 1.180   1.00 36.12 ? 181 LYS A CE  1 
ATOM   1411 N  NZ  . LYS A 1 177 ? 4.279   -15.178 1.154   1.00 37.54 ? 181 LYS A NZ  1 
ATOM   1412 N  N   . SER A 1 178 ? 10.234  -10.838 1.915   1.00 28.53 ? 182 SER A N   1 
ATOM   1413 C  CA  . SER A 1 178 ? 11.585  -11.425 1.870   1.00 30.03 ? 182 SER A CA  1 
ATOM   1414 C  C   . SER A 1 178 ? 12.422  -10.994 3.064   1.00 31.39 ? 182 SER A C   1 
ATOM   1415 O  O   . SER A 1 178 ? 13.342  -11.715 3.468   1.00 32.50 ? 182 SER A O   1 
ATOM   1416 C  CB  . SER A 1 178 ? 12.296  -11.121 0.543   1.00 30.24 ? 182 SER A CB  1 
ATOM   1417 O  OG  . SER A 1 178 ? 12.737  -9.769  0.462   1.00 30.70 ? 182 SER A OG  1 
ATOM   1418 N  N   . GLN A 1 179 ? 12.095  -9.840  3.650   1.00 31.65 ? 183 GLN A N   1 
ATOM   1419 C  CA  . GLN A 1 179 ? 12.779  -9.364  4.861   1.00 32.28 ? 183 GLN A CA  1 
ATOM   1420 C  C   . GLN A 1 179 ? 12.051  -9.719  6.158   1.00 31.45 ? 183 GLN A C   1 
ATOM   1421 O  O   . GLN A 1 179 ? 12.237  -9.044  7.181   1.00 33.83 ? 183 GLN A O   1 
ATOM   1422 C  CB  . GLN A 1 179 ? 13.021  -7.853  4.796   1.00 32.06 ? 183 GLN A CB  1 
ATOM   1423 C  CG  . GLN A 1 179 ? 13.777  -7.396  3.576   1.00 34.07 ? 183 GLN A CG  1 
ATOM   1424 C  CD  . GLN A 1 179 ? 15.205  -7.892  3.548   1.00 36.85 ? 183 GLN A CD  1 
ATOM   1425 O  OE1 . GLN A 1 179 ? 15.901  -7.902  4.567   1.00 39.20 ? 183 GLN A OE1 1 
ATOM   1426 N  NE2 . GLN A 1 179 ? 15.648  -8.312  2.379   1.00 39.37 ? 183 GLN A NE2 1 
ATOM   1427 N  N   . GLY A 1 180 ? 11.208  -10.749 6.112   1.00 30.52 ? 184 GLY A N   1 
ATOM   1428 C  CA  . GLY A 1 180 ? 10.548  -11.293 7.302   1.00 27.90 ? 184 GLY A CA  1 
ATOM   1429 C  C   . GLY A 1 180 ? 9.225   -10.701 7.761   1.00 27.45 ? 184 GLY A C   1 
ATOM   1430 O  O   . GLY A 1 180 ? 8.797   -10.957 8.881   1.00 27.23 ? 184 GLY A O   1 
ATOM   1431 N  N   . TYR A 1 181 ? 8.565   -9.914  6.909   1.00 25.55 ? 185 TYR A N   1 
ATOM   1432 C  CA  . TYR A 1 181 ? 7.220   -9.362  7.245   1.00 24.00 ? 185 TYR A CA  1 
ATOM   1433 C  C   . TYR A 1 181 ? 6.117   -10.347 6.892   1.00 23.85 ? 185 TYR A C   1 
ATOM   1434 O  O   . TYR A 1 181 ? 5.035   -10.356 7.491   1.00 23.26 ? 185 TYR A O   1 
ATOM   1435 C  CB  . TYR A 1 181 ? 6.996   -8.024  6.515   1.00 22.88 ? 185 TYR A CB  1 
ATOM   1436 C  CG  . TYR A 1 181 ? 7.643   -6.868  7.227   1.00 23.35 ? 185 TYR A CG  1 
ATOM   1437 C  CD1 . TYR A 1 181 ? 6.868   -5.986  7.998   1.00 18.41 ? 185 TYR A CD1 1 
ATOM   1438 C  CD2 . TYR A 1 181 ? 9.029   -6.663  7.182   1.00 23.00 ? 185 TYR A CD2 1 
ATOM   1439 C  CE1 . TYR A 1 181 ? 7.448   -4.923  8.661   1.00 23.32 ? 185 TYR A CE1 1 
ATOM   1440 C  CE2 . TYR A 1 181 ? 9.620   -5.593  7.867   1.00 23.78 ? 185 TYR A CE2 1 
ATOM   1441 C  CZ  . TYR A 1 181 ? 8.820   -4.736  8.602   1.00 22.36 ? 185 TYR A CZ  1 
ATOM   1442 O  OH  . TYR A 1 181 ? 9.389   -3.706  9.287   1.00 21.90 ? 185 TYR A OH  1 
ATOM   1443 O  OXT . TYR A 1 181 ? 6.268   -11.140 5.965   1.00 23.39 ? 185 TYR A OXT 1 
HETATM 1444 CO CO  . CO  B 2 .   ? -2.717  -21.823 5.100   1.00 25.47 ? 186 CO  A CO  1 
HETATM 1445 S  S   . SO4 C 3 .   ? -10.017 0.177   -18.879 1.00 34.65 ? 187 SO4 A S   1 
HETATM 1446 O  O1  . SO4 C 3 .   ? -9.065  0.248   -17.781 1.00 33.98 ? 187 SO4 A O1  1 
HETATM 1447 O  O2  . SO4 C 3 .   ? -10.812 -1.053  -18.831 1.00 36.60 ? 187 SO4 A O2  1 
HETATM 1448 O  O3  . SO4 C 3 .   ? -10.939 1.312   -18.759 1.00 35.63 ? 187 SO4 A O3  1 
HETATM 1449 O  O4  . SO4 C 3 .   ? -9.276  0.175   -20.146 1.00 37.67 ? 187 SO4 A O4  1 
HETATM 1450 O  O   . HOH D 4 .   ? -2.137  -0.909  -14.663 1.00 17.72 ? 188 HOH A O   1 
HETATM 1451 O  O   . HOH D 4 .   ? -14.962 -11.053 -12.953 1.00 22.23 ? 189 HOH A O   1 
HETATM 1452 O  O   . HOH D 4 .   ? -2.273  -5.566  -13.511 1.00 17.66 ? 190 HOH A O   1 
HETATM 1453 O  O   . HOH D 4 .   ? -6.017  7.380   11.215  1.00 23.97 ? 191 HOH A O   1 
HETATM 1454 O  O   . HOH D 4 .   ? -0.210  3.488   -15.793 1.00 20.33 ? 192 HOH A O   1 
HETATM 1455 O  O   . HOH D 4 .   ? -8.332  -0.703  -15.235 1.00 22.73 ? 193 HOH A O   1 
HETATM 1456 O  O   . HOH D 4 .   ? 7.159   6.975   15.186  1.00 28.68 ? 194 HOH A O   1 
HETATM 1457 O  O   . HOH D 4 .   ? -14.659 -13.763 -6.038  1.00 22.62 ? 195 HOH A O   1 
HETATM 1458 O  O   . HOH D 4 .   ? -0.767  -3.428  -14.216 1.00 19.49 ? 196 HOH A O   1 
HETATM 1459 O  O   . HOH D 4 .   ? 8.141   -3.443  15.933  1.00 32.53 ? 197 HOH A O   1 
HETATM 1460 O  O   . HOH D 4 .   ? -0.531  12.156  15.847  1.00 23.24 ? 198 HOH A O   1 
HETATM 1461 O  O   . HOH D 4 .   ? 3.540   21.207  6.241   1.00 24.94 ? 199 HOH A O   1 
HETATM 1462 O  O   . HOH D 4 .   ? 3.258   -8.515  16.848  1.00 21.73 ? 200 HOH A O   1 
HETATM 1463 O  O   . HOH D 4 .   ? -12.666 4.373   8.889   1.00 30.78 ? 201 HOH A O   1 
HETATM 1464 O  O   . HOH D 4 .   ? -3.173  -11.358 2.396   1.00 27.47 ? 202 HOH A O   1 
HETATM 1465 O  O   . HOH D 4 .   ? -7.569  2.379   -14.662 1.00 22.29 ? 203 HOH A O   1 
HETATM 1466 O  O   . HOH D 4 .   ? -2.327  16.511  -2.710  1.00 40.11 ? 204 HOH A O   1 
HETATM 1467 O  O   . HOH D 4 .   ? -9.579  5.914   -2.792  1.00 25.39 ? 205 HOH A O   1 
HETATM 1468 O  O   . HOH D 4 .   ? 0.046   2.193   19.104  1.00 23.70 ? 206 HOH A O   1 
HETATM 1469 O  O   . HOH D 4 .   ? -0.535  -4.646  -17.298 1.00 24.15 ? 207 HOH A O   1 
HETATM 1470 O  O   . HOH D 4 .   ? 4.463   -4.414  23.088  1.00 31.60 ? 208 HOH A O   1 
HETATM 1471 O  O   . HOH D 4 .   ? 2.090   -14.056 1.668   1.00 27.31 ? 209 HOH A O   1 
HETATM 1472 O  O   . HOH D 4 .   ? 4.292   3.527   17.116  1.00 30.60 ? 210 HOH A O   1 
HETATM 1473 O  O   . HOH D 4 .   ? -16.652 0.559   -9.142  1.00 26.84 ? 211 HOH A O   1 
HETATM 1474 O  O   . HOH D 4 .   ? -7.743  -10.905 -14.231 1.00 27.69 ? 212 HOH A O   1 
HETATM 1475 O  O   . HOH D 4 .   ? -7.983  2.884   -8.892  1.00 30.30 ? 213 HOH A O   1 
HETATM 1476 O  O   . HOH D 4 .   ? -1.896  -13.515 -9.906  1.00 22.51 ? 214 HOH A O   1 
HETATM 1477 O  O   . HOH D 4 .   ? -3.469  -15.569 -9.084  1.00 25.17 ? 215 HOH A O   1 
HETATM 1478 O  O   . HOH D 4 .   ? -14.656 5.271   -6.924  1.00 31.69 ? 216 HOH A O   1 
HETATM 1479 O  O   . HOH D 4 .   ? -17.511 -8.606  -1.920  1.00 25.24 ? 217 HOH A O   1 
HETATM 1480 O  O   . HOH D 4 .   ? 1.312   -6.891  -13.548 1.00 26.91 ? 218 HOH A O   1 
HETATM 1481 O  O   . HOH D 4 .   ? -5.687  -13.592 10.632  1.00 32.64 ? 219 HOH A O   1 
HETATM 1482 O  O   . HOH D 4 .   ? -12.371 -14.166 -4.073  1.00 30.30 ? 220 HOH A O   1 
HETATM 1483 O  O   . HOH D 4 .   ? 0.230   14.020  13.893  1.00 29.09 ? 221 HOH A O   1 
HETATM 1484 O  O   . HOH D 4 .   ? -11.189 -8.482  7.251   1.00 23.96 ? 222 HOH A O   1 
HETATM 1485 O  O   . HOH D 4 .   ? -8.801  1.904   14.506  1.00 27.06 ? 223 HOH A O   1 
HETATM 1486 O  O   . HOH D 4 .   ? -6.634  5.503   -20.890 1.00 33.04 ? 224 HOH A O   1 
HETATM 1487 O  O   . HOH D 4 .   ? 4.358   -12.139 4.314   1.00 33.89 ? 225 HOH A O   1 
HETATM 1488 O  O   . HOH D 4 .   ? 6.265   -9.058  13.895  1.00 26.04 ? 226 HOH A O   1 
HETATM 1489 O  O   . HOH D 4 .   ? -12.402 5.898   -9.006  1.00 27.34 ? 227 HOH A O   1 
HETATM 1490 O  O   . HOH D 4 .   ? -6.000  -17.239 -2.151  1.00 42.33 ? 228 HOH A O   1 
HETATM 1491 O  O   . HOH D 4 .   ? -4.778  12.180  15.606  1.00 29.98 ? 229 HOH A O   1 
HETATM 1492 O  O   . HOH D 4 .   ? -9.354  -3.355  -22.321 1.00 35.99 ? 230 HOH A O   1 
HETATM 1493 O  O   . HOH D 4 .   ? -3.225  6.633   19.371  1.00 25.67 ? 231 HOH A O   1 
HETATM 1494 O  O   . HOH D 4 .   ? 0.835   11.035  -10.641 1.00 32.41 ? 232 HOH A O   1 
HETATM 1495 O  O   . HOH D 4 .   ? 8.973   -8.520  -6.265  1.00 30.63 ? 233 HOH A O   1 
HETATM 1496 O  O   . HOH D 4 .   ? 5.013   -10.460 -11.184 1.00 32.00 ? 234 HOH A O   1 
HETATM 1497 O  O   . HOH D 4 .   ? -18.309 -2.773  -6.082  1.00 31.23 ? 235 HOH A O   1 
HETATM 1498 O  O   . HOH D 4 .   ? 7.880   15.116  10.819  1.00 28.65 ? 236 HOH A O   1 
HETATM 1499 O  O   . HOH D 4 .   ? -18.620 -4.010  -0.065  1.00 46.17 ? 237 HOH A O   1 
HETATM 1500 O  O   . HOH D 4 .   ? -8.675  -17.323 -6.287  1.00 30.91 ? 238 HOH A O   1 
HETATM 1501 O  O   . HOH D 4 .   ? -10.901 2.401   12.460  1.00 36.77 ? 239 HOH A O   1 
HETATM 1502 O  O   . HOH D 4 .   ? 14.265  3.754   6.788   1.00 29.91 ? 240 HOH A O   1 
HETATM 1503 O  O   . HOH D 4 .   ? 1.521   6.010   18.436  1.00 34.53 ? 241 HOH A O   1 
HETATM 1504 O  O   . HOH D 4 .   ? 2.251   17.102  0.225   1.00 35.95 ? 242 HOH A O   1 
HETATM 1505 O  O   . HOH D 4 .   ? -8.386  7.091   2.694   1.00 32.00 ? 243 HOH A O   1 
HETATM 1506 O  O   . HOH D 4 .   ? -4.604  -13.581 8.143   1.00 36.47 ? 244 HOH A O   1 
HETATM 1507 O  O   . HOH D 4 .   ? -15.913 -10.280 -0.659  1.00 35.75 ? 245 HOH A O   1 
HETATM 1508 O  O   . HOH D 4 .   ? 12.322  6.005   5.512   1.00 39.14 ? 246 HOH A O   1 
HETATM 1509 O  O   . HOH D 4 .   ? 4.179   12.755  17.237  1.00 28.00 ? 247 HOH A O   1 
HETATM 1510 O  O   . HOH D 4 .   ? -12.956 1.656   1.618   1.00 31.18 ? 248 HOH A O   1 
HETATM 1511 O  O   . HOH D 4 .   ? 1.708   -4.009  -15.254 1.00 38.77 ? 249 HOH A O   1 
HETATM 1512 O  O   . HOH D 4 .   ? -8.348  -9.564  -18.084 1.00 30.69 ? 250 HOH A O   1 
HETATM 1513 O  O   . HOH D 4 .   ? -12.851 -3.697  6.775   1.00 36.11 ? 251 HOH A O   1 
HETATM 1514 O  O   . HOH D 4 .   ? -16.280 1.304   -13.327 1.00 41.16 ? 252 HOH A O   1 
HETATM 1515 O  O   . HOH D 4 .   ? 8.556   -12.202 -1.475  1.00 31.51 ? 253 HOH A O   1 
HETATM 1516 O  O   . HOH D 4 .   ? 10.334  4.714   12.387  1.00 41.90 ? 254 HOH A O   1 
HETATM 1517 O  O   . HOH D 4 .   ? 10.563  -4.782  -13.436 1.00 33.17 ? 255 HOH A O   1 
HETATM 1518 O  O   . HOH D 4 .   ? -1.028  7.631   -2.579  1.00 34.16 ? 256 HOH A O   1 
HETATM 1519 O  O   . HOH D 4 .   ? -3.696  -18.884 -1.196  1.00 41.42 ? 257 HOH A O   1 
HETATM 1520 O  O   . HOH D 4 .   ? -3.026  2.966   19.556  1.00 33.52 ? 258 HOH A O   1 
HETATM 1521 O  O   . HOH D 4 .   ? 5.405   12.454  11.010  1.00 25.54 ? 259 HOH A O   1 
HETATM 1522 O  O   . HOH D 4 .   ? 1.020   7.501   -4.147  1.00 21.59 ? 260 HOH A O   1 
HETATM 1523 O  O   . HOH D 4 .   ? 16.368  0.993   5.816   1.00 35.75 ? 261 HOH A O   1 
HETATM 1524 O  O   . HOH D 4 .   ? -2.099  -10.431 -9.110  1.00 28.65 ? 262 HOH A O   1 
HETATM 1525 O  O   . HOH D 4 .   ? 5.764   -1.787  16.560  1.00 42.31 ? 263 HOH A O   1 
HETATM 1526 O  O   . HOH D 4 .   ? -5.049  -12.694 3.607   1.00 35.76 ? 264 HOH A O   1 
HETATM 1527 O  O   . HOH D 4 .   ? -3.322  -16.124 4.361   1.00 38.98 ? 265 HOH A O   1 
HETATM 1528 O  O   . HOH D 4 .   ? -14.091 4.908   -4.190  1.00 37.53 ? 266 HOH A O   1 
HETATM 1529 O  O   . HOH D 4 .   ? -8.049  8.796   -11.449 1.00 38.73 ? 267 HOH A O   1 
HETATM 1530 O  O   . HOH D 4 .   ? 5.103   -10.079 10.232  1.00 37.12 ? 268 HOH A O   1 
HETATM 1531 O  O   . HOH D 4 .   ? -13.166 4.360   1.538   1.00 42.35 ? 269 HOH A O   1 
HETATM 1532 O  O   . HOH D 4 .   ? 0.562   8.082   -15.415 1.00 40.13 ? 270 HOH A O   1 
HETATM 1533 O  O   . HOH D 4 .   ? -14.111 1.921   4.268   1.00 34.07 ? 271 HOH A O   1 
HETATM 1534 O  O   . HOH D 4 .   ? 3.783   -12.620 7.679   1.00 34.73 ? 272 HOH A O   1 
HETATM 1535 O  O   . HOH D 4 .   ? -5.032  9.399   -7.024  1.00 30.66 ? 273 HOH A O   1 
HETATM 1536 O  O   . HOH D 4 .   ? -8.844  -0.674  16.156  1.00 37.27 ? 274 HOH A O   1 
HETATM 1537 O  O   . HOH D 4 .   ? 7.803   -13.209 6.004   1.00 35.58 ? 275 HOH A O   1 
HETATM 1538 O  O   . HOH D 4 .   ? 2.615   13.477  0.814   1.00 34.06 ? 276 HOH A O   1 
HETATM 1539 O  O   . HOH D 4 .   ? 14.486  0.573   13.440  1.00 34.46 ? 277 HOH A O   1 
HETATM 1540 O  O   . HOH D 4 .   ? 9.608   9.347   14.752  1.00 35.44 ? 278 HOH A O   1 
HETATM 1541 O  O   . HOH D 4 .   ? 16.312  4.975   8.427   1.00 32.68 ? 279 HOH A O   1 
HETATM 1542 O  O   . HOH D 4 .   ? -11.519 -5.801  8.190   1.00 32.51 ? 280 HOH A O   1 
HETATM 1543 O  O   . HOH D 4 .   ? -0.404  -13.586 7.689   1.00 38.16 ? 281 HOH A O   1 
HETATM 1544 O  O   . HOH D 4 .   ? -5.949  -0.900  17.448  1.00 37.10 ? 282 HOH A O   1 
HETATM 1545 O  O   . HOH D 4 .   ? 5.905   7.073   -16.086 1.00 40.25 ? 283 HOH A O   1 
HETATM 1546 O  O   . HOH D 4 .   ? 8.183   -1.980  -15.173 1.00 34.59 ? 284 HOH A O   1 
HETATM 1547 O  O   . HOH D 4 .   ? 10.407  2.233   -13.863 1.00 34.16 ? 285 HOH A O   1 
HETATM 1548 O  O   . HOH D 4 .   ? 1.202   -12.660 10.343  1.00 29.10 ? 286 HOH A O   1 
HETATM 1549 O  O   . HOH D 4 .   ? -13.683 6.683   12.500  1.00 42.11 ? 287 HOH A O   1 
HETATM 1550 O  O   . HOH D 4 .   ? -8.999  15.375  -4.302  1.00 84.08 ? 288 HOH A O   1 
HETATM 1551 O  O   . HOH D 4 .   ? -17.596 -5.072  -13.655 1.00 39.03 ? 289 HOH A O   1 
HETATM 1552 O  O   . HOH D 4 .   ? -12.782 4.117   13.244  1.00 37.76 ? 290 HOH A O   1 
HETATM 1553 O  O   . HOH D 4 .   ? 10.462  -10.365 -4.537  1.00 42.02 ? 291 HOH A O   1 
HETATM 1554 O  O   . HOH D 4 .   ? 15.952  -2.134  12.651  1.00 41.51 ? 292 HOH A O   1 
HETATM 1555 O  O   . HOH D 4 .   ? -8.953  -4.879  14.863  1.00 45.63 ? 293 HOH A O   1 
HETATM 1556 O  O   . HOH D 4 .   ? 6.704   -10.837 -8.462  1.00 35.14 ? 294 HOH A O   1 
HETATM 1557 O  O   . HOH D 4 .   ? 3.476   -13.557 -10.082 1.00 38.38 ? 295 HOH A O   1 
HETATM 1558 O  O   . HOH D 4 .   ? -0.379  -0.122  20.499  1.00 30.28 ? 296 HOH A O   1 
HETATM 1559 O  O   . HOH D 4 .   ? -17.596 -11.469 -5.054  1.00 33.54 ? 297 HOH A O   1 
HETATM 1560 O  O   . HOH D 4 .   ? -2.169  -17.240 7.421   1.00 32.18 ? 298 HOH A O   1 
HETATM 1561 O  O   . HOH D 4 .   ? -16.228 -1.401  -14.865 1.00 47.30 ? 299 HOH A O   1 
HETATM 1562 O  O   . HOH D 4 .   ? 4.171   16.556  16.197  1.00 35.67 ? 300 HOH A O   1 
HETATM 1563 O  O   . HOH D 4 .   ? -3.822  -10.496 -17.787 1.00 41.70 ? 301 HOH A O   1 
HETATM 1564 O  O   . HOH D 4 .   ? -0.299  -14.502 -12.403 1.00 24.07 ? 302 HOH A O   1 
HETATM 1565 O  O   . HOH D 4 .   ? -1.798  -17.522 -2.748  1.00 40.90 ? 303 HOH A O   1 
HETATM 1566 O  O   . HOH D 4 .   ? 12.486  3.846   -14.496 1.00 44.71 ? 304 HOH A O   1 
HETATM 1567 O  O   . HOH D 4 .   ? 3.689   14.378  14.848  1.00 33.72 ? 305 HOH A O   1 
HETATM 1568 O  O   . HOH D 4 .   ? 12.134  -9.925  -2.702  1.00 37.55 ? 306 HOH A O   1 
HETATM 1569 O  O   . HOH D 4 .   ? 5.806   13.471  14.107  1.00 32.81 ? 307 HOH A O   1 
HETATM 1570 O  O   . HOH D 4 .   ? 6.674   20.056  16.395  1.00 38.19 ? 308 HOH A O   1 
HETATM 1571 O  O   . HOH D 4 .   ? -1.756  -17.835 -9.367  1.00 38.45 ? 309 HOH A O   1 
HETATM 1572 O  O   . HOH D 4 .   ? -6.403  -4.043  14.740  1.00 38.80 ? 310 HOH A O   1 
HETATM 1573 O  O   . HOH D 4 .   ? 18.758  -0.206  -14.283 1.00 39.82 ? 311 HOH A O   1 
HETATM 1574 O  O   . HOH D 4 .   ? -5.328  9.010   -2.703  1.00 36.38 ? 312 HOH A O   1 
HETATM 1575 O  O   . HOH D 4 .   ? 1.126   -10.748 16.421  1.00 37.47 ? 313 HOH A O   1 
HETATM 1576 O  O   . HOH D 4 .   ? -10.567 3.006   16.647  1.00 43.78 ? 314 HOH A O   1 
HETATM 1577 O  O   . HOH D 4 .   ? -12.014 6.660   -3.043  1.00 45.75 ? 315 HOH A O   1 
HETATM 1578 O  O   . HOH D 4 .   ? 5.827   10.221  17.156  1.00 34.05 ? 316 HOH A O   1 
HETATM 1579 O  O   . HOH D 4 .   ? 6.555   6.553   -2.321  1.00 31.14 ? 317 HOH A O   1 
HETATM 1580 O  O   . HOH D 4 .   ? 4.476   8.359   -7.508  1.00 31.06 ? 318 HOH A O   1 
HETATM 1581 O  O   . HOH D 4 .   ? 16.409  -1.739  -13.384 1.00 32.53 ? 319 HOH A O   1 
HETATM 1582 O  O   . HOH D 4 .   ? 21.306  2.857   -2.063  1.00 40.93 ? 320 HOH A O   1 
HETATM 1583 O  O   . HOH D 4 .   ? 7.172   4.224   -16.338 1.00 34.53 ? 321 HOH A O   1 
HETATM 1584 O  O   . HOH D 4 .   ? 16.899  -3.515  -3.073  1.00 51.78 ? 322 HOH A O   1 
HETATM 1585 O  O   . HOH D 4 .   ? -6.634  6.788   0.965   1.00 46.66 ? 323 HOH A O   1 
HETATM 1586 O  O   . HOH D 4 .   ? -4.849  11.562  0.873   1.00 45.72 ? 324 HOH A O   1 
HETATM 1587 O  O   . HOH D 4 .   ? 1.987   17.592  3.466   1.00 43.13 ? 325 HOH A O   1 
HETATM 1588 O  O   . HOH D 4 .   ? 3.401   6.650   -14.983 1.00 35.71 ? 326 HOH A O   1 
HETATM 1589 O  O   . HOH D 4 .   ? -4.636  -6.752  20.709  1.00 47.72 ? 327 HOH A O   1 
HETATM 1590 O  O   . HOH D 4 .   ? -12.558 13.770  8.925   1.00 42.80 ? 328 HOH A O   1 
HETATM 1591 O  O   . HOH D 4 .   ? 12.446  -7.151  10.059  1.00 49.93 ? 329 HOH A O   1 
HETATM 1592 O  O   . HOH D 4 .   ? 13.551  10.078  8.004   1.00 52.06 ? 330 HOH A O   1 
HETATM 1593 O  O   . HOH D 4 .   ? -2.586  9.871   -3.016  1.00 38.91 ? 331 HOH A O   1 
HETATM 1594 O  O   . HOH D 4 .   ? 8.134   12.789  9.804   1.00 43.91 ? 332 HOH A O   1 
HETATM 1595 O  O   . HOH D 4 .   ? 11.284  8.680   -20.068 1.00 47.20 ? 333 HOH A O   1 
HETATM 1596 O  O   . HOH D 4 .   ? -10.981 6.477   0.991   1.00 47.73 ? 334 HOH A O   1 
HETATM 1597 O  O   . HOH D 4 .   ? -13.764 -0.696  -18.710 1.00 49.13 ? 335 HOH A O   1 
# 
loop_
_pdbx_poly_seq_scheme.asym_id 
_pdbx_poly_seq_scheme.entity_id 
_pdbx_poly_seq_scheme.seq_id 
_pdbx_poly_seq_scheme.mon_id 
_pdbx_poly_seq_scheme.ndb_seq_num 
_pdbx_poly_seq_scheme.pdb_seq_num 
_pdbx_poly_seq_scheme.auth_seq_num 
_pdbx_poly_seq_scheme.pdb_mon_id 
_pdbx_poly_seq_scheme.auth_mon_id 
_pdbx_poly_seq_scheme.pdb_strand_id 
_pdbx_poly_seq_scheme.pdb_ins_code 
_pdbx_poly_seq_scheme.hetero 
A 1 1   HIS 1   5   5   HIS HIS A . n 
A 1 2   HIS 2   6   6   HIS HIS A . n 
A 1 3   ASP 3   7   7   ASP ASP A . n 
A 1 4   ILE 4   8   8   ILE ILE A . n 
A 1 5   THR 5   9   9   THR THR A . n 
A 1 6   LYS 6   10  10  LYS LYS A . n 
A 1 7   VAL 7   11  11  VAL VAL A . n 
A 1 8   ASP 8   12  12  ASP ASP A . n 
A 1 9   THR 9   13  13  THR THR A . n 
A 1 10  SER 10  14  14  SER SER A . n 
A 1 11  GLY 11  15  15  GLY GLY A . n 
A 1 12  ALA 12  16  16  ALA ALA A . n 
A 1 13  SER 13  17  17  SER SER A . n 
A 1 14  GLU 14  18  18  GLU GLU A . n 
A 1 15  ILE 15  19  19  ILE ILE A . n 
A 1 16  THR 16  20  20  THR THR A . n 
A 1 17  ALA 17  21  21  ALA ALA A . n 
A 1 18  ARG 18  22  22  ARG ARG A . n 
A 1 19  GLN 19  23  23  GLN GLN A . n 
A 1 20  ASP 20  24  24  ASP ASP A . n 
A 1 21  LYS 21  25  25  LYS LYS A . n 
A 1 22  LEU 22  26  26  LEU LEU A . n 
A 1 23  THR 23  27  27  THR THR A . n 
A 1 24  LEU 24  28  28  LEU LEU A . n 
A 1 25  GLN 25  29  29  GLN GLN A . n 
A 1 26  GLY 26  30  30  GLY GLY A . n 
A 1 27  VAL 27  31  31  VAL VAL A . n 
A 1 28  ASP 28  32  32  ASP ASP A . n 
A 1 29  ALA 29  33  33  ALA ALA A . n 
A 1 30  SER 30  34  34  SER SER A . n 
A 1 31  HIS 31  35  35  HIS HIS A . n 
A 1 32  LYS 32  36  36  LYS LYS A . n 
A 1 33  LEU 33  37  37  LEU LEU A . n 
A 1 34  ALA 34  38  38  ALA ALA A . n 
A 1 35  GLU 35  39  39  GLU GLU A . n 
A 1 36  HIS 36  40  40  HIS HIS A . n 
A 1 37  ASP 37  41  41  ASP ASP A . n 
A 1 38  LEU 38  42  42  LEU LEU A . n 
A 1 39  VAL 39  43  43  VAL VAL A . n 
A 1 40  ARG 40  44  44  ARG ARG A . n 
A 1 41  MET 41  45  45  MET MET A . n 
A 1 42  ASN 42  46  46  ASN ASN A . n 
A 1 43  LYS 43  47  47  LYS LYS A . n 
A 1 44  TYR 44  48  48  TYR TYR A . n 
A 1 45  LYS 45  49  49  LYS LYS A . n 
A 1 46  GLU 46  50  50  GLU GLU A . n 
A 1 47  LEU 47  51  51  LEU LEU A . n 
A 1 48  ILE 48  52  52  ILE ILE A . n 
A 1 49  THR 49  53  53  THR THR A . n 
A 1 50  ARG 50  54  54  ARG ARG A . n 
A 1 51  VAL 51  55  55  VAL VAL A . n 
A 1 52  GLY 52  56  56  GLY GLY A . n 
A 1 53  GLN 53  57  57  GLN GLN A . n 
A 1 54  LYS 54  58  58  LYS LYS A . n 
A 1 55  HIS 55  59  59  HIS HIS A . n 
A 1 56  GLY 56  60  60  GLY GLY A . n 
A 1 57  LEU 57  61  61  LEU LEU A . n 
A 1 58  ASP 58  62  62  ASP ASP A . n 
A 1 59  PRO 59  63  63  PRO PRO A . n 
A 1 60  ALA 60  64  64  ALA ALA A . n 
A 1 61  ILE 61  65  65  ILE ILE A . n 
A 1 62  ILE 62  66  66  ILE ILE A . n 
A 1 63  ALA 63  67  67  ALA ALA A . n 
A 1 64  GLY 64  68  68  GLY GLY A . n 
A 1 65  ILE 65  69  69  ILE ILE A . n 
A 1 66  ILE 66  70  70  ILE ILE A . n 
A 1 67  SER 67  71  71  SER SER A . n 
A 1 68  ARG 68  72  72  ARG ARG A . n 
A 1 69  GLU 69  73  73  GLU GLU A . n 
A 1 70  SER 70  74  74  SER SER A . n 
A 1 71  ARG 71  75  75  ARG ARG A . n 
A 1 72  ALA 72  76  76  ALA ALA A . n 
A 1 73  GLY 73  77  77  GLY GLY A . n 
A 1 74  SER 74  78  78  SER SER A . n 
A 1 75  ALA 75  79  79  ALA ALA A . n 
A 1 76  LEU 76  80  80  LEU LEU A . n 
A 1 77  ASP 77  81  81  ASP ASP A . n 
A 1 78  HIS 78  82  82  HIS HIS A . n 
A 1 79  GLY 79  83  83  GLY GLY A . n 
A 1 80  TRP 80  84  84  TRP TRP A . n 
A 1 81  GLY 81  85  85  GLY GLY A . n 
A 1 82  ASP 82  86  86  ASP ASP A . n 
A 1 83  HIS 83  87  87  HIS HIS A . n 
A 1 84  GLY 84  88  88  GLY GLY A . n 
A 1 85  LYS 85  89  89  LYS LYS A . n 
A 1 86  GLY 86  90  90  GLY GLY A . n 
A 1 87  PHE 87  91  91  PHE PHE A . n 
A 1 88  GLY 88  92  92  GLY GLY A . n 
A 1 89  LEU 89  93  93  LEU LEU A . n 
A 1 90  MET 90  94  94  MET MET A . n 
A 1 91  GLN 91  95  95  GLN GLN A . n 
A 1 92  VAL 92  96  96  VAL VAL A . n 
A 1 93  ASP 93  97  97  ASP ASP A . n 
A 1 94  LYS 94  98  98  LYS LYS A . n 
A 1 95  ARG 95  99  99  ARG ARG A . n 
A 1 96  TYR 96  100 100 TYR TYR A . n 
A 1 97  HIS 97  101 101 HIS HIS A . n 
A 1 98  LYS 98  102 102 LYS LYS A . n 
A 1 99  ILE 99  103 103 ILE ILE A . n 
A 1 100 VAL 100 104 104 VAL VAL A . n 
A 1 101 GLY 101 105 105 GLY GLY A . n 
A 1 102 ALA 102 106 106 ALA ALA A . n 
A 1 103 TRP 103 107 107 TRP TRP A . n 
A 1 104 ASP 104 108 108 ASP ASP A . n 
A 1 105 SER 105 109 109 SER SER A . n 
A 1 106 GLU 106 110 110 GLU GLU A . n 
A 1 107 LYS 107 111 111 LYS LYS A . n 
A 1 108 HIS 108 112 112 HIS HIS A . n 
A 1 109 ILE 109 113 113 ILE ILE A . n 
A 1 110 SER 110 114 114 SER SER A . n 
A 1 111 GLN 111 115 115 GLN GLN A . n 
A 1 112 GLY 112 116 116 GLY GLY A . n 
A 1 113 THR 113 117 117 THR THR A . n 
A 1 114 GLU 114 118 118 GLU GLU A . n 
A 1 115 ILE 115 119 119 ILE ILE A . n 
A 1 116 LEU 116 120 120 LEU LEU A . n 
A 1 117 ILE 117 121 121 ILE ILE A . n 
A 1 118 GLU 118 122 122 GLU GLU A . n 
A 1 119 PHE 119 123 123 PHE PHE A . n 
A 1 120 ILE 120 124 124 ILE ILE A . n 
A 1 121 ARG 121 125 125 ARG ARG A . n 
A 1 122 ARG 122 126 126 ARG ARG A . n 
A 1 123 ILE 123 127 127 ILE ILE A . n 
A 1 124 GLN 124 128 128 GLN GLN A . n 
A 1 125 ALA 125 129 129 ALA ALA A . n 
A 1 126 LYS 126 130 130 LYS LYS A . n 
A 1 127 PHE 127 131 131 PHE PHE A . n 
A 1 128 PRO 128 132 132 PRO PRO A . n 
A 1 129 VAL 129 133 133 VAL VAL A . n 
A 1 130 TRP 130 134 134 TRP TRP A . n 
A 1 131 PRO 131 135 135 PRO PRO A . n 
A 1 132 LYS 132 136 136 LYS LYS A . n 
A 1 133 GLU 133 137 137 GLU GLU A . n 
A 1 134 HIS 134 138 138 HIS HIS A . n 
A 1 135 GLN 135 139 139 GLN GLN A . n 
A 1 136 LEU 136 140 140 LEU LEU A . n 
A 1 137 LYS 137 141 141 LYS LYS A . n 
A 1 138 GLY 138 142 142 GLY GLY A . n 
A 1 139 GLY 139 143 143 GLY GLY A . n 
A 1 140 ILE 140 144 144 ILE ILE A . n 
A 1 141 SER 141 145 145 SER SER A . n 
A 1 142 ALA 142 146 146 ALA ALA A . n 
A 1 143 TYR 143 147 147 TYR TYR A . n 
A 1 144 ASN 144 148 148 ASN ASN A . n 
A 1 145 ALA 145 149 149 ALA ALA A . n 
A 1 146 GLY 146 150 150 GLY GLY A . n 
A 1 147 ASP 147 151 151 ASP ASP A . n 
A 1 148 LYS 148 152 152 LYS LYS A . n 
A 1 149 ASN 149 153 153 ASN ASN A . n 
A 1 150 VAL 150 154 154 VAL VAL A . n 
A 1 151 ARG 151 155 155 ARG ARG A . n 
A 1 152 THR 152 156 156 THR THR A . n 
A 1 153 TYR 153 157 157 TYR TYR A . n 
A 1 154 GLU 154 158 158 GLU GLU A . n 
A 1 155 ARG 155 159 159 ARG ARG A . n 
A 1 156 MET 156 160 160 MET MET A . n 
A 1 157 ASP 157 161 161 ASP ASP A . n 
A 1 158 VAL 158 162 162 VAL VAL A . n 
A 1 159 GLY 159 163 163 GLY GLY A . n 
A 1 160 THR 160 164 164 THR THR A . n 
A 1 161 THR 161 165 165 THR THR A . n 
A 1 162 GLY 162 166 166 GLY GLY A . n 
A 1 163 GLY 163 167 167 GLY GLY A . n 
A 1 164 ASP 164 168 168 ASP ASP A . n 
A 1 165 TYR 165 169 169 TYR TYR A . n 
A 1 166 SER 166 170 170 SER SER A . n 
A 1 167 ASN 167 171 171 ASN ASN A . n 
A 1 168 ASP 168 172 172 ASP ASP A . n 
A 1 169 VAL 169 173 173 VAL VAL A . n 
A 1 170 VAL 170 174 174 VAL VAL A . n 
A 1 171 ALA 171 175 175 ALA ALA A . n 
A 1 172 ARG 172 176 176 ARG ARG A . n 
A 1 173 SER 173 177 177 SER SER A . n 
A 1 174 GLN 174 178 178 GLN GLN A . n 
A 1 175 TRP 175 179 179 TRP TRP A . n 
A 1 176 PHE 176 180 180 PHE PHE A . n 
A 1 177 LYS 177 181 181 LYS LYS A . n 
A 1 178 SER 178 182 182 SER SER A . n 
A 1 179 GLN 179 183 183 GLN GLN A . n 
A 1 180 GLY 180 184 184 GLY GLY A . n 
A 1 181 TYR 181 185 185 TYR TYR A . n 
# 
loop_
_pdbx_nonpoly_scheme.asym_id 
_pdbx_nonpoly_scheme.entity_id 
_pdbx_nonpoly_scheme.mon_id 
_pdbx_nonpoly_scheme.ndb_seq_num 
_pdbx_nonpoly_scheme.pdb_seq_num 
_pdbx_nonpoly_scheme.auth_seq_num 
_pdbx_nonpoly_scheme.pdb_mon_id 
_pdbx_nonpoly_scheme.auth_mon_id 
_pdbx_nonpoly_scheme.pdb_strand_id 
_pdbx_nonpoly_scheme.pdb_ins_code 
B 2 CO  1   186 180 CO  CO  A . 
C 3 SO4 1   187 187 SO4 SO4 A . 
D 4 HOH 1   188 188 HOH HOH A . 
D 4 HOH 2   189 2   HOH HOH A . 
D 4 HOH 3   190 3   HOH HOH A . 
D 4 HOH 4   191 4   HOH HOH A . 
D 4 HOH 5   192 5   HOH HOH A . 
D 4 HOH 6   193 6   HOH HOH A . 
D 4 HOH 7   194 7   HOH HOH A . 
D 4 HOH 8   195 8   HOH HOH A . 
D 4 HOH 9   196 9   HOH HOH A . 
D 4 HOH 10  197 10  HOH HOH A . 
D 4 HOH 11  198 11  HOH HOH A . 
D 4 HOH 12  199 12  HOH HOH A . 
D 4 HOH 13  200 13  HOH HOH A . 
D 4 HOH 14  201 14  HOH HOH A . 
D 4 HOH 15  202 15  HOH HOH A . 
D 4 HOH 16  203 16  HOH HOH A . 
D 4 HOH 17  204 17  HOH HOH A . 
D 4 HOH 18  205 18  HOH HOH A . 
D 4 HOH 19  206 19  HOH HOH A . 
D 4 HOH 20  207 20  HOH HOH A . 
D 4 HOH 21  208 21  HOH HOH A . 
D 4 HOH 22  209 22  HOH HOH A . 
D 4 HOH 23  210 23  HOH HOH A . 
D 4 HOH 24  211 24  HOH HOH A . 
D 4 HOH 25  212 25  HOH HOH A . 
D 4 HOH 26  213 26  HOH HOH A . 
D 4 HOH 27  214 27  HOH HOH A . 
D 4 HOH 28  215 28  HOH HOH A . 
D 4 HOH 29  216 29  HOH HOH A . 
D 4 HOH 30  217 30  HOH HOH A . 
D 4 HOH 31  218 31  HOH HOH A . 
D 4 HOH 32  219 32  HOH HOH A . 
D 4 HOH 33  220 33  HOH HOH A . 
D 4 HOH 34  221 34  HOH HOH A . 
D 4 HOH 35  222 35  HOH HOH A . 
D 4 HOH 36  223 36  HOH HOH A . 
D 4 HOH 37  224 37  HOH HOH A . 
D 4 HOH 38  225 38  HOH HOH A . 
D 4 HOH 39  226 39  HOH HOH A . 
D 4 HOH 40  227 40  HOH HOH A . 
D 4 HOH 41  228 41  HOH HOH A . 
D 4 HOH 42  229 42  HOH HOH A . 
D 4 HOH 43  230 43  HOH HOH A . 
D 4 HOH 44  231 44  HOH HOH A . 
D 4 HOH 45  232 45  HOH HOH A . 
D 4 HOH 46  233 46  HOH HOH A . 
D 4 HOH 47  234 47  HOH HOH A . 
D 4 HOH 48  235 48  HOH HOH A . 
D 4 HOH 49  236 49  HOH HOH A . 
D 4 HOH 50  237 50  HOH HOH A . 
D 4 HOH 51  238 51  HOH HOH A . 
D 4 HOH 52  239 52  HOH HOH A . 
D 4 HOH 53  240 53  HOH HOH A . 
D 4 HOH 54  241 54  HOH HOH A . 
D 4 HOH 55  242 55  HOH HOH A . 
D 4 HOH 56  243 56  HOH HOH A . 
D 4 HOH 57  244 57  HOH HOH A . 
D 4 HOH 58  245 58  HOH HOH A . 
D 4 HOH 59  246 59  HOH HOH A . 
D 4 HOH 60  247 60  HOH HOH A . 
D 4 HOH 61  248 61  HOH HOH A . 
D 4 HOH 62  249 62  HOH HOH A . 
D 4 HOH 63  250 63  HOH HOH A . 
D 4 HOH 64  251 64  HOH HOH A . 
D 4 HOH 65  252 65  HOH HOH A . 
D 4 HOH 66  253 66  HOH HOH A . 
D 4 HOH 67  254 67  HOH HOH A . 
D 4 HOH 68  255 68  HOH HOH A . 
D 4 HOH 69  256 69  HOH HOH A . 
D 4 HOH 70  257 70  HOH HOH A . 
D 4 HOH 71  258 71  HOH HOH A . 
D 4 HOH 72  259 72  HOH HOH A . 
D 4 HOH 73  260 73  HOH HOH A . 
D 4 HOH 74  261 74  HOH HOH A . 
D 4 HOH 75  262 75  HOH HOH A . 
D 4 HOH 76  263 76  HOH HOH A . 
D 4 HOH 77  264 77  HOH HOH A . 
D 4 HOH 78  265 78  HOH HOH A . 
D 4 HOH 79  266 79  HOH HOH A . 
D 4 HOH 80  267 80  HOH HOH A . 
D 4 HOH 81  268 81  HOH HOH A . 
D 4 HOH 82  269 82  HOH HOH A . 
D 4 HOH 83  270 83  HOH HOH A . 
D 4 HOH 84  271 84  HOH HOH A . 
D 4 HOH 85  272 85  HOH HOH A . 
D 4 HOH 86  273 86  HOH HOH A . 
D 4 HOH 87  274 87  HOH HOH A . 
D 4 HOH 88  275 88  HOH HOH A . 
D 4 HOH 89  276 89  HOH HOH A . 
D 4 HOH 90  277 90  HOH HOH A . 
D 4 HOH 91  278 91  HOH HOH A . 
D 4 HOH 92  279 92  HOH HOH A . 
D 4 HOH 93  280 93  HOH HOH A . 
D 4 HOH 94  281 94  HOH HOH A . 
D 4 HOH 95  282 95  HOH HOH A . 
D 4 HOH 96  283 96  HOH HOH A . 
D 4 HOH 97  284 97  HOH HOH A . 
D 4 HOH 98  285 98  HOH HOH A . 
D 4 HOH 99  286 99  HOH HOH A . 
D 4 HOH 100 287 100 HOH HOH A . 
D 4 HOH 101 288 101 HOH HOH A . 
D 4 HOH 102 289 102 HOH HOH A . 
D 4 HOH 103 290 103 HOH HOH A . 
D 4 HOH 104 291 104 HOH HOH A . 
D 4 HOH 105 292 105 HOH HOH A . 
D 4 HOH 106 293 106 HOH HOH A . 
D 4 HOH 107 294 107 HOH HOH A . 
D 4 HOH 108 295 108 HOH HOH A . 
D 4 HOH 109 296 109 HOH HOH A . 
D 4 HOH 110 297 110 HOH HOH A . 
D 4 HOH 111 298 111 HOH HOH A . 
D 4 HOH 112 299 112 HOH HOH A . 
D 4 HOH 113 300 113 HOH HOH A . 
D 4 HOH 114 301 114 HOH HOH A . 
D 4 HOH 115 302 115 HOH HOH A . 
D 4 HOH 116 303 116 HOH HOH A . 
D 4 HOH 117 304 117 HOH HOH A . 
D 4 HOH 118 305 118 HOH HOH A . 
D 4 HOH 119 306 119 HOH HOH A . 
D 4 HOH 120 307 120 HOH HOH A . 
D 4 HOH 121 308 121 HOH HOH A . 
D 4 HOH 122 309 122 HOH HOH A . 
D 4 HOH 123 310 123 HOH HOH A . 
D 4 HOH 124 311 124 HOH HOH A . 
D 4 HOH 125 312 125 HOH HOH A . 
D 4 HOH 126 313 126 HOH HOH A . 
D 4 HOH 127 314 127 HOH HOH A . 
D 4 HOH 128 315 128 HOH HOH A . 
D 4 HOH 129 316 129 HOH HOH A . 
D 4 HOH 130 317 130 HOH HOH A . 
D 4 HOH 131 318 131 HOH HOH A . 
D 4 HOH 132 319 133 HOH HOH A . 
D 4 HOH 133 320 134 HOH HOH A . 
D 4 HOH 134 321 135 HOH HOH A . 
D 4 HOH 135 322 136 HOH HOH A . 
D 4 HOH 136 323 137 HOH HOH A . 
D 4 HOH 137 324 139 HOH HOH A . 
D 4 HOH 138 325 140 HOH HOH A . 
D 4 HOH 139 326 141 HOH HOH A . 
D 4 HOH 140 327 142 HOH HOH A . 
D 4 HOH 141 328 144 HOH HOH A . 
D 4 HOH 142 329 145 HOH HOH A . 
D 4 HOH 143 330 147 HOH HOH A . 
D 4 HOH 144 331 148 HOH HOH A . 
D 4 HOH 145 332 149 HOH HOH A . 
D 4 HOH 146 333 150 HOH HOH A . 
D 4 HOH 147 334 151 HOH HOH A . 
D 4 HOH 148 335 152 HOH HOH A . 
# 
_pdbx_struct_assembly.id                   1 
_pdbx_struct_assembly.details              author_and_software_defined_assembly 
_pdbx_struct_assembly.method_details       PISA 
_pdbx_struct_assembly.oligomeric_details   monomeric 
_pdbx_struct_assembly.oligomeric_count     1 
# 
_pdbx_struct_assembly_gen.assembly_id       1 
_pdbx_struct_assembly_gen.oper_expression   1 
_pdbx_struct_assembly_gen.asym_id_list      A,B,C,D 
# 
_pdbx_struct_oper_list.id                   1 
_pdbx_struct_oper_list.type                 'identity operation' 
_pdbx_struct_oper_list.name                 1_555 
_pdbx_struct_oper_list.symmetry_operation   x,y,z 
_pdbx_struct_oper_list.matrix[1][1]         1.0000000000 
_pdbx_struct_oper_list.matrix[1][2]         0.0000000000 
_pdbx_struct_oper_list.matrix[1][3]         0.0000000000 
_pdbx_struct_oper_list.vector[1]            0.0000000000 
_pdbx_struct_oper_list.matrix[2][1]         0.0000000000 
_pdbx_struct_oper_list.matrix[2][2]         1.0000000000 
_pdbx_struct_oper_list.matrix[2][3]         0.0000000000 
_pdbx_struct_oper_list.vector[2]            0.0000000000 
_pdbx_struct_oper_list.matrix[3][1]         0.0000000000 
_pdbx_struct_oper_list.matrix[3][2]         0.0000000000 
_pdbx_struct_oper_list.matrix[3][3]         1.0000000000 
_pdbx_struct_oper_list.vector[3]            0.0000000000 
# 
_pdbx_struct_conn_angle.id                    1 
_pdbx_struct_conn_angle.ptnr1_label_atom_id   ND1 
_pdbx_struct_conn_angle.ptnr1_label_alt_id    ? 
_pdbx_struct_conn_angle.ptnr1_label_asym_id   A 
_pdbx_struct_conn_angle.ptnr1_label_comp_id   HIS 
_pdbx_struct_conn_angle.ptnr1_label_seq_id    1 
_pdbx_struct_conn_angle.ptnr1_auth_atom_id    ? 
_pdbx_struct_conn_angle.ptnr1_auth_asym_id    A 
_pdbx_struct_conn_angle.ptnr1_auth_comp_id    HIS 
_pdbx_struct_conn_angle.ptnr1_auth_seq_id     5 
_pdbx_struct_conn_angle.ptnr1_PDB_ins_code    ? 
_pdbx_struct_conn_angle.ptnr1_symmetry        1_555 
_pdbx_struct_conn_angle.ptnr2_label_atom_id   CO 
_pdbx_struct_conn_angle.ptnr2_label_alt_id    ? 
_pdbx_struct_conn_angle.ptnr2_label_asym_id   B 
_pdbx_struct_conn_angle.ptnr2_label_comp_id   CO 
_pdbx_struct_conn_angle.ptnr2_label_seq_id    . 
_pdbx_struct_conn_angle.ptnr2_auth_atom_id    ? 
_pdbx_struct_conn_angle.ptnr2_auth_asym_id    A 
_pdbx_struct_conn_angle.ptnr2_auth_comp_id    CO 
_pdbx_struct_conn_angle.ptnr2_auth_seq_id     186 
_pdbx_struct_conn_angle.ptnr2_PDB_ins_code    ? 
_pdbx_struct_conn_angle.ptnr2_symmetry        1_555 
_pdbx_struct_conn_angle.ptnr3_label_atom_id   N 
_pdbx_struct_conn_angle.ptnr3_label_alt_id    ? 
_pdbx_struct_conn_angle.ptnr3_label_asym_id   A 
_pdbx_struct_conn_angle.ptnr3_label_comp_id   HIS 
_pdbx_struct_conn_angle.ptnr3_label_seq_id    1 
_pdbx_struct_conn_angle.ptnr3_auth_atom_id    ? 
_pdbx_struct_conn_angle.ptnr3_auth_asym_id    A 
_pdbx_struct_conn_angle.ptnr3_auth_comp_id    HIS 
_pdbx_struct_conn_angle.ptnr3_auth_seq_id     5 
_pdbx_struct_conn_angle.ptnr3_PDB_ins_code    ? 
_pdbx_struct_conn_angle.ptnr3_symmetry        1_555 
_pdbx_struct_conn_angle.value                 94.2 
_pdbx_struct_conn_angle.value_esd             ? 
# 
loop_
_pdbx_audit_revision_history.ordinal 
_pdbx_audit_revision_history.data_content_type 
_pdbx_audit_revision_history.major_revision 
_pdbx_audit_revision_history.minor_revision 
_pdbx_audit_revision_history.revision_date 
1 'Structure model' 1 0 2010-05-05 
2 'Structure model' 1 1 2011-07-13 
3 'Structure model' 1 2 2014-02-19 
4 'Structure model' 1 3 2017-11-08 
5 'Structure model' 1 4 2023-11-01 
# 
_pdbx_audit_revision_details.ordinal             1 
_pdbx_audit_revision_details.revision_ordinal    1 
_pdbx_audit_revision_details.data_content_type   'Structure model' 
_pdbx_audit_revision_details.provider            repository 
_pdbx_audit_revision_details.type                'Initial release' 
_pdbx_audit_revision_details.description         ? 
_pdbx_audit_revision_details.details             ? 
# 
loop_
_pdbx_audit_revision_group.ordinal 
_pdbx_audit_revision_group.revision_ordinal 
_pdbx_audit_revision_group.data_content_type 
_pdbx_audit_revision_group.group 
1 2 'Structure model' 'Version format compliance' 
2 3 'Structure model' 'Database references'       
3 4 'Structure model' 'Refinement description'    
4 5 'Structure model' 'Data collection'           
5 5 'Structure model' 'Database references'       
6 5 'Structure model' 'Derived calculations'      
7 5 'Structure model' 'Refinement description'    
# 
loop_
_pdbx_audit_revision_category.ordinal 
_pdbx_audit_revision_category.revision_ordinal 
_pdbx_audit_revision_category.data_content_type 
_pdbx_audit_revision_category.category 
1 4 'Structure model' software                      
2 5 'Structure model' chem_comp_atom                
3 5 'Structure model' chem_comp_bond                
4 5 'Structure model' database_2                    
5 5 'Structure model' pdbx_initial_refinement_model 
6 5 'Structure model' struct_ref_seq_dif            
7 5 'Structure model' struct_site                   
# 
loop_
_pdbx_audit_revision_item.ordinal 
_pdbx_audit_revision_item.revision_ordinal 
_pdbx_audit_revision_item.data_content_type 
_pdbx_audit_revision_item.item 
1 4 'Structure model' '_software.name'                      
2 5 'Structure model' '_database_2.pdbx_DOI'                
3 5 'Structure model' '_database_2.pdbx_database_accession' 
4 5 'Structure model' '_struct_ref_seq_dif.details'         
5 5 'Structure model' '_struct_site.pdbx_auth_asym_id'      
6 5 'Structure model' '_struct_site.pdbx_auth_comp_id'      
7 5 'Structure model' '_struct_site.pdbx_auth_seq_id'       
# 
loop_
_software.name 
_software.classification 
_software.version 
_software.citation_id 
_software.pdbx_ordinal 
MAR345 'data collection' CCD      ? 1 
MOLREP phasing           .        ? 2 
REFMAC refinement        5.2.0019 ? 3 
MOSFLM 'data reduction'  .        ? 4 
SCALA  'data scaling'    .        ? 5 
# 
_pdbx_entry_details.entry_id                 3MGW 
_pdbx_entry_details.nonpolymer_details       ? 
_pdbx_entry_details.sequence_details         
'AUTHOR STATED THAT RESIDUE A133V WAS NOT A INTENTIONAL MUTATION, MAYBE AN EXPRESSION ARTIFACT.' 
_pdbx_entry_details.compound_details         ? 
_pdbx_entry_details.source_details           ? 
_pdbx_entry_details.has_ligand_of_interest   ? 
# 
loop_
_pdbx_validate_torsion.id 
_pdbx_validate_torsion.PDB_model_num 
_pdbx_validate_torsion.auth_comp_id 
_pdbx_validate_torsion.auth_asym_id 
_pdbx_validate_torsion.auth_seq_id 
_pdbx_validate_torsion.PDB_ins_code 
_pdbx_validate_torsion.label_alt_id 
_pdbx_validate_torsion.phi 
_pdbx_validate_torsion.psi 
1 1 GLN A 23  ? ? -130.56 -54.07  
2 1 ARG A 155 ? ? -120.91 -101.21 
3 1 ASP A 168 ? ? -152.30 17.65   
# 
_pdbx_validate_polymer_linkage.id               1 
_pdbx_validate_polymer_linkage.PDB_model_num    1 
_pdbx_validate_polymer_linkage.auth_atom_id_1   C 
_pdbx_validate_polymer_linkage.auth_asym_id_1   A 
_pdbx_validate_polymer_linkage.auth_comp_id_1   ALA 
_pdbx_validate_polymer_linkage.auth_seq_id_1    21 
_pdbx_validate_polymer_linkage.PDB_ins_code_1   ? 
_pdbx_validate_polymer_linkage.label_alt_id_1   ? 
_pdbx_validate_polymer_linkage.auth_atom_id_2   N 
_pdbx_validate_polymer_linkage.auth_asym_id_2   A 
_pdbx_validate_polymer_linkage.auth_comp_id_2   ARG 
_pdbx_validate_polymer_linkage.auth_seq_id_2    22 
_pdbx_validate_polymer_linkage.PDB_ins_code_2   ? 
_pdbx_validate_polymer_linkage.label_alt_id_2   ? 
_pdbx_validate_polymer_linkage.dist             3.30 
# 
loop_
_chem_comp_atom.comp_id 
_chem_comp_atom.atom_id 
_chem_comp_atom.type_symbol 
_chem_comp_atom.pdbx_aromatic_flag 
_chem_comp_atom.pdbx_stereo_config 
_chem_comp_atom.pdbx_ordinal 
ALA N    N  N N 1   
ALA CA   C  N S 2   
ALA C    C  N N 3   
ALA O    O  N N 4   
ALA CB   C  N N 5   
ALA OXT  O  N N 6   
ALA H    H  N N 7   
ALA H2   H  N N 8   
ALA HA   H  N N 9   
ALA HB1  H  N N 10  
ALA HB2  H  N N 11  
ALA HB3  H  N N 12  
ALA HXT  H  N N 13  
ARG N    N  N N 14  
ARG CA   C  N S 15  
ARG C    C  N N 16  
ARG O    O  N N 17  
ARG CB   C  N N 18  
ARG CG   C  N N 19  
ARG CD   C  N N 20  
ARG NE   N  N N 21  
ARG CZ   C  N N 22  
ARG NH1  N  N N 23  
ARG NH2  N  N N 24  
ARG OXT  O  N N 25  
ARG H    H  N N 26  
ARG H2   H  N N 27  
ARG HA   H  N N 28  
ARG HB2  H  N N 29  
ARG HB3  H  N N 30  
ARG HG2  H  N N 31  
ARG HG3  H  N N 32  
ARG HD2  H  N N 33  
ARG HD3  H  N N 34  
ARG HE   H  N N 35  
ARG HH11 H  N N 36  
ARG HH12 H  N N 37  
ARG HH21 H  N N 38  
ARG HH22 H  N N 39  
ARG HXT  H  N N 40  
ASN N    N  N N 41  
ASN CA   C  N S 42  
ASN C    C  N N 43  
ASN O    O  N N 44  
ASN CB   C  N N 45  
ASN CG   C  N N 46  
ASN OD1  O  N N 47  
ASN ND2  N  N N 48  
ASN OXT  O  N N 49  
ASN H    H  N N 50  
ASN H2   H  N N 51  
ASN HA   H  N N 52  
ASN HB2  H  N N 53  
ASN HB3  H  N N 54  
ASN HD21 H  N N 55  
ASN HD22 H  N N 56  
ASN HXT  H  N N 57  
ASP N    N  N N 58  
ASP CA   C  N S 59  
ASP C    C  N N 60  
ASP O    O  N N 61  
ASP CB   C  N N 62  
ASP CG   C  N N 63  
ASP OD1  O  N N 64  
ASP OD2  O  N N 65  
ASP OXT  O  N N 66  
ASP H    H  N N 67  
ASP H2   H  N N 68  
ASP HA   H  N N 69  
ASP HB2  H  N N 70  
ASP HB3  H  N N 71  
ASP HD2  H  N N 72  
ASP HXT  H  N N 73  
CO  CO   CO N N 74  
GLN N    N  N N 75  
GLN CA   C  N S 76  
GLN C    C  N N 77  
GLN O    O  N N 78  
GLN CB   C  N N 79  
GLN CG   C  N N 80  
GLN CD   C  N N 81  
GLN OE1  O  N N 82  
GLN NE2  N  N N 83  
GLN OXT  O  N N 84  
GLN H    H  N N 85  
GLN H2   H  N N 86  
GLN HA   H  N N 87  
GLN HB2  H  N N 88  
GLN HB3  H  N N 89  
GLN HG2  H  N N 90  
GLN HG3  H  N N 91  
GLN HE21 H  N N 92  
GLN HE22 H  N N 93  
GLN HXT  H  N N 94  
GLU N    N  N N 95  
GLU CA   C  N S 96  
GLU C    C  N N 97  
GLU O    O  N N 98  
GLU CB   C  N N 99  
GLU CG   C  N N 100 
GLU CD   C  N N 101 
GLU OE1  O  N N 102 
GLU OE2  O  N N 103 
GLU OXT  O  N N 104 
GLU H    H  N N 105 
GLU H2   H  N N 106 
GLU HA   H  N N 107 
GLU HB2  H  N N 108 
GLU HB3  H  N N 109 
GLU HG2  H  N N 110 
GLU HG3  H  N N 111 
GLU HE2  H  N N 112 
GLU HXT  H  N N 113 
GLY N    N  N N 114 
GLY CA   C  N N 115 
GLY C    C  N N 116 
GLY O    O  N N 117 
GLY OXT  O  N N 118 
GLY H    H  N N 119 
GLY H2   H  N N 120 
GLY HA2  H  N N 121 
GLY HA3  H  N N 122 
GLY HXT  H  N N 123 
HIS N    N  N N 124 
HIS CA   C  N S 125 
HIS C    C  N N 126 
HIS O    O  N N 127 
HIS CB   C  N N 128 
HIS CG   C  Y N 129 
HIS ND1  N  Y N 130 
HIS CD2  C  Y N 131 
HIS CE1  C  Y N 132 
HIS NE2  N  Y N 133 
HIS OXT  O  N N 134 
HIS H    H  N N 135 
HIS H2   H  N N 136 
HIS HA   H  N N 137 
HIS HB2  H  N N 138 
HIS HB3  H  N N 139 
HIS HD1  H  N N 140 
HIS HD2  H  N N 141 
HIS HE1  H  N N 142 
HIS HE2  H  N N 143 
HIS HXT  H  N N 144 
HOH O    O  N N 145 
HOH H1   H  N N 146 
HOH H2   H  N N 147 
ILE N    N  N N 148 
ILE CA   C  N S 149 
ILE C    C  N N 150 
ILE O    O  N N 151 
ILE CB   C  N S 152 
ILE CG1  C  N N 153 
ILE CG2  C  N N 154 
ILE CD1  C  N N 155 
ILE OXT  O  N N 156 
ILE H    H  N N 157 
ILE H2   H  N N 158 
ILE HA   H  N N 159 
ILE HB   H  N N 160 
ILE HG12 H  N N 161 
ILE HG13 H  N N 162 
ILE HG21 H  N N 163 
ILE HG22 H  N N 164 
ILE HG23 H  N N 165 
ILE HD11 H  N N 166 
ILE HD12 H  N N 167 
ILE HD13 H  N N 168 
ILE HXT  H  N N 169 
LEU N    N  N N 170 
LEU CA   C  N S 171 
LEU C    C  N N 172 
LEU O    O  N N 173 
LEU CB   C  N N 174 
LEU CG   C  N N 175 
LEU CD1  C  N N 176 
LEU CD2  C  N N 177 
LEU OXT  O  N N 178 
LEU H    H  N N 179 
LEU H2   H  N N 180 
LEU HA   H  N N 181 
LEU HB2  H  N N 182 
LEU HB3  H  N N 183 
LEU HG   H  N N 184 
LEU HD11 H  N N 185 
LEU HD12 H  N N 186 
LEU HD13 H  N N 187 
LEU HD21 H  N N 188 
LEU HD22 H  N N 189 
LEU HD23 H  N N 190 
LEU HXT  H  N N 191 
LYS N    N  N N 192 
LYS CA   C  N S 193 
LYS C    C  N N 194 
LYS O    O  N N 195 
LYS CB   C  N N 196 
LYS CG   C  N N 197 
LYS CD   C  N N 198 
LYS CE   C  N N 199 
LYS NZ   N  N N 200 
LYS OXT  O  N N 201 
LYS H    H  N N 202 
LYS H2   H  N N 203 
LYS HA   H  N N 204 
LYS HB2  H  N N 205 
LYS HB3  H  N N 206 
LYS HG2  H  N N 207 
LYS HG3  H  N N 208 
LYS HD2  H  N N 209 
LYS HD3  H  N N 210 
LYS HE2  H  N N 211 
LYS HE3  H  N N 212 
LYS HZ1  H  N N 213 
LYS HZ2  H  N N 214 
LYS HZ3  H  N N 215 
LYS HXT  H  N N 216 
MET N    N  N N 217 
MET CA   C  N S 218 
MET C    C  N N 219 
MET O    O  N N 220 
MET CB   C  N N 221 
MET CG   C  N N 222 
MET SD   S  N N 223 
MET CE   C  N N 224 
MET OXT  O  N N 225 
MET H    H  N N 226 
MET H2   H  N N 227 
MET HA   H  N N 228 
MET HB2  H  N N 229 
MET HB3  H  N N 230 
MET HG2  H  N N 231 
MET HG3  H  N N 232 
MET HE1  H  N N 233 
MET HE2  H  N N 234 
MET HE3  H  N N 235 
MET HXT  H  N N 236 
PHE N    N  N N 237 
PHE CA   C  N S 238 
PHE C    C  N N 239 
PHE O    O  N N 240 
PHE CB   C  N N 241 
PHE CG   C  Y N 242 
PHE CD1  C  Y N 243 
PHE CD2  C  Y N 244 
PHE CE1  C  Y N 245 
PHE CE2  C  Y N 246 
PHE CZ   C  Y N 247 
PHE OXT  O  N N 248 
PHE H    H  N N 249 
PHE H2   H  N N 250 
PHE HA   H  N N 251 
PHE HB2  H  N N 252 
PHE HB3  H  N N 253 
PHE HD1  H  N N 254 
PHE HD2  H  N N 255 
PHE HE1  H  N N 256 
PHE HE2  H  N N 257 
PHE HZ   H  N N 258 
PHE HXT  H  N N 259 
PRO N    N  N N 260 
PRO CA   C  N S 261 
PRO C    C  N N 262 
PRO O    O  N N 263 
PRO CB   C  N N 264 
PRO CG   C  N N 265 
PRO CD   C  N N 266 
PRO OXT  O  N N 267 
PRO H    H  N N 268 
PRO HA   H  N N 269 
PRO HB2  H  N N 270 
PRO HB3  H  N N 271 
PRO HG2  H  N N 272 
PRO HG3  H  N N 273 
PRO HD2  H  N N 274 
PRO HD3  H  N N 275 
PRO HXT  H  N N 276 
SER N    N  N N 277 
SER CA   C  N S 278 
SER C    C  N N 279 
SER O    O  N N 280 
SER CB   C  N N 281 
SER OG   O  N N 282 
SER OXT  O  N N 283 
SER H    H  N N 284 
SER H2   H  N N 285 
SER HA   H  N N 286 
SER HB2  H  N N 287 
SER HB3  H  N N 288 
SER HG   H  N N 289 
SER HXT  H  N N 290 
SO4 S    S  N N 291 
SO4 O1   O  N N 292 
SO4 O2   O  N N 293 
SO4 O3   O  N N 294 
SO4 O4   O  N N 295 
THR N    N  N N 296 
THR CA   C  N S 297 
THR C    C  N N 298 
THR O    O  N N 299 
THR CB   C  N R 300 
THR OG1  O  N N 301 
THR CG2  C  N N 302 
THR OXT  O  N N 303 
THR H    H  N N 304 
THR H2   H  N N 305 
THR HA   H  N N 306 
THR HB   H  N N 307 
THR HG1  H  N N 308 
THR HG21 H  N N 309 
THR HG22 H  N N 310 
THR HG23 H  N N 311 
THR HXT  H  N N 312 
TRP N    N  N N 313 
TRP CA   C  N S 314 
TRP C    C  N N 315 
TRP O    O  N N 316 
TRP CB   C  N N 317 
TRP CG   C  Y N 318 
TRP CD1  C  Y N 319 
TRP CD2  C  Y N 320 
TRP NE1  N  Y N 321 
TRP CE2  C  Y N 322 
TRP CE3  C  Y N 323 
TRP CZ2  C  Y N 324 
TRP CZ3  C  Y N 325 
TRP CH2  C  Y N 326 
TRP OXT  O  N N 327 
TRP H    H  N N 328 
TRP H2   H  N N 329 
TRP HA   H  N N 330 
TRP HB2  H  N N 331 
TRP HB3  H  N N 332 
TRP HD1  H  N N 333 
TRP HE1  H  N N 334 
TRP HE3  H  N N 335 
TRP HZ2  H  N N 336 
TRP HZ3  H  N N 337 
TRP HH2  H  N N 338 
TRP HXT  H  N N 339 
TYR N    N  N N 340 
TYR CA   C  N S 341 
TYR C    C  N N 342 
TYR O    O  N N 343 
TYR CB   C  N N 344 
TYR CG   C  Y N 345 
TYR CD1  C  Y N 346 
TYR CD2  C  Y N 347 
TYR CE1  C  Y N 348 
TYR CE2  C  Y N 349 
TYR CZ   C  Y N 350 
TYR OH   O  N N 351 
TYR OXT  O  N N 352 
TYR H    H  N N 353 
TYR H2   H  N N 354 
TYR HA   H  N N 355 
TYR HB2  H  N N 356 
TYR HB3  H  N N 357 
TYR HD1  H  N N 358 
TYR HD2  H  N N 359 
TYR HE1  H  N N 360 
TYR HE2  H  N N 361 
TYR HH   H  N N 362 
TYR HXT  H  N N 363 
VAL N    N  N N 364 
VAL CA   C  N S 365 
VAL C    C  N N 366 
VAL O    O  N N 367 
VAL CB   C  N N 368 
VAL CG1  C  N N 369 
VAL CG2  C  N N 370 
VAL OXT  O  N N 371 
VAL H    H  N N 372 
VAL H2   H  N N 373 
VAL HA   H  N N 374 
VAL HB   H  N N 375 
VAL HG11 H  N N 376 
VAL HG12 H  N N 377 
VAL HG13 H  N N 378 
VAL HG21 H  N N 379 
VAL HG22 H  N N 380 
VAL HG23 H  N N 381 
VAL HXT  H  N N 382 
# 
loop_
_chem_comp_bond.comp_id 
_chem_comp_bond.atom_id_1 
_chem_comp_bond.atom_id_2 
_chem_comp_bond.value_order 
_chem_comp_bond.pdbx_aromatic_flag 
_chem_comp_bond.pdbx_stereo_config 
_chem_comp_bond.pdbx_ordinal 
ALA N   CA   sing N N 1   
ALA N   H    sing N N 2   
ALA N   H2   sing N N 3   
ALA CA  C    sing N N 4   
ALA CA  CB   sing N N 5   
ALA CA  HA   sing N N 6   
ALA C   O    doub N N 7   
ALA C   OXT  sing N N 8   
ALA CB  HB1  sing N N 9   
ALA CB  HB2  sing N N 10  
ALA CB  HB3  sing N N 11  
ALA OXT HXT  sing N N 12  
ARG N   CA   sing N N 13  
ARG N   H    sing N N 14  
ARG N   H2   sing N N 15  
ARG CA  C    sing N N 16  
ARG CA  CB   sing N N 17  
ARG CA  HA   sing N N 18  
ARG C   O    doub N N 19  
ARG C   OXT  sing N N 20  
ARG CB  CG   sing N N 21  
ARG CB  HB2  sing N N 22  
ARG CB  HB3  sing N N 23  
ARG CG  CD   sing N N 24  
ARG CG  HG2  sing N N 25  
ARG CG  HG3  sing N N 26  
ARG CD  NE   sing N N 27  
ARG CD  HD2  sing N N 28  
ARG CD  HD3  sing N N 29  
ARG NE  CZ   sing N N 30  
ARG NE  HE   sing N N 31  
ARG CZ  NH1  sing N N 32  
ARG CZ  NH2  doub N N 33  
ARG NH1 HH11 sing N N 34  
ARG NH1 HH12 sing N N 35  
ARG NH2 HH21 sing N N 36  
ARG NH2 HH22 sing N N 37  
ARG OXT HXT  sing N N 38  
ASN N   CA   sing N N 39  
ASN N   H    sing N N 40  
ASN N   H2   sing N N 41  
ASN CA  C    sing N N 42  
ASN CA  CB   sing N N 43  
ASN CA  HA   sing N N 44  
ASN C   O    doub N N 45  
ASN C   OXT  sing N N 46  
ASN CB  CG   sing N N 47  
ASN CB  HB2  sing N N 48  
ASN CB  HB3  sing N N 49  
ASN CG  OD1  doub N N 50  
ASN CG  ND2  sing N N 51  
ASN ND2 HD21 sing N N 52  
ASN ND2 HD22 sing N N 53  
ASN OXT HXT  sing N N 54  
ASP N   CA   sing N N 55  
ASP N   H    sing N N 56  
ASP N   H2   sing N N 57  
ASP CA  C    sing N N 58  
ASP CA  CB   sing N N 59  
ASP CA  HA   sing N N 60  
ASP C   O    doub N N 61  
ASP C   OXT  sing N N 62  
ASP CB  CG   sing N N 63  
ASP CB  HB2  sing N N 64  
ASP CB  HB3  sing N N 65  
ASP CG  OD1  doub N N 66  
ASP CG  OD2  sing N N 67  
ASP OD2 HD2  sing N N 68  
ASP OXT HXT  sing N N 69  
GLN N   CA   sing N N 70  
GLN N   H    sing N N 71  
GLN N   H2   sing N N 72  
GLN CA  C    sing N N 73  
GLN CA  CB   sing N N 74  
GLN CA  HA   sing N N 75  
GLN C   O    doub N N 76  
GLN C   OXT  sing N N 77  
GLN CB  CG   sing N N 78  
GLN CB  HB2  sing N N 79  
GLN CB  HB3  sing N N 80  
GLN CG  CD   sing N N 81  
GLN CG  HG2  sing N N 82  
GLN CG  HG3  sing N N 83  
GLN CD  OE1  doub N N 84  
GLN CD  NE2  sing N N 85  
GLN NE2 HE21 sing N N 86  
GLN NE2 HE22 sing N N 87  
GLN OXT HXT  sing N N 88  
GLU N   CA   sing N N 89  
GLU N   H    sing N N 90  
GLU N   H2   sing N N 91  
GLU CA  C    sing N N 92  
GLU CA  CB   sing N N 93  
GLU CA  HA   sing N N 94  
GLU C   O    doub N N 95  
GLU C   OXT  sing N N 96  
GLU CB  CG   sing N N 97  
GLU CB  HB2  sing N N 98  
GLU CB  HB3  sing N N 99  
GLU CG  CD   sing N N 100 
GLU CG  HG2  sing N N 101 
GLU CG  HG3  sing N N 102 
GLU CD  OE1  doub N N 103 
GLU CD  OE2  sing N N 104 
GLU OE2 HE2  sing N N 105 
GLU OXT HXT  sing N N 106 
GLY N   CA   sing N N 107 
GLY N   H    sing N N 108 
GLY N   H2   sing N N 109 
GLY CA  C    sing N N 110 
GLY CA  HA2  sing N N 111 
GLY CA  HA3  sing N N 112 
GLY C   O    doub N N 113 
GLY C   OXT  sing N N 114 
GLY OXT HXT  sing N N 115 
HIS N   CA   sing N N 116 
HIS N   H    sing N N 117 
HIS N   H2   sing N N 118 
HIS CA  C    sing N N 119 
HIS CA  CB   sing N N 120 
HIS CA  HA   sing N N 121 
HIS C   O    doub N N 122 
HIS C   OXT  sing N N 123 
HIS CB  CG   sing N N 124 
HIS CB  HB2  sing N N 125 
HIS CB  HB3  sing N N 126 
HIS CG  ND1  sing Y N 127 
HIS CG  CD2  doub Y N 128 
HIS ND1 CE1  doub Y N 129 
HIS ND1 HD1  sing N N 130 
HIS CD2 NE2  sing Y N 131 
HIS CD2 HD2  sing N N 132 
HIS CE1 NE2  sing Y N 133 
HIS CE1 HE1  sing N N 134 
HIS NE2 HE2  sing N N 135 
HIS OXT HXT  sing N N 136 
HOH O   H1   sing N N 137 
HOH O   H2   sing N N 138 
ILE N   CA   sing N N 139 
ILE N   H    sing N N 140 
ILE N   H2   sing N N 141 
ILE CA  C    sing N N 142 
ILE CA  CB   sing N N 143 
ILE CA  HA   sing N N 144 
ILE C   O    doub N N 145 
ILE C   OXT  sing N N 146 
ILE CB  CG1  sing N N 147 
ILE CB  CG2  sing N N 148 
ILE CB  HB   sing N N 149 
ILE CG1 CD1  sing N N 150 
ILE CG1 HG12 sing N N 151 
ILE CG1 HG13 sing N N 152 
ILE CG2 HG21 sing N N 153 
ILE CG2 HG22 sing N N 154 
ILE CG2 HG23 sing N N 155 
ILE CD1 HD11 sing N N 156 
ILE CD1 HD12 sing N N 157 
ILE CD1 HD13 sing N N 158 
ILE OXT HXT  sing N N 159 
LEU N   CA   sing N N 160 
LEU N   H    sing N N 161 
LEU N   H2   sing N N 162 
LEU CA  C    sing N N 163 
LEU CA  CB   sing N N 164 
LEU CA  HA   sing N N 165 
LEU C   O    doub N N 166 
LEU C   OXT  sing N N 167 
LEU CB  CG   sing N N 168 
LEU CB  HB2  sing N N 169 
LEU CB  HB3  sing N N 170 
LEU CG  CD1  sing N N 171 
LEU CG  CD2  sing N N 172 
LEU CG  HG   sing N N 173 
LEU CD1 HD11 sing N N 174 
LEU CD1 HD12 sing N N 175 
LEU CD1 HD13 sing N N 176 
LEU CD2 HD21 sing N N 177 
LEU CD2 HD22 sing N N 178 
LEU CD2 HD23 sing N N 179 
LEU OXT HXT  sing N N 180 
LYS N   CA   sing N N 181 
LYS N   H    sing N N 182 
LYS N   H2   sing N N 183 
LYS CA  C    sing N N 184 
LYS CA  CB   sing N N 185 
LYS CA  HA   sing N N 186 
LYS C   O    doub N N 187 
LYS C   OXT  sing N N 188 
LYS CB  CG   sing N N 189 
LYS CB  HB2  sing N N 190 
LYS CB  HB3  sing N N 191 
LYS CG  CD   sing N N 192 
LYS CG  HG2  sing N N 193 
LYS CG  HG3  sing N N 194 
LYS CD  CE   sing N N 195 
LYS CD  HD2  sing N N 196 
LYS CD  HD3  sing N N 197 
LYS CE  NZ   sing N N 198 
LYS CE  HE2  sing N N 199 
LYS CE  HE3  sing N N 200 
LYS NZ  HZ1  sing N N 201 
LYS NZ  HZ2  sing N N 202 
LYS NZ  HZ3  sing N N 203 
LYS OXT HXT  sing N N 204 
MET N   CA   sing N N 205 
MET N   H    sing N N 206 
MET N   H2   sing N N 207 
MET CA  C    sing N N 208 
MET CA  CB   sing N N 209 
MET CA  HA   sing N N 210 
MET C   O    doub N N 211 
MET C   OXT  sing N N 212 
MET CB  CG   sing N N 213 
MET CB  HB2  sing N N 214 
MET CB  HB3  sing N N 215 
MET CG  SD   sing N N 216 
MET CG  HG2  sing N N 217 
MET CG  HG3  sing N N 218 
MET SD  CE   sing N N 219 
MET CE  HE1  sing N N 220 
MET CE  HE2  sing N N 221 
MET CE  HE3  sing N N 222 
MET OXT HXT  sing N N 223 
PHE N   CA   sing N N 224 
PHE N   H    sing N N 225 
PHE N   H2   sing N N 226 
PHE CA  C    sing N N 227 
PHE CA  CB   sing N N 228 
PHE CA  HA   sing N N 229 
PHE C   O    doub N N 230 
PHE C   OXT  sing N N 231 
PHE CB  CG   sing N N 232 
PHE CB  HB2  sing N N 233 
PHE CB  HB3  sing N N 234 
PHE CG  CD1  doub Y N 235 
PHE CG  CD2  sing Y N 236 
PHE CD1 CE1  sing Y N 237 
PHE CD1 HD1  sing N N 238 
PHE CD2 CE2  doub Y N 239 
PHE CD2 HD2  sing N N 240 
PHE CE1 CZ   doub Y N 241 
PHE CE1 HE1  sing N N 242 
PHE CE2 CZ   sing Y N 243 
PHE CE2 HE2  sing N N 244 
PHE CZ  HZ   sing N N 245 
PHE OXT HXT  sing N N 246 
PRO N   CA   sing N N 247 
PRO N   CD   sing N N 248 
PRO N   H    sing N N 249 
PRO CA  C    sing N N 250 
PRO CA  CB   sing N N 251 
PRO CA  HA   sing N N 252 
PRO C   O    doub N N 253 
PRO C   OXT  sing N N 254 
PRO CB  CG   sing N N 255 
PRO CB  HB2  sing N N 256 
PRO CB  HB3  sing N N 257 
PRO CG  CD   sing N N 258 
PRO CG  HG2  sing N N 259 
PRO CG  HG3  sing N N 260 
PRO CD  HD2  sing N N 261 
PRO CD  HD3  sing N N 262 
PRO OXT HXT  sing N N 263 
SER N   CA   sing N N 264 
SER N   H    sing N N 265 
SER N   H2   sing N N 266 
SER CA  C    sing N N 267 
SER CA  CB   sing N N 268 
SER CA  HA   sing N N 269 
SER C   O    doub N N 270 
SER C   OXT  sing N N 271 
SER CB  OG   sing N N 272 
SER CB  HB2  sing N N 273 
SER CB  HB3  sing N N 274 
SER OG  HG   sing N N 275 
SER OXT HXT  sing N N 276 
SO4 S   O1   doub N N 277 
SO4 S   O2   doub N N 278 
SO4 S   O3   sing N N 279 
SO4 S   O4   sing N N 280 
THR N   CA   sing N N 281 
THR N   H    sing N N 282 
THR N   H2   sing N N 283 
THR CA  C    sing N N 284 
THR CA  CB   sing N N 285 
THR CA  HA   sing N N 286 
THR C   O    doub N N 287 
THR C   OXT  sing N N 288 
THR CB  OG1  sing N N 289 
THR CB  CG2  sing N N 290 
THR CB  HB   sing N N 291 
THR OG1 HG1  sing N N 292 
THR CG2 HG21 sing N N 293 
THR CG2 HG22 sing N N 294 
THR CG2 HG23 sing N N 295 
THR OXT HXT  sing N N 296 
TRP N   CA   sing N N 297 
TRP N   H    sing N N 298 
TRP N   H2   sing N N 299 
TRP CA  C    sing N N 300 
TRP CA  CB   sing N N 301 
TRP CA  HA   sing N N 302 
TRP C   O    doub N N 303 
TRP C   OXT  sing N N 304 
TRP CB  CG   sing N N 305 
TRP CB  HB2  sing N N 306 
TRP CB  HB3  sing N N 307 
TRP CG  CD1  doub Y N 308 
TRP CG  CD2  sing Y N 309 
TRP CD1 NE1  sing Y N 310 
TRP CD1 HD1  sing N N 311 
TRP CD2 CE2  doub Y N 312 
TRP CD2 CE3  sing Y N 313 
TRP NE1 CE2  sing Y N 314 
TRP NE1 HE1  sing N N 315 
TRP CE2 CZ2  sing Y N 316 
TRP CE3 CZ3  doub Y N 317 
TRP CE3 HE3  sing N N 318 
TRP CZ2 CH2  doub Y N 319 
TRP CZ2 HZ2  sing N N 320 
TRP CZ3 CH2  sing Y N 321 
TRP CZ3 HZ3  sing N N 322 
TRP CH2 HH2  sing N N 323 
TRP OXT HXT  sing N N 324 
TYR N   CA   sing N N 325 
TYR N   H    sing N N 326 
TYR N   H2   sing N N 327 
TYR CA  C    sing N N 328 
TYR CA  CB   sing N N 329 
TYR CA  HA   sing N N 330 
TYR C   O    doub N N 331 
TYR C   OXT  sing N N 332 
TYR CB  CG   sing N N 333 
TYR CB  HB2  sing N N 334 
TYR CB  HB3  sing N N 335 
TYR CG  CD1  doub Y N 336 
TYR CG  CD2  sing Y N 337 
TYR CD1 CE1  sing Y N 338 
TYR CD1 HD1  sing N N 339 
TYR CD2 CE2  doub Y N 340 
TYR CD2 HD2  sing N N 341 
TYR CE1 CZ   doub Y N 342 
TYR CE1 HE1  sing N N 343 
TYR CE2 CZ   sing Y N 344 
TYR CE2 HE2  sing N N 345 
TYR CZ  OH   sing N N 346 
TYR OH  HH   sing N N 347 
TYR OXT HXT  sing N N 348 
VAL N   CA   sing N N 349 
VAL N   H    sing N N 350 
VAL N   H2   sing N N 351 
VAL CA  C    sing N N 352 
VAL CA  CB   sing N N 353 
VAL CA  HA   sing N N 354 
VAL C   O    doub N N 355 
VAL C   OXT  sing N N 356 
VAL CB  CG1  sing N N 357 
VAL CB  CG2  sing N N 358 
VAL CB  HB   sing N N 359 
VAL CG1 HG11 sing N N 360 
VAL CG1 HG12 sing N N 361 
VAL CG1 HG13 sing N N 362 
VAL CG2 HG21 sing N N 363 
VAL CG2 HG22 sing N N 364 
VAL CG2 HG23 sing N N 365 
VAL OXT HXT  sing N N 366 
# 
loop_
_pdbx_entity_nonpoly.entity_id 
_pdbx_entity_nonpoly.name 
_pdbx_entity_nonpoly.comp_id 
2 'COBALT (II) ION' CO  
3 'SULFATE ION'     SO4 
4 water             HOH 
# 
_pdbx_initial_refinement_model.id               1 
_pdbx_initial_refinement_model.entity_id_list   ? 
_pdbx_initial_refinement_model.type             'experimental model' 
_pdbx_initial_refinement_model.source_name      PDB 
_pdbx_initial_refinement_model.accession_code   153L 
_pdbx_initial_refinement_model.details          'PDB ENTRY 153L' 
# 
